data_6LQZ
#
_entry.id   6LQZ
#
loop_
_entity.id
_entity.type
_entity.pdbx_description
1 polymer 'Transcription initiation factor TFIID subunit 14'
2 polymer 'Nuclear protein STH1/NPS1'
#
loop_
_entity_poly.entity_id
_entity_poly.type
_entity_poly.pdbx_seq_one_letter_code
_entity_poly.pdbx_strand_id
1 'polypeptide(L)' SKGSVDLEKLAFGLTKLNEDDLVGVVQMVTDNKTPEMNVTNNVEEGEFIIDLYSLPEGLLKSLWDYVKKNTE A
2 'polypeptide(L)' SEVKSSSVEIINGSESKKKKPKLTVKIKLNKTTVLENNDGKRAEEKPESKSPAKKTAAKY B
#
# COMPACT_ATOMS: atom_id res chain seq x y z
N LYS A 2 -15.49 -9.05 2.57
CA LYS A 2 -14.11 -9.31 2.10
C LYS A 2 -13.56 -10.53 2.86
N GLY A 3 -13.69 -11.73 2.25
CA GLY A 3 -13.02 -12.94 2.75
C GLY A 3 -11.52 -12.90 2.41
N SER A 4 -11.26 -12.40 1.19
CA SER A 4 -9.90 -12.09 0.71
C SER A 4 -9.58 -10.61 1.00
N VAL A 5 -8.31 -10.24 0.78
CA VAL A 5 -7.82 -8.86 0.99
C VAL A 5 -7.81 -8.09 -0.33
N ASP A 6 -8.58 -7.00 -0.38
CA ASP A 6 -8.51 -6.03 -1.47
C ASP A 6 -7.18 -5.28 -1.35
N LEU A 7 -6.25 -5.62 -2.26
CA LEU A 7 -4.86 -5.09 -2.23
C LEU A 7 -4.87 -3.55 -2.40
N GLU A 8 -5.86 -3.05 -3.14
CA GLU A 8 -6.10 -1.60 -3.34
C GLU A 8 -6.48 -0.90 -2.01
N LYS A 9 -7.52 -1.43 -1.31
CA LYS A 9 -7.97 -0.89 -0.02
C LYS A 9 -6.88 -1.05 1.06
N LEU A 10 -6.03 -2.08 0.90
CA LEU A 10 -4.87 -2.32 1.77
C LEU A 10 -3.84 -1.17 1.61
N ALA A 11 -3.41 -0.94 0.35
CA ALA A 11 -2.37 0.07 0.00
C ALA A 11 -2.81 1.49 0.38
N PHE A 12 -3.94 1.88 -0.17
CA PHE A 12 -4.54 3.20 0.04
C PHE A 12 -5.09 3.35 1.47
N GLY A 13 -5.29 2.20 2.16
CA GLY A 13 -5.77 2.18 3.55
C GLY A 13 -4.65 2.39 4.57
N LEU A 14 -3.41 1.94 4.26
CA LEU A 14 -2.28 2.03 5.21
C LEU A 14 -1.51 3.36 5.08
N THR A 15 -1.51 3.94 3.87
CA THR A 15 -0.76 5.20 3.61
C THR A 15 -1.57 6.45 4.02
N LYS A 16 -2.88 6.28 4.23
CA LYS A 16 -3.78 7.39 4.65
C LYS A 16 -3.75 7.57 6.19
N LEU A 17 -3.16 6.58 6.89
CA LEU A 17 -3.11 6.51 8.37
C LEU A 17 -2.24 7.63 9.01
N ASN A 18 -2.42 7.83 10.34
CA ASN A 18 -1.57 8.73 11.16
C ASN A 18 -0.26 8.03 11.56
N GLU A 19 0.64 8.72 12.31
CA GLU A 19 1.98 8.19 12.66
C GLU A 19 1.90 6.82 13.33
N ASP A 20 1.23 6.76 14.50
CA ASP A 20 1.11 5.52 15.32
C ASP A 20 0.63 4.30 14.49
N ASP A 21 -0.29 4.57 13.55
CA ASP A 21 -0.91 3.56 12.70
C ASP A 21 0.04 3.08 11.58
N LEU A 22 0.53 4.02 10.73
CA LEU A 22 1.40 3.69 9.56
C LEU A 22 2.77 3.16 10.01
N VAL A 23 3.23 3.60 11.19
CA VAL A 23 4.47 3.10 11.82
C VAL A 23 4.26 1.63 12.22
N GLY A 24 3.10 1.34 12.83
CA GLY A 24 2.73 -0.06 13.15
C GLY A 24 2.71 -0.95 11.90
N VAL A 25 2.27 -0.38 10.76
CA VAL A 25 2.28 -1.06 9.44
C VAL A 25 3.71 -1.40 8.99
N VAL A 26 4.60 -0.37 8.95
CA VAL A 26 5.97 -0.53 8.41
C VAL A 26 6.80 -1.49 9.29
N GLN A 27 6.46 -1.56 10.58
CA GLN A 27 7.12 -2.44 11.55
C GLN A 27 6.72 -3.90 11.32
N MET A 28 5.43 -4.15 10.99
CA MET A 28 4.93 -5.52 10.76
C MET A 28 5.51 -6.12 9.46
N VAL A 29 5.58 -5.29 8.40
CA VAL A 29 6.09 -5.75 7.08
C VAL A 29 7.60 -6.03 7.13
N THR A 30 8.38 -5.19 7.87
CA THR A 30 9.85 -5.36 7.98
C THR A 30 10.20 -6.48 8.97
N ASP A 31 9.33 -6.68 9.99
CA ASP A 31 9.53 -7.72 11.03
C ASP A 31 9.46 -9.13 10.42
N ASN A 32 8.47 -9.32 9.53
CA ASN A 32 8.23 -10.62 8.87
C ASN A 32 8.56 -10.52 7.37
N LYS A 33 9.61 -9.74 7.04
CA LYS A 33 10.00 -9.47 5.64
C LYS A 33 10.37 -10.79 4.92
N THR A 34 9.56 -11.13 3.90
CA THR A 34 9.70 -12.37 3.11
C THR A 34 10.49 -12.08 1.79
N PRO A 35 11.10 -13.10 1.11
CA PRO A 35 11.88 -12.89 -0.15
C PRO A 35 11.00 -12.53 -1.37
N GLU A 36 9.67 -12.49 -1.17
CA GLU A 36 8.71 -12.16 -2.24
C GLU A 36 8.39 -10.65 -2.23
N MET A 37 7.91 -10.14 -1.06
CA MET A 37 7.52 -8.72 -0.87
C MET A 37 8.66 -7.75 -1.26
N ASN A 38 8.31 -6.69 -2.03
CA ASN A 38 9.33 -5.82 -2.64
C ASN A 38 9.44 -4.48 -1.87
N VAL A 39 10.12 -4.53 -0.71
CA VAL A 39 10.31 -3.34 0.16
C VAL A 39 11.54 -2.51 -0.29
N THR A 40 11.41 -1.19 -0.19
CA THR A 40 12.52 -0.25 -0.41
C THR A 40 12.37 0.91 0.58
N ASN A 41 13.06 0.80 1.73
CA ASN A 41 13.08 1.85 2.75
C ASN A 41 14.07 2.95 2.34
N ASN A 42 13.53 4.09 1.88
CA ASN A 42 14.32 5.31 1.69
C ASN A 42 14.27 6.13 2.99
N VAL A 43 15.36 6.05 3.75
CA VAL A 43 15.52 6.77 5.04
C VAL A 43 15.65 8.30 4.86
N GLU A 44 15.99 8.74 3.63
CA GLU A 44 16.19 10.18 3.33
C GLU A 44 14.87 10.94 3.42
N GLU A 45 13.87 10.43 2.70
CA GLU A 45 12.51 10.98 2.70
C GLU A 45 11.64 10.34 3.80
N GLY A 46 12.16 9.26 4.43
CA GLY A 46 11.43 8.55 5.48
C GLY A 46 10.20 7.85 4.95
N GLU A 47 10.41 6.82 4.12
CA GLU A 47 9.33 6.13 3.39
C GLU A 47 9.67 4.65 3.16
N PHE A 48 8.63 3.80 3.21
CA PHE A 48 8.71 2.38 2.86
C PHE A 48 7.98 2.15 1.53
N ILE A 49 8.75 2.14 0.44
CA ILE A 49 8.23 1.83 -0.90
C ILE A 49 8.12 0.29 -1.01
N ILE A 50 7.03 -0.27 -0.46
CA ILE A 50 6.85 -1.73 -0.32
C ILE A 50 5.69 -2.21 -1.18
N ASP A 51 5.97 -3.22 -2.01
CA ASP A 51 4.96 -3.88 -2.83
C ASP A 51 4.27 -4.96 -2.01
N LEU A 52 2.98 -4.69 -1.73
CA LEU A 52 2.11 -5.57 -0.95
C LEU A 52 1.60 -6.72 -1.82
N TYR A 53 1.67 -6.54 -3.15
CA TYR A 53 1.16 -7.50 -4.13
C TYR A 53 1.92 -8.84 -4.01
N SER A 54 3.18 -8.74 -3.56
CA SER A 54 4.08 -9.87 -3.34
C SER A 54 4.18 -10.27 -1.84
N LEU A 55 3.33 -9.67 -0.97
CA LEU A 55 3.15 -10.16 0.42
C LEU A 55 2.47 -11.55 0.39
N PRO A 56 2.87 -12.51 1.29
CA PRO A 56 2.12 -13.78 1.47
C PRO A 56 0.73 -13.49 2.07
N GLU A 57 -0.22 -14.46 1.92
CA GLU A 57 -1.59 -14.31 2.43
C GLU A 57 -1.59 -14.00 3.94
N GLY A 58 -0.64 -14.65 4.66
CA GLY A 58 -0.47 -14.44 6.09
C GLY A 58 -0.25 -12.96 6.47
N LEU A 59 0.63 -12.29 5.71
CA LEU A 59 0.97 -10.87 5.95
C LEU A 59 -0.15 -9.93 5.48
N LEU A 60 -0.61 -10.06 4.22
CA LEU A 60 -1.62 -9.13 3.67
C LEU A 60 -2.97 -9.22 4.44
N LYS A 61 -3.24 -10.38 5.09
CA LYS A 61 -4.41 -10.55 6.01
C LYS A 61 -4.19 -9.81 7.35
N SER A 62 -2.98 -9.99 7.95
CA SER A 62 -2.61 -9.34 9.23
C SER A 62 -2.61 -7.80 9.10
N LEU A 63 -2.04 -7.32 7.99
CA LEU A 63 -1.97 -5.91 7.64
C LEU A 63 -3.39 -5.37 7.33
N TRP A 64 -4.22 -6.16 6.62
CA TRP A 64 -5.58 -5.74 6.23
C TRP A 64 -6.44 -5.50 7.46
N ASP A 65 -6.55 -6.54 8.31
CA ASP A 65 -7.23 -6.51 9.62
C ASP A 65 -6.87 -5.24 10.41
N TYR A 66 -5.56 -4.97 10.46
CA TYR A 66 -5.02 -3.80 11.15
C TYR A 66 -5.53 -2.50 10.53
N VAL A 67 -5.19 -2.26 9.28
CA VAL A 67 -5.43 -0.96 8.60
C VAL A 67 -6.93 -0.70 8.40
N LYS A 68 -7.74 -1.77 8.34
CA LYS A 68 -9.19 -1.66 8.11
C LYS A 68 -9.89 -1.22 9.39
N LYS A 69 -9.49 -1.77 10.56
CA LYS A 69 -10.05 -1.35 11.86
C LYS A 69 -9.46 0.02 12.29
N ASN A 70 -8.30 0.37 11.69
CA ASN A 70 -7.62 1.66 11.92
C ASN A 70 -8.28 2.80 11.08
N THR A 71 -8.92 2.45 9.94
CA THR A 71 -9.57 3.45 9.05
C THR A 71 -11.10 3.54 9.31
N GLU A 72 -11.80 2.40 9.23
CA GLU A 72 -13.27 2.31 9.42
C GLU A 72 -13.67 2.71 10.85
N GLU B 2 -10.86 -56.02 -7.24
CA GLU B 2 -10.50 -56.31 -8.63
C GLU B 2 -9.27 -55.48 -9.05
N VAL B 3 -8.78 -55.72 -10.28
CA VAL B 3 -7.64 -55.00 -10.86
C VAL B 3 -8.07 -53.57 -11.27
N LYS B 4 -7.25 -52.56 -10.93
CA LYS B 4 -7.51 -51.14 -11.28
C LYS B 4 -7.29 -50.90 -12.80
N SER B 5 -6.37 -51.72 -13.40
CA SER B 5 -5.99 -51.68 -14.84
C SER B 5 -5.22 -50.37 -15.18
N SER B 6 -4.72 -50.28 -16.44
CA SER B 6 -3.99 -49.10 -16.94
C SER B 6 -4.95 -47.92 -17.15
N SER B 7 -5.25 -47.22 -16.04
CA SER B 7 -6.19 -46.09 -16.02
C SER B 7 -5.43 -44.78 -15.75
N VAL B 8 -6.16 -43.65 -15.84
CA VAL B 8 -5.67 -42.29 -15.48
C VAL B 8 -4.47 -41.85 -16.35
N GLU B 9 -4.78 -41.11 -17.43
CA GLU B 9 -3.76 -40.48 -18.28
C GLU B 9 -3.48 -39.05 -17.81
N ILE B 10 -2.21 -38.63 -17.93
CA ILE B 10 -1.79 -37.25 -17.62
C ILE B 10 -2.43 -36.24 -18.58
N ILE B 11 -2.58 -34.98 -18.11
CA ILE B 11 -3.08 -33.88 -18.96
C ILE B 11 -1.91 -32.90 -19.23
N ASN B 12 -1.56 -32.75 -20.52
CA ASN B 12 -0.53 -31.80 -20.96
C ASN B 12 -1.18 -30.41 -21.16
N GLY B 13 -0.88 -29.47 -20.26
CA GLY B 13 -1.42 -28.12 -20.34
C GLY B 13 -0.50 -27.15 -21.11
N SER B 14 -0.44 -25.90 -20.66
CA SER B 14 0.39 -24.84 -21.28
C SER B 14 0.58 -23.67 -20.29
N GLU B 15 1.53 -22.77 -20.61
CA GLU B 15 1.87 -21.63 -19.75
C GLU B 15 0.99 -20.40 -20.10
N SER B 16 0.98 -19.42 -19.18
CA SER B 16 0.30 -18.13 -19.36
C SER B 16 1.12 -17.03 -18.66
N LYS B 17 1.87 -16.25 -19.45
CA LYS B 17 2.72 -15.16 -18.95
C LYS B 17 1.87 -13.91 -18.62
N LYS B 18 1.30 -13.87 -17.42
CA LYS B 18 0.57 -12.70 -16.90
C LYS B 18 1.21 -12.27 -15.57
N LYS B 19 2.31 -11.50 -15.66
CA LYS B 19 3.06 -11.02 -14.49
C LYS B 19 2.37 -9.78 -13.87
N LYS B 20 1.83 -8.90 -14.75
CA LYS B 20 1.01 -7.71 -14.39
C LYS B 20 1.82 -6.60 -13.64
N PRO B 21 1.48 -5.27 -13.86
CA PRO B 21 2.01 -4.17 -13.03
C PRO B 21 1.51 -4.29 -11.57
N LYS B 22 2.43 -4.64 -10.65
CA LYS B 22 2.11 -4.91 -9.24
C LYS B 22 1.81 -3.62 -8.47
N LEU B 23 0.84 -3.70 -7.55
CA LEU B 23 0.35 -2.57 -6.74
C LEU B 23 1.29 -2.34 -5.54
N THR B 24 2.24 -1.43 -5.75
CA THR B 24 3.20 -0.98 -4.73
C THR B 24 2.61 0.24 -4.01
N VAL B 25 3.10 0.51 -2.78
CA VAL B 25 2.69 1.69 -2.00
C VAL B 25 3.92 2.31 -1.31
N LYS B 26 3.95 3.64 -1.22
CA LYS B 26 5.03 4.39 -0.57
C LYS B 26 4.51 4.96 0.75
N ILE B 27 4.77 4.22 1.84
CA ILE B 27 4.28 4.59 3.19
C ILE B 27 5.16 5.71 3.74
N LYS B 28 4.59 6.91 3.89
CA LYS B 28 5.35 8.09 4.36
C LYS B 28 5.40 8.14 5.90
N LEU B 29 6.58 7.82 6.46
CA LEU B 29 6.88 7.93 7.90
C LEU B 29 7.06 9.41 8.28
N ASN B 30 6.67 9.75 9.51
CA ASN B 30 6.63 11.13 9.99
C ASN B 30 7.99 11.52 10.57
N LYS B 31 8.86 12.00 9.67
CA LYS B 31 10.23 12.43 10.01
C LYS B 31 10.23 13.87 10.59
N THR B 32 11.45 14.41 10.82
CA THR B 32 11.66 15.76 11.35
C THR B 32 11.05 16.83 10.40
N THR B 33 9.83 17.23 10.74
CA THR B 33 9.05 18.24 10.00
C THR B 33 8.62 19.33 10.99
N VAL B 34 7.69 20.22 10.58
CA VAL B 34 7.09 21.19 11.50
C VAL B 34 6.07 20.46 12.40
N LEU B 35 6.45 20.28 13.67
CA LEU B 35 5.63 19.59 14.69
C LEU B 35 5.90 20.19 16.08
N GLU B 36 5.38 19.54 17.13
CA GLU B 36 5.53 19.99 18.53
C GLU B 36 6.99 19.91 19.02
N ASN B 37 7.23 20.34 20.27
CA ASN B 37 8.59 20.52 20.84
C ASN B 37 9.30 19.16 21.04
N ASN B 38 10.11 18.79 20.04
CA ASN B 38 10.94 17.58 20.06
C ASN B 38 12.21 17.85 19.24
N ASP B 39 13.35 17.36 19.72
CA ASP B 39 14.63 17.52 19.04
C ASP B 39 14.86 16.32 18.08
N GLY B 40 15.34 16.62 16.86
CA GLY B 40 15.59 15.59 15.84
C GLY B 40 16.98 14.97 15.94
N LYS B 41 17.60 14.73 14.77
CA LYS B 41 18.93 14.06 14.66
C LYS B 41 19.92 14.91 13.85
N ARG B 42 21.21 14.55 13.96
CA ARG B 42 22.33 15.19 13.26
C ARG B 42 23.24 14.09 12.68
N ALA B 43 23.71 14.27 11.44
CA ALA B 43 24.56 13.28 10.73
C ALA B 43 25.89 13.06 11.49
N GLU B 44 26.34 11.81 11.52
CA GLU B 44 27.55 11.40 12.24
C GLU B 44 28.80 12.00 11.54
N GLU B 45 28.91 11.67 10.25
CA GLU B 45 30.01 12.10 9.36
C GLU B 45 29.69 11.65 7.93
N LYS B 46 30.49 12.10 6.94
CA LYS B 46 30.41 11.62 5.54
C LYS B 46 31.35 10.40 5.41
N PRO B 47 30.80 9.13 5.51
CA PRO B 47 31.62 7.90 5.62
C PRO B 47 32.31 7.52 4.30
N GLU B 48 31.57 7.75 3.18
CA GLU B 48 31.99 7.41 1.80
C GLU B 48 32.32 5.91 1.70
N SER B 49 31.49 5.10 2.38
CA SER B 49 31.66 3.64 2.54
C SER B 49 31.75 2.90 1.18
N LYS B 50 31.00 3.40 0.19
CA LYS B 50 31.00 2.87 -1.19
C LYS B 50 31.88 3.75 -2.08
N SER B 51 33.18 3.81 -1.74
CA SER B 51 34.18 4.58 -2.48
C SER B 51 34.75 3.73 -3.64
N PRO B 52 34.42 4.04 -4.94
CA PRO B 52 34.90 3.25 -6.10
C PRO B 52 36.38 3.52 -6.41
N ALA B 53 36.99 2.63 -7.18
CA ALA B 53 38.40 2.74 -7.58
C ALA B 53 38.53 2.41 -9.08
N LYS B 54 39.58 2.96 -9.72
CA LYS B 54 39.81 2.81 -11.17
C LYS B 54 41.19 2.20 -11.41
N LYS B 55 41.19 0.90 -11.76
CA LYS B 55 42.36 0.18 -12.36
C LYS B 55 43.55 0.04 -11.37
N THR B 56 44.51 -0.88 -11.67
CA THR B 56 45.65 -1.15 -10.76
C THR B 56 46.93 -1.54 -11.54
N ALA B 57 46.78 -2.38 -12.58
CA ALA B 57 47.92 -2.90 -13.38
C ALA B 57 47.38 -3.61 -14.62
N ALA B 58 47.40 -2.91 -15.77
CA ALA B 58 46.94 -3.44 -17.07
C ALA B 58 47.35 -2.48 -18.20
N LYS B 59 48.67 -2.42 -18.44
CA LYS B 59 49.27 -1.55 -19.49
C LYS B 59 49.34 -2.32 -20.83
N LYS A 2 -16.00 -12.34 -4.75
CA LYS A 2 -14.80 -12.38 -3.91
C LYS A 2 -14.60 -11.05 -3.19
N GLY A 3 -14.53 -11.12 -1.86
CA GLY A 3 -14.20 -9.97 -1.02
C GLY A 3 -12.71 -9.98 -0.75
N SER A 4 -12.29 -10.99 0.04
CA SER A 4 -10.87 -11.35 0.28
C SER A 4 -10.08 -10.18 0.90
N VAL A 5 -8.74 -10.26 0.81
CA VAL A 5 -7.86 -9.11 1.08
C VAL A 5 -7.89 -8.19 -0.14
N ASP A 6 -8.39 -6.97 0.06
CA ASP A 6 -8.41 -5.95 -0.98
C ASP A 6 -7.08 -5.20 -0.94
N LEU A 7 -6.29 -5.31 -2.03
CA LEU A 7 -4.92 -4.80 -2.07
C LEU A 7 -4.89 -3.25 -2.19
N GLU A 8 -5.86 -2.65 -2.93
CA GLU A 8 -5.89 -1.17 -3.11
C GLU A 8 -6.38 -0.47 -1.83
N LYS A 9 -7.44 -1.02 -1.19
CA LYS A 9 -7.91 -0.50 0.11
C LYS A 9 -6.88 -0.76 1.24
N LEU A 10 -5.99 -1.76 1.04
CA LEU A 10 -4.86 -2.04 1.97
C LEU A 10 -3.80 -0.93 1.81
N ALA A 11 -3.30 -0.77 0.57
CA ALA A 11 -2.21 0.18 0.22
C ALA A 11 -2.61 1.64 0.55
N PHE A 12 -3.73 2.07 -0.02
CA PHE A 12 -4.32 3.40 0.21
C PHE A 12 -4.77 3.55 1.68
N GLY A 13 -5.21 2.43 2.31
CA GLY A 13 -5.67 2.42 3.70
C GLY A 13 -4.56 2.66 4.72
N LEU A 14 -3.37 2.11 4.47
CA LEU A 14 -2.22 2.25 5.39
C LEU A 14 -1.51 3.61 5.25
N THR A 15 -1.48 4.16 4.02
CA THR A 15 -0.74 5.41 3.73
C THR A 15 -1.52 6.65 4.22
N LYS A 16 -2.84 6.48 4.46
CA LYS A 16 -3.72 7.56 4.97
C LYS A 16 -3.77 7.57 6.51
N LEU A 17 -3.19 6.53 7.14
CA LEU A 17 -3.10 6.41 8.62
C LEU A 17 -2.22 7.53 9.23
N ASN A 18 -2.42 7.79 10.53
CA ASN A 18 -1.59 8.75 11.30
C ASN A 18 -0.22 8.11 11.61
N GLU A 19 0.71 8.97 12.09
CA GLU A 19 2.15 8.64 12.21
C GLU A 19 2.44 7.30 12.93
N ASP A 20 1.66 7.01 13.98
CA ASP A 20 1.87 5.85 14.86
C ASP A 20 1.39 4.56 14.18
N ASP A 21 0.20 4.63 13.55
CA ASP A 21 -0.46 3.46 12.91
C ASP A 21 0.26 3.05 11.62
N LEU A 22 0.75 4.05 10.84
CA LEU A 22 1.51 3.76 9.62
C LEU A 22 2.89 3.14 9.97
N VAL A 23 3.46 3.52 11.15
CA VAL A 23 4.66 2.87 11.69
C VAL A 23 4.35 1.43 12.11
N GLY A 24 3.17 1.19 12.72
CA GLY A 24 2.74 -0.19 13.05
C GLY A 24 2.70 -1.11 11.84
N VAL A 25 2.27 -0.54 10.70
CA VAL A 25 2.26 -1.21 9.39
C VAL A 25 3.70 -1.57 8.97
N VAL A 26 4.62 -0.58 8.99
CA VAL A 26 6.00 -0.77 8.52
C VAL A 26 6.76 -1.75 9.44
N GLN A 27 6.36 -1.82 10.72
CA GLN A 27 6.94 -2.75 11.71
C GLN A 27 6.65 -4.20 11.30
N MET A 28 5.38 -4.47 10.94
CA MET A 28 4.96 -5.83 10.53
C MET A 28 5.70 -6.29 9.26
N VAL A 29 5.72 -5.42 8.23
CA VAL A 29 6.28 -5.76 6.90
C VAL A 29 7.83 -5.78 6.90
N THR A 30 8.49 -5.06 7.85
CA THR A 30 9.96 -5.05 7.95
C THR A 30 10.45 -6.21 8.85
N ASP A 31 9.61 -6.59 9.82
CA ASP A 31 9.91 -7.67 10.80
C ASP A 31 9.85 -9.03 10.10
N ASN A 32 8.70 -9.31 9.48
CA ASN A 32 8.41 -10.59 8.82
C ASN A 32 8.70 -10.47 7.30
N LYS A 33 9.67 -9.60 6.93
CA LYS A 33 10.02 -9.32 5.52
C LYS A 33 10.53 -10.61 4.84
N THR A 34 9.74 -11.12 3.87
CA THR A 34 10.07 -12.36 3.15
C THR A 34 10.80 -12.05 1.81
N PRO A 35 11.51 -13.04 1.18
CA PRO A 35 12.12 -12.86 -0.17
C PRO A 35 11.05 -12.76 -1.30
N GLU A 36 9.77 -13.00 -0.92
CA GLU A 36 8.61 -12.84 -1.81
C GLU A 36 8.33 -11.34 -2.02
N MET A 37 7.96 -10.67 -0.91
CA MET A 37 7.58 -9.23 -0.90
C MET A 37 8.75 -8.32 -1.27
N ASN A 38 8.43 -7.12 -1.79
CA ASN A 38 9.46 -6.15 -2.25
C ASN A 38 9.33 -4.87 -1.43
N VAL A 39 10.33 -4.54 -0.61
CA VAL A 39 10.35 -3.27 0.15
C VAL A 39 11.54 -2.42 -0.30
N THR A 40 11.37 -1.09 -0.27
CA THR A 40 12.45 -0.13 -0.49
C THR A 40 12.29 1.04 0.49
N ASN A 41 12.86 0.88 1.69
CA ASN A 41 12.87 1.92 2.71
C ASN A 41 13.88 3.01 2.37
N ASN A 42 13.39 4.14 1.83
CA ASN A 42 14.23 5.32 1.59
C ASN A 42 14.18 6.20 2.85
N VAL A 43 15.17 6.00 3.73
CA VAL A 43 15.24 6.63 5.07
C VAL A 43 15.37 8.17 4.98
N GLU A 44 16.00 8.66 3.89
CA GLU A 44 16.25 10.11 3.67
C GLU A 44 14.92 10.90 3.68
N GLU A 45 13.96 10.41 2.89
CA GLU A 45 12.62 11.01 2.77
C GLU A 45 11.71 10.49 3.90
N GLY A 46 12.08 9.33 4.47
CA GLY A 46 11.27 8.66 5.49
C GLY A 46 10.05 7.99 4.87
N GLU A 47 10.30 6.96 4.04
CA GLU A 47 9.24 6.26 3.31
C GLU A 47 9.58 4.78 3.08
N PHE A 48 8.53 3.95 3.02
CA PHE A 48 8.61 2.50 2.70
C PHE A 48 7.90 2.25 1.37
N ILE A 49 8.67 2.20 0.27
CA ILE A 49 8.13 1.87 -1.06
C ILE A 49 8.02 0.33 -1.18
N ILE A 50 6.88 -0.23 -0.72
CA ILE A 50 6.69 -1.69 -0.58
C ILE A 50 5.55 -2.22 -1.48
N ASP A 51 5.92 -3.16 -2.39
CA ASP A 51 4.99 -3.99 -3.16
C ASP A 51 4.37 -5.05 -2.23
N LEU A 52 3.07 -4.84 -1.93
CA LEU A 52 2.26 -5.77 -1.11
C LEU A 52 1.73 -6.93 -1.96
N TYR A 53 1.87 -6.77 -3.30
CA TYR A 53 1.33 -7.73 -4.28
C TYR A 53 2.09 -9.07 -4.22
N SER A 54 3.26 -9.05 -3.57
CA SER A 54 4.12 -10.22 -3.38
C SER A 54 4.20 -10.64 -1.89
N LEU A 55 3.37 -10.01 -1.01
CA LEU A 55 3.24 -10.42 0.42
C LEU A 55 2.67 -11.84 0.54
N PRO A 56 3.14 -12.68 1.52
CA PRO A 56 2.46 -13.95 1.88
C PRO A 56 1.05 -13.68 2.42
N GLU A 57 0.13 -14.67 2.26
CA GLU A 57 -1.28 -14.51 2.68
C GLU A 57 -1.38 -14.12 4.16
N GLY A 58 -0.49 -14.70 4.98
CA GLY A 58 -0.43 -14.41 6.41
C GLY A 58 -0.26 -12.92 6.72
N LEU A 59 0.71 -12.28 6.03
CA LEU A 59 1.00 -10.85 6.20
C LEU A 59 -0.13 -9.98 5.66
N LEU A 60 -0.52 -10.16 4.38
CA LEU A 60 -1.54 -9.29 3.74
C LEU A 60 -2.93 -9.45 4.42
N LYS A 61 -3.18 -10.58 5.11
CA LYS A 61 -4.38 -10.77 5.98
C LYS A 61 -4.29 -9.90 7.25
N SER A 62 -3.11 -9.93 7.90
CA SER A 62 -2.87 -9.21 9.18
C SER A 62 -2.93 -7.68 8.98
N LEU A 63 -2.21 -7.21 7.95
CA LEU A 63 -2.14 -5.79 7.58
C LEU A 63 -3.50 -5.28 7.07
N TRP A 64 -4.23 -6.11 6.29
CA TRP A 64 -5.57 -5.75 5.81
C TRP A 64 -6.53 -5.54 6.99
N ASP A 65 -6.63 -6.58 7.83
CA ASP A 65 -7.43 -6.57 9.08
C ASP A 65 -7.14 -5.30 9.92
N TYR A 66 -5.85 -4.99 10.07
CA TYR A 66 -5.38 -3.83 10.83
C TYR A 66 -5.91 -2.52 10.20
N VAL A 67 -5.46 -2.23 8.98
CA VAL A 67 -5.71 -0.93 8.32
C VAL A 67 -7.20 -0.71 8.00
N LYS A 68 -7.97 -1.82 7.86
CA LYS A 68 -9.40 -1.75 7.52
C LYS A 68 -10.19 -1.31 8.77
N LYS A 69 -9.88 -1.90 9.94
CA LYS A 69 -10.58 -1.56 11.20
C LYS A 69 -10.05 -0.23 11.78
N ASN A 70 -8.82 0.15 11.40
CA ASN A 70 -8.17 1.43 11.81
C ASN A 70 -8.84 2.62 11.12
N THR A 71 -9.16 2.47 9.82
CA THR A 71 -9.86 3.51 9.03
C THR A 71 -11.39 3.45 9.28
N GLU A 72 -11.87 2.34 9.87
CA GLU A 72 -13.28 2.19 10.32
C GLU A 72 -13.37 2.31 11.84
N GLU B 2 -40.08 -9.94 -28.88
CA GLU B 2 -39.69 -9.77 -30.28
C GLU B 2 -38.21 -9.32 -30.42
N VAL B 3 -37.44 -9.40 -29.31
CA VAL B 3 -35.99 -9.13 -29.31
C VAL B 3 -35.25 -10.32 -29.95
N LYS B 4 -34.30 -10.02 -30.86
CA LYS B 4 -33.59 -11.05 -31.65
C LYS B 4 -32.35 -11.54 -30.86
N SER B 5 -32.62 -12.34 -29.81
CA SER B 5 -31.58 -12.92 -28.96
C SER B 5 -31.02 -14.22 -29.61
N SER B 6 -29.93 -14.05 -30.38
CA SER B 6 -29.20 -15.16 -31.06
C SER B 6 -27.75 -15.18 -30.55
N SER B 7 -27.43 -16.16 -29.70
CA SER B 7 -26.11 -16.28 -29.07
C SER B 7 -25.08 -16.83 -30.08
N VAL B 8 -24.19 -15.94 -30.56
CA VAL B 8 -23.12 -16.27 -31.54
C VAL B 8 -21.84 -16.75 -30.80
N GLU B 9 -22.04 -17.71 -29.88
CA GLU B 9 -21.01 -18.21 -28.96
C GLU B 9 -19.92 -18.98 -29.72
N ILE B 10 -18.89 -18.25 -30.15
CA ILE B 10 -17.72 -18.81 -30.83
C ILE B 10 -16.73 -19.38 -29.80
N ILE B 11 -16.25 -20.61 -30.04
CA ILE B 11 -15.29 -21.29 -29.17
C ILE B 11 -13.88 -20.70 -29.47
N ASN B 12 -13.54 -19.65 -28.72
CA ASN B 12 -12.25 -18.94 -28.85
C ASN B 12 -11.18 -19.63 -27.99
N GLY B 13 -9.95 -19.72 -28.53
CA GLY B 13 -8.84 -20.40 -27.85
C GLY B 13 -7.47 -19.85 -28.26
N SER B 14 -7.45 -18.58 -28.72
CA SER B 14 -6.21 -17.88 -29.07
C SER B 14 -6.34 -16.37 -28.80
N GLU B 15 -5.81 -15.92 -27.65
CA GLU B 15 -5.60 -14.50 -27.33
C GLU B 15 -4.41 -14.35 -26.37
N SER B 16 -3.81 -13.15 -26.30
CA SER B 16 -2.64 -12.88 -25.47
C SER B 16 -2.51 -11.38 -25.17
N LYS B 17 -3.02 -10.99 -24.00
CA LYS B 17 -2.93 -9.62 -23.46
C LYS B 17 -2.11 -9.68 -22.16
N LYS B 18 -0.90 -9.08 -22.15
CA LYS B 18 -0.06 -9.02 -20.94
C LYS B 18 -0.64 -7.98 -19.97
N LYS B 19 -1.37 -8.46 -18.95
CA LYS B 19 -2.03 -7.60 -17.96
C LYS B 19 -2.01 -8.26 -16.58
N LYS B 20 -0.98 -7.89 -15.79
CA LYS B 20 -0.92 -8.20 -14.36
C LYS B 20 0.11 -7.24 -13.70
N PRO B 21 -0.32 -5.99 -13.35
CA PRO B 21 0.54 -5.03 -12.65
C PRO B 21 0.58 -5.28 -11.13
N LYS B 22 1.72 -4.91 -10.50
CA LYS B 22 1.86 -4.89 -9.05
C LYS B 22 1.30 -3.59 -8.50
N LEU B 23 0.71 -3.68 -7.31
CA LEU B 23 0.12 -2.54 -6.60
C LEU B 23 1.05 -2.22 -5.42
N THR B 24 1.90 -1.20 -5.66
CA THR B 24 2.89 -0.72 -4.69
C THR B 24 2.29 0.43 -3.87
N VAL B 25 2.86 0.66 -2.68
CA VAL B 25 2.54 1.83 -1.86
C VAL B 25 3.85 2.46 -1.37
N LYS B 26 3.81 3.76 -1.12
CA LYS B 26 4.90 4.52 -0.54
C LYS B 26 4.40 5.08 0.80
N ILE B 27 4.74 4.37 1.88
CA ILE B 27 4.28 4.70 3.24
C ILE B 27 5.12 5.88 3.76
N LYS B 28 4.50 7.05 3.92
CA LYS B 28 5.21 8.27 4.35
C LYS B 28 5.27 8.35 5.89
N LEU B 29 6.44 8.01 6.45
CA LEU B 29 6.69 8.01 7.91
C LEU B 29 6.90 9.43 8.45
N ASN B 30 6.75 9.54 9.77
CA ASN B 30 6.97 10.78 10.52
C ASN B 30 8.48 11.07 10.64
N LYS B 31 8.90 12.16 10.00
CA LYS B 31 10.26 12.70 10.08
C LYS B 31 10.19 14.21 10.42
N THR B 32 11.34 14.90 10.34
CA THR B 32 11.41 16.36 10.45
C THR B 32 10.74 17.03 9.23
N THR B 33 10.31 18.29 9.40
CA THR B 33 9.41 19.02 8.48
C THR B 33 7.99 18.40 8.56
N VAL B 34 7.04 19.16 9.15
CA VAL B 34 5.65 18.70 9.39
C VAL B 34 4.96 18.26 8.06
N LEU B 35 4.26 17.10 8.11
CA LEU B 35 3.54 16.55 6.95
C LEU B 35 2.20 17.31 6.72
N GLU B 36 1.34 16.80 5.84
CA GLU B 36 0.10 17.49 5.39
C GLU B 36 -1.07 17.32 6.39
N ASN B 37 -0.85 17.80 7.65
CA ASN B 37 -1.83 17.83 8.77
C ASN B 37 -2.16 16.42 9.32
N ASN B 38 -2.81 15.60 8.46
CA ASN B 38 -3.36 14.25 8.75
C ASN B 38 -4.72 14.39 9.47
N ASP B 39 -5.71 13.68 8.94
CA ASP B 39 -7.12 13.75 9.37
C ASP B 39 -7.34 13.05 10.73
N GLY B 40 -6.51 12.03 11.00
CA GLY B 40 -6.59 11.26 12.23
C GLY B 40 -6.12 12.05 13.46
N LYS B 41 -4.89 12.58 13.39
CA LYS B 41 -4.27 13.36 14.49
C LYS B 41 -3.87 14.77 14.02
N ARG B 42 -4.10 15.75 14.91
CA ARG B 42 -3.89 17.19 14.62
C ARG B 42 -2.68 17.73 15.42
N ALA B 43 -2.17 16.92 16.35
CA ALA B 43 -0.94 17.18 17.13
C ALA B 43 -0.20 15.85 17.32
N GLU B 44 0.82 15.63 16.49
CA GLU B 44 1.60 14.37 16.47
C GLU B 44 2.40 14.16 17.77
N GLU B 45 2.90 15.26 18.37
CA GLU B 45 3.70 15.23 19.63
C GLU B 45 4.99 14.36 19.42
N LYS B 46 5.69 13.95 20.50
CA LYS B 46 6.80 12.98 20.38
C LYS B 46 6.26 11.60 19.90
N PRO B 47 6.88 10.96 18.85
CA PRO B 47 6.54 9.57 18.44
C PRO B 47 7.04 8.51 19.44
N GLU B 48 7.97 8.95 20.33
CA GLU B 48 8.63 8.12 21.38
C GLU B 48 9.69 7.19 20.75
N SER B 49 10.92 7.26 21.29
CA SER B 49 12.07 6.49 20.79
C SER B 49 12.41 5.34 21.74
N LYS B 50 12.64 5.70 23.03
CA LYS B 50 13.25 4.80 24.04
C LYS B 50 14.62 4.31 23.53
N SER B 51 15.70 5.04 23.90
CA SER B 51 17.06 4.82 23.38
C SER B 51 17.56 3.38 23.67
N PRO B 52 17.78 2.55 22.59
CA PRO B 52 18.25 1.15 22.74
C PRO B 52 19.76 1.08 23.10
N ALA B 53 20.03 1.30 24.40
CA ALA B 53 21.38 1.28 24.98
C ALA B 53 21.33 0.59 26.36
N LYS B 54 20.47 -0.44 26.44
CA LYS B 54 20.14 -1.13 27.71
C LYS B 54 21.28 -2.06 28.14
N LYS B 55 21.79 -1.82 29.37
CA LYS B 55 22.93 -2.56 29.95
C LYS B 55 22.45 -3.86 30.64
N THR B 56 21.12 -3.94 30.86
CA THR B 56 20.44 -5.09 31.49
C THR B 56 20.79 -6.42 30.78
N ALA B 57 21.62 -7.24 31.43
CA ALA B 57 22.18 -8.47 30.85
C ALA B 57 21.14 -9.61 30.81
N ALA B 58 20.28 -9.58 29.78
CA ALA B 58 19.29 -10.64 29.52
C ALA B 58 19.68 -11.41 28.23
N LYS B 59 20.14 -10.62 27.23
CA LYS B 59 20.60 -11.13 25.93
C LYS B 59 21.32 -9.99 25.16
N LYS A 2 -13.47 -7.27 -1.46
CA LYS A 2 -14.71 -7.39 -0.68
C LYS A 2 -14.79 -8.78 -0.05
N GLY A 3 -14.79 -9.82 -0.90
CA GLY A 3 -14.71 -11.21 -0.43
C GLY A 3 -13.28 -11.57 -0.06
N SER A 4 -12.35 -11.23 -0.98
CA SER A 4 -10.91 -11.37 -0.77
C SER A 4 -10.32 -10.07 -0.19
N VAL A 5 -9.03 -10.13 0.20
CA VAL A 5 -8.26 -8.96 0.64
C VAL A 5 -8.16 -7.92 -0.48
N ASP A 6 -8.73 -6.75 -0.22
CA ASP A 6 -8.60 -5.60 -1.11
C ASP A 6 -7.21 -4.99 -0.92
N LEU A 7 -6.27 -5.45 -1.75
CA LEU A 7 -4.86 -4.96 -1.76
C LEU A 7 -4.84 -3.44 -2.06
N GLU A 8 -5.84 -2.99 -2.85
CA GLU A 8 -6.10 -1.57 -3.15
C GLU A 8 -6.32 -0.73 -1.86
N LYS A 9 -7.34 -1.12 -1.08
CA LYS A 9 -7.76 -0.42 0.14
C LYS A 9 -6.78 -0.69 1.28
N LEU A 10 -5.98 -1.77 1.13
CA LEU A 10 -4.89 -2.10 2.06
C LEU A 10 -3.78 -1.02 1.94
N ALA A 11 -3.26 -0.88 0.70
CA ALA A 11 -2.18 0.07 0.37
C ALA A 11 -2.57 1.52 0.70
N PHE A 12 -3.71 1.94 0.13
CA PHE A 12 -4.28 3.28 0.34
C PHE A 12 -4.83 3.46 1.77
N GLY A 13 -5.11 2.33 2.46
CA GLY A 13 -5.59 2.34 3.84
C GLY A 13 -4.50 2.60 4.86
N LEU A 14 -3.28 2.07 4.62
CA LEU A 14 -2.14 2.26 5.54
C LEU A 14 -1.43 3.61 5.33
N THR A 15 -1.42 4.12 4.08
CA THR A 15 -0.72 5.38 3.75
C THR A 15 -1.52 6.61 4.24
N LYS A 16 -2.83 6.42 4.51
CA LYS A 16 -3.69 7.48 5.07
C LYS A 16 -3.67 7.45 6.62
N LEU A 17 -3.17 6.34 7.22
CA LEU A 17 -3.05 6.19 8.69
C LEU A 17 -2.06 7.22 9.28
N ASN A 18 -2.33 7.67 10.52
CA ASN A 18 -1.48 8.67 11.23
C ASN A 18 -0.21 8.02 11.82
N GLU A 19 0.54 8.81 12.63
CA GLU A 19 1.86 8.44 13.20
C GLU A 19 1.96 6.98 13.67
N ASP A 20 1.30 6.68 14.81
CA ASP A 20 1.40 5.38 15.48
C ASP A 20 1.02 4.20 14.56
N ASP A 21 -0.05 4.40 13.77
CA ASP A 21 -0.62 3.33 12.93
C ASP A 21 0.27 2.98 11.72
N LEU A 22 0.79 4.01 11.02
CA LEU A 22 1.65 3.79 9.82
C LEU A 22 2.99 3.16 10.24
N VAL A 23 3.46 3.49 11.47
CA VAL A 23 4.66 2.88 12.07
C VAL A 23 4.35 1.41 12.40
N GLY A 24 3.16 1.15 12.98
CA GLY A 24 2.71 -0.23 13.28
C GLY A 24 2.66 -1.13 12.04
N VAL A 25 2.31 -0.52 10.89
CA VAL A 25 2.32 -1.17 9.58
C VAL A 25 3.76 -1.55 9.17
N VAL A 26 4.69 -0.55 9.17
CA VAL A 26 6.08 -0.77 8.73
C VAL A 26 6.82 -1.73 9.68
N GLN A 27 6.34 -1.83 10.93
CA GLN A 27 6.84 -2.80 11.91
C GLN A 27 6.46 -4.21 11.48
N MET A 28 5.15 -4.46 11.22
CA MET A 28 4.64 -5.81 10.88
C MET A 28 5.28 -6.35 9.59
N VAL A 29 5.50 -5.46 8.61
CA VAL A 29 6.12 -5.85 7.32
C VAL A 29 7.65 -6.02 7.44
N THR A 30 8.31 -5.33 8.42
CA THR A 30 9.78 -5.47 8.63
C THR A 30 10.11 -6.65 9.57
N ASP A 31 9.17 -7.01 10.46
CA ASP A 31 9.32 -8.12 11.44
C ASP A 31 9.19 -9.45 10.71
N ASN A 32 8.25 -9.50 9.75
CA ASN A 32 7.97 -10.70 8.93
C ASN A 32 8.42 -10.43 7.48
N LYS A 33 9.54 -9.68 7.34
CA LYS A 33 10.10 -9.29 6.03
C LYS A 33 10.52 -10.55 5.26
N THR A 34 9.85 -10.79 4.12
CA THR A 34 10.12 -11.94 3.24
C THR A 34 11.01 -11.49 2.04
N PRO A 35 11.76 -12.41 1.36
CA PRO A 35 12.49 -12.07 0.11
C PRO A 35 11.53 -11.87 -1.10
N GLU A 36 10.23 -12.12 -0.86
CA GLU A 36 9.16 -12.01 -1.88
C GLU A 36 8.73 -10.53 -2.01
N MET A 37 8.27 -9.97 -0.87
CA MET A 37 7.77 -8.57 -0.76
C MET A 37 8.82 -7.55 -1.22
N ASN A 38 8.39 -6.53 -1.99
CA ASN A 38 9.33 -5.58 -2.61
C ASN A 38 9.36 -4.28 -1.82
N VAL A 39 9.94 -4.33 -0.60
CA VAL A 39 10.10 -3.15 0.24
C VAL A 39 11.40 -2.41 -0.13
N THR A 40 11.29 -1.09 -0.27
CA THR A 40 12.41 -0.19 -0.57
C THR A 40 12.35 1.00 0.38
N ASN A 41 13.05 0.86 1.51
CA ASN A 41 13.18 1.94 2.49
C ASN A 41 14.17 2.97 1.95
N ASN A 42 13.67 4.16 1.62
CA ASN A 42 14.50 5.31 1.25
C ASN A 42 14.47 6.33 2.39
N VAL A 43 15.53 6.32 3.23
CA VAL A 43 15.65 7.24 4.39
C VAL A 43 15.84 8.71 3.96
N GLU A 44 16.22 8.92 2.67
CA GLU A 44 16.38 10.28 2.09
C GLU A 44 15.04 11.02 2.14
N GLU A 45 13.99 10.36 1.63
CA GLU A 45 12.62 10.87 1.66
C GLU A 45 11.90 10.43 2.97
N GLY A 46 12.47 9.40 3.65
CA GLY A 46 11.87 8.83 4.87
C GLY A 46 10.60 8.05 4.58
N GLU A 47 10.71 7.04 3.70
CA GLU A 47 9.54 6.28 3.20
C GLU A 47 9.84 4.78 3.02
N PHE A 48 8.76 3.98 2.92
CA PHE A 48 8.80 2.53 2.62
C PHE A 48 8.02 2.29 1.32
N ILE A 49 8.72 2.23 0.18
CA ILE A 49 8.13 1.89 -1.12
C ILE A 49 7.99 0.36 -1.19
N ILE A 50 6.86 -0.18 -0.70
CA ILE A 50 6.67 -1.64 -0.56
C ILE A 50 5.48 -2.14 -1.42
N ASP A 51 5.79 -3.10 -2.33
CA ASP A 51 4.79 -3.85 -3.10
C ASP A 51 4.23 -4.96 -2.21
N LEU A 52 2.95 -4.83 -1.87
CA LEU A 52 2.23 -5.77 -0.97
C LEU A 52 1.65 -6.93 -1.79
N TYR A 53 1.72 -6.79 -3.12
CA TYR A 53 1.25 -7.81 -4.08
C TYR A 53 2.11 -9.09 -3.96
N SER A 54 3.30 -8.95 -3.36
CA SER A 54 4.27 -10.04 -3.15
C SER A 54 4.34 -10.45 -1.66
N LEU A 55 3.45 -9.88 -0.80
CA LEU A 55 3.27 -10.37 0.59
C LEU A 55 2.58 -11.75 0.55
N PRO A 56 2.98 -12.72 1.44
CA PRO A 56 2.24 -14.00 1.61
C PRO A 56 0.80 -13.76 2.11
N GLU A 57 -0.06 -14.77 1.92
CA GLU A 57 -1.49 -14.69 2.31
C GLU A 57 -1.63 -14.28 3.79
N GLY A 58 -0.77 -14.84 4.66
CA GLY A 58 -0.76 -14.54 6.08
C GLY A 58 -0.58 -13.06 6.39
N LEU A 59 0.40 -12.43 5.71
CA LEU A 59 0.72 -11.00 5.91
C LEU A 59 -0.33 -10.07 5.30
N LEU A 60 -0.77 -10.33 4.06
CA LEU A 60 -1.79 -9.47 3.41
C LEU A 60 -3.15 -9.58 4.13
N LYS A 61 -3.38 -10.69 4.86
CA LYS A 61 -4.55 -10.86 5.77
C LYS A 61 -4.37 -10.00 7.05
N SER A 62 -3.19 -10.13 7.70
CA SER A 62 -2.89 -9.44 8.98
C SER A 62 -2.93 -7.90 8.82
N LEU A 63 -2.25 -7.43 7.77
CA LEU A 63 -2.16 -6.02 7.42
C LEU A 63 -3.54 -5.49 6.96
N TRP A 64 -4.32 -6.30 6.20
CA TRP A 64 -5.67 -5.90 5.74
C TRP A 64 -6.60 -5.67 6.92
N ASP A 65 -6.76 -6.69 7.77
CA ASP A 65 -7.56 -6.64 9.02
C ASP A 65 -7.25 -5.38 9.83
N TYR A 66 -5.94 -5.12 10.02
CA TYR A 66 -5.44 -3.97 10.78
C TYR A 66 -5.88 -2.65 10.13
N VAL A 67 -5.41 -2.40 8.90
CA VAL A 67 -5.57 -1.08 8.24
C VAL A 67 -7.04 -0.80 7.92
N LYS A 68 -7.86 -1.87 7.71
CA LYS A 68 -9.27 -1.72 7.36
C LYS A 68 -10.05 -1.20 8.57
N LYS A 69 -9.83 -1.81 9.76
CA LYS A 69 -10.57 -1.46 10.99
C LYS A 69 -10.09 -0.12 11.59
N ASN A 70 -8.80 0.20 11.36
CA ASN A 70 -8.18 1.46 11.83
C ASN A 70 -8.52 2.66 10.93
N THR A 71 -9.23 2.41 9.80
CA THR A 71 -9.73 3.48 8.92
C THR A 71 -11.27 3.61 9.04
N GLU A 72 -11.99 2.46 9.05
CA GLU A 72 -13.48 2.44 9.05
C GLU A 72 -14.06 2.78 10.44
N GLU B 2 -47.44 -4.41 -23.16
CA GLU B 2 -47.78 -3.18 -23.87
C GLU B 2 -46.70 -2.86 -24.92
N VAL B 3 -45.43 -3.04 -24.52
CA VAL B 3 -44.26 -2.83 -25.40
C VAL B 3 -43.67 -4.20 -25.79
N LYS B 4 -43.17 -4.31 -27.04
CA LYS B 4 -42.58 -5.57 -27.58
C LYS B 4 -41.07 -5.38 -27.85
N SER B 5 -40.44 -4.47 -27.07
CA SER B 5 -39.01 -4.13 -27.21
C SER B 5 -38.11 -5.28 -26.69
N SER B 6 -37.92 -6.31 -27.53
CA SER B 6 -37.17 -7.53 -27.17
C SER B 6 -36.20 -7.91 -28.30
N SER B 7 -35.05 -7.23 -28.34
CA SER B 7 -33.98 -7.48 -29.31
C SER B 7 -32.62 -7.15 -28.68
N VAL B 8 -31.61 -8.02 -28.92
CA VAL B 8 -30.24 -7.79 -28.46
C VAL B 8 -29.65 -6.58 -29.24
N GLU B 9 -29.55 -5.45 -28.54
CA GLU B 9 -29.13 -4.16 -29.12
C GLU B 9 -27.98 -3.57 -28.29
N ILE B 10 -27.00 -2.98 -29.01
CA ILE B 10 -25.75 -2.45 -28.45
C ILE B 10 -24.99 -3.57 -27.69
N ILE B 11 -24.35 -4.45 -28.46
CA ILE B 11 -23.39 -5.44 -27.93
C ILE B 11 -22.02 -5.17 -28.58
N ASN B 12 -20.99 -5.17 -27.75
CA ASN B 12 -19.61 -4.94 -28.16
C ASN B 12 -18.74 -6.10 -27.62
N GLY B 13 -17.50 -6.22 -28.14
CA GLY B 13 -16.56 -7.26 -27.73
C GLY B 13 -16.17 -7.23 -26.26
N SER B 14 -15.41 -8.26 -25.84
CA SER B 14 -15.01 -8.49 -24.43
C SER B 14 -13.99 -7.43 -23.93
N GLU B 15 -13.40 -7.68 -22.74
CA GLU B 15 -12.50 -6.73 -22.06
C GLU B 15 -11.23 -6.46 -22.92
N SER B 16 -10.85 -5.18 -23.03
CA SER B 16 -9.78 -4.72 -23.93
C SER B 16 -8.40 -4.82 -23.26
N LYS B 17 -7.80 -6.03 -23.31
CA LYS B 17 -6.46 -6.34 -22.74
C LYS B 17 -6.37 -6.01 -21.23
N LYS B 18 -5.15 -5.87 -20.70
CA LYS B 18 -4.90 -5.57 -19.29
C LYS B 18 -3.58 -4.78 -19.13
N LYS B 19 -3.41 -4.19 -17.94
CA LYS B 19 -2.12 -3.67 -17.47
C LYS B 19 -1.63 -4.64 -16.37
N LYS B 20 -2.36 -4.64 -15.23
CA LYS B 20 -2.14 -5.56 -14.08
C LYS B 20 -0.65 -5.68 -13.67
N PRO B 21 -0.06 -4.65 -13.00
CA PRO B 21 1.27 -4.74 -12.39
C PRO B 21 1.15 -5.13 -10.90
N LYS B 22 2.22 -4.92 -10.12
CA LYS B 22 2.14 -5.05 -8.65
C LYS B 22 1.58 -3.74 -8.07
N LEU B 23 0.77 -3.90 -7.03
CA LEU B 23 0.15 -2.75 -6.35
C LEU B 23 1.12 -2.30 -5.24
N THR B 24 1.83 -1.20 -5.55
CA THR B 24 2.84 -0.62 -4.69
C THR B 24 2.20 0.44 -3.78
N VAL B 25 2.81 0.67 -2.61
CA VAL B 25 2.48 1.79 -1.74
C VAL B 25 3.78 2.47 -1.30
N LYS B 26 3.73 3.77 -1.04
CA LYS B 26 4.86 4.55 -0.56
C LYS B 26 4.49 5.15 0.81
N ILE B 27 4.85 4.41 1.87
CA ILE B 27 4.48 4.76 3.26
C ILE B 27 5.39 5.91 3.74
N LYS B 28 4.83 7.11 3.88
CA LYS B 28 5.58 8.28 4.34
C LYS B 28 5.62 8.28 5.89
N LEU B 29 6.82 7.97 6.44
CA LEU B 29 7.04 7.94 7.90
C LEU B 29 7.14 9.36 8.47
N ASN B 30 6.88 9.48 9.78
CA ASN B 30 6.84 10.76 10.50
C ASN B 30 8.27 11.27 10.75
N LYS B 31 8.83 11.89 9.71
CA LYS B 31 10.17 12.49 9.77
C LYS B 31 10.04 13.96 10.18
N THR B 32 11.07 14.48 10.86
CA THR B 32 11.11 15.88 11.31
C THR B 32 11.19 16.82 10.07
N THR B 33 10.00 17.23 9.60
CA THR B 33 9.81 18.06 8.40
C THR B 33 8.72 19.12 8.68
N VAL B 34 8.32 19.89 7.65
CA VAL B 34 7.22 20.88 7.77
C VAL B 34 5.86 20.14 7.68
N LEU B 35 5.50 19.48 8.80
CA LEU B 35 4.25 18.73 8.97
C LEU B 35 3.74 18.92 10.41
N GLU B 36 2.44 19.19 10.54
CA GLU B 36 1.75 19.35 11.84
C GLU B 36 1.07 18.04 12.26
N ASN B 37 1.63 16.90 11.79
CA ASN B 37 1.12 15.55 12.15
C ASN B 37 1.32 15.23 13.66
N ASN B 38 2.06 16.14 14.36
CA ASN B 38 2.20 16.21 15.83
C ASN B 38 3.21 15.16 16.33
N ASP B 39 3.90 15.51 17.44
CA ASP B 39 4.89 14.65 18.09
C ASP B 39 4.17 13.48 18.79
N GLY B 40 3.88 12.42 18.00
CA GLY B 40 3.35 11.17 18.54
C GLY B 40 4.40 10.44 19.37
N LYS B 41 5.67 10.57 18.91
CA LYS B 41 6.87 10.10 19.62
C LYS B 41 8.14 10.60 18.90
N ARG B 42 9.28 10.51 19.61
CA ARG B 42 10.62 10.80 19.06
C ARG B 42 11.59 9.68 19.55
N ALA B 43 12.25 9.00 18.61
CA ALA B 43 13.23 7.94 18.91
C ALA B 43 14.55 8.57 19.38
N GLU B 44 14.67 8.77 20.70
CA GLU B 44 15.80 9.48 21.33
C GLU B 44 16.67 8.52 22.17
N GLU B 45 16.43 7.22 21.99
CA GLU B 45 17.14 6.16 22.72
C GLU B 45 18.54 6.01 22.13
N LYS B 46 19.59 6.04 23.00
CA LYS B 46 20.99 5.98 22.58
C LYS B 46 21.32 4.64 21.87
N PRO B 47 21.68 4.66 20.54
CA PRO B 47 22.07 3.44 19.79
C PRO B 47 23.36 2.80 20.34
N GLU B 48 24.18 3.63 21.01
CA GLU B 48 25.36 3.19 21.74
C GLU B 48 25.10 3.31 23.26
N SER B 49 24.89 2.15 23.90
CA SER B 49 24.73 2.02 25.37
C SER B 49 25.46 0.74 25.85
N LYS B 50 26.39 0.23 25.02
CA LYS B 50 27.10 -1.04 25.27
C LYS B 50 28.27 -0.79 26.25
N SER B 51 29.26 -0.01 25.77
CA SER B 51 30.48 0.36 26.52
C SER B 51 31.29 -0.87 27.03
N PRO B 52 32.17 -1.48 26.17
CA PRO B 52 33.03 -2.61 26.58
C PRO B 52 34.07 -2.18 27.64
N ALA B 53 33.98 -2.81 28.84
CA ALA B 53 34.92 -2.57 29.96
C ALA B 53 36.13 -3.52 29.84
N LYS B 54 37.33 -3.03 30.23
CA LYS B 54 38.59 -3.79 30.10
C LYS B 54 38.65 -4.93 31.13
N LYS B 55 38.54 -6.17 30.63
CA LYS B 55 38.69 -7.38 31.47
C LYS B 55 40.18 -7.64 31.73
N THR B 56 40.50 -8.20 32.90
CA THR B 56 41.88 -8.52 33.30
C THR B 56 41.88 -9.67 34.33
N ALA B 57 43.06 -10.29 34.51
CA ALA B 57 43.24 -11.44 35.42
C ALA B 57 44.65 -11.43 36.03
N ALA B 58 44.86 -12.29 37.04
CA ALA B 58 46.16 -12.44 37.73
C ALA B 58 46.23 -13.82 38.42
N LYS B 59 47.34 -14.08 39.13
CA LYS B 59 47.55 -15.32 39.90
C LYS B 59 47.53 -14.98 41.41
N LYS A 2 -8.29 -14.43 -5.50
CA LYS A 2 -8.80 -14.41 -4.11
C LYS A 2 -8.84 -12.97 -3.59
N GLY A 3 -10.06 -12.50 -3.23
CA GLY A 3 -10.30 -11.11 -2.80
C GLY A 3 -10.59 -11.02 -1.31
N SER A 4 -9.92 -11.89 -0.51
CA SER A 4 -10.01 -11.88 0.97
C SER A 4 -9.48 -10.54 1.51
N VAL A 5 -8.41 -10.07 0.85
CA VAL A 5 -7.81 -8.74 1.09
C VAL A 5 -7.95 -7.94 -0.20
N ASP A 6 -8.53 -6.74 -0.11
CA ASP A 6 -8.58 -5.81 -1.24
C ASP A 6 -7.28 -4.99 -1.23
N LEU A 7 -6.40 -5.26 -2.23
CA LEU A 7 -5.03 -4.72 -2.27
C LEU A 7 -5.03 -3.17 -2.36
N GLU A 8 -6.05 -2.62 -3.05
CA GLU A 8 -6.24 -1.15 -3.15
C GLU A 8 -6.57 -0.53 -1.77
N LYS A 9 -7.59 -1.06 -1.08
CA LYS A 9 -7.96 -0.57 0.27
C LYS A 9 -6.88 -0.92 1.33
N LEU A 10 -6.02 -1.90 1.02
CA LEU A 10 -4.87 -2.27 1.88
C LEU A 10 -3.80 -1.18 1.80
N ALA A 11 -3.28 -0.97 0.57
CA ALA A 11 -2.17 -0.04 0.28
C ALA A 11 -2.54 1.42 0.63
N PHE A 12 -3.66 1.87 0.07
CA PHE A 12 -4.20 3.22 0.33
C PHE A 12 -4.68 3.34 1.79
N GLY A 13 -5.18 2.21 2.35
CA GLY A 13 -5.65 2.18 3.74
C GLY A 13 -4.56 2.37 4.79
N LEU A 14 -3.32 1.92 4.49
CA LEU A 14 -2.19 2.03 5.44
C LEU A 14 -1.44 3.36 5.32
N THR A 15 -1.42 3.94 4.11
CA THR A 15 -0.71 5.22 3.86
C THR A 15 -1.58 6.43 4.27
N LYS A 16 -2.92 6.22 4.34
CA LYS A 16 -3.87 7.27 4.77
C LYS A 16 -3.95 7.35 6.31
N LEU A 17 -3.39 6.31 6.97
CA LEU A 17 -3.30 6.25 8.44
C LEU A 17 -2.41 7.37 8.99
N ASN A 18 -2.69 7.76 10.24
CA ASN A 18 -1.92 8.79 10.97
C ASN A 18 -0.61 8.19 11.55
N GLU A 19 0.12 8.99 12.36
CA GLU A 19 1.48 8.68 12.86
C GLU A 19 1.64 7.22 13.36
N ASP A 20 1.10 6.93 14.55
CA ASP A 20 1.30 5.62 15.24
C ASP A 20 0.77 4.43 14.41
N ASP A 21 -0.29 4.69 13.65
CA ASP A 21 -1.00 3.67 12.85
C ASP A 21 -0.15 3.21 11.65
N LEU A 22 0.40 4.18 10.87
CA LEU A 22 1.25 3.88 9.69
C LEU A 22 2.59 3.26 10.13
N VAL A 23 3.05 3.63 11.36
CA VAL A 23 4.26 3.04 11.97
C VAL A 23 4.00 1.57 12.30
N GLY A 24 2.81 1.27 12.88
CA GLY A 24 2.41 -0.11 13.21
C GLY A 24 2.48 -1.03 12.01
N VAL A 25 2.09 -0.48 10.84
CA VAL A 25 2.19 -1.16 9.55
C VAL A 25 3.65 -1.49 9.18
N VAL A 26 4.52 -0.45 9.15
CA VAL A 26 5.92 -0.61 8.69
C VAL A 26 6.73 -1.52 9.63
N GLN A 27 6.29 -1.62 10.90
CA GLN A 27 6.90 -2.50 11.90
C GLN A 27 6.58 -3.97 11.58
N MET A 28 5.28 -4.28 11.34
CA MET A 28 4.83 -5.67 11.09
C MET A 28 5.40 -6.22 9.77
N VAL A 29 5.55 -5.36 8.75
CA VAL A 29 6.09 -5.77 7.44
C VAL A 29 7.63 -5.91 7.48
N THR A 30 8.33 -5.15 8.36
CA THR A 30 9.82 -5.24 8.46
C THR A 30 10.26 -6.37 9.42
N ASP A 31 9.40 -6.72 10.40
CA ASP A 31 9.68 -7.82 11.36
C ASP A 31 9.53 -9.18 10.67
N ASN A 32 8.47 -9.31 9.87
CA ASN A 32 8.17 -10.55 9.14
C ASN A 32 8.50 -10.38 7.63
N LYS A 33 9.52 -9.53 7.35
CA LYS A 33 9.96 -9.20 5.97
C LYS A 33 10.41 -10.48 5.23
N THR A 34 9.85 -10.70 4.03
CA THR A 34 10.11 -11.89 3.21
C THR A 34 11.01 -11.53 1.98
N PRO A 35 11.66 -12.54 1.31
CA PRO A 35 12.39 -12.32 0.02
C PRO A 35 11.42 -12.18 -1.20
N GLU A 36 10.11 -12.07 -0.91
CA GLU A 36 9.05 -11.94 -1.93
C GLU A 36 8.65 -10.45 -2.06
N MET A 37 8.20 -9.86 -0.93
CA MET A 37 7.73 -8.46 -0.83
C MET A 37 8.80 -7.48 -1.33
N ASN A 38 8.37 -6.51 -2.17
CA ASN A 38 9.33 -5.58 -2.82
C ASN A 38 9.39 -4.26 -2.06
N VAL A 39 9.97 -4.31 -0.86
CA VAL A 39 10.12 -3.15 0.02
C VAL A 39 11.40 -2.38 -0.31
N THR A 40 11.27 -1.04 -0.40
CA THR A 40 12.37 -0.12 -0.56
C THR A 40 12.28 0.93 0.55
N ASN A 41 12.92 0.63 1.69
CA ASN A 41 13.01 1.57 2.79
C ASN A 41 14.03 2.65 2.45
N ASN A 42 13.55 3.71 1.76
CA ASN A 42 14.37 4.83 1.36
C ASN A 42 14.43 5.82 2.53
N VAL A 43 15.44 5.62 3.38
CA VAL A 43 15.62 6.34 4.66
C VAL A 43 15.95 7.84 4.46
N GLU A 44 16.38 8.22 3.24
CA GLU A 44 16.67 9.61 2.87
C GLU A 44 15.39 10.45 2.91
N GLU A 45 14.34 9.92 2.28
CA GLU A 45 13.00 10.55 2.27
C GLU A 45 12.16 10.06 3.47
N GLY A 46 12.59 8.93 4.07
CA GLY A 46 11.87 8.30 5.19
C GLY A 46 10.58 7.66 4.74
N GLU A 47 10.70 6.60 3.92
CA GLU A 47 9.55 5.94 3.29
C GLU A 47 9.80 4.44 3.07
N PHE A 48 8.68 3.69 2.94
CA PHE A 48 8.67 2.26 2.57
C PHE A 48 7.92 2.11 1.24
N ILE A 49 8.66 2.11 0.12
CA ILE A 49 8.10 1.84 -1.20
C ILE A 49 7.96 0.30 -1.35
N ILE A 50 6.85 -0.25 -0.83
CA ILE A 50 6.68 -1.71 -0.69
C ILE A 50 5.51 -2.22 -1.57
N ASP A 51 5.83 -3.21 -2.43
CA ASP A 51 4.84 -3.93 -3.26
C ASP A 51 4.21 -5.05 -2.43
N LEU A 52 2.88 -4.95 -2.29
CA LEU A 52 2.07 -5.83 -1.44
C LEU A 52 1.46 -6.97 -2.24
N TYR A 53 1.53 -6.85 -3.59
CA TYR A 53 1.15 -7.94 -4.52
C TYR A 53 2.04 -9.18 -4.23
N SER A 54 3.30 -8.91 -3.84
CA SER A 54 4.30 -9.94 -3.53
C SER A 54 4.41 -10.22 -2.00
N LEU A 55 3.45 -9.71 -1.20
CA LEU A 55 3.32 -10.12 0.21
C LEU A 55 2.75 -11.55 0.27
N PRO A 56 3.22 -12.42 1.23
CA PRO A 56 2.53 -13.69 1.55
C PRO A 56 1.14 -13.42 2.14
N GLU A 57 0.22 -14.40 2.00
CA GLU A 57 -1.17 -14.23 2.45
C GLU A 57 -1.23 -13.94 3.96
N GLY A 58 -0.29 -14.54 4.72
CA GLY A 58 -0.17 -14.34 6.16
C GLY A 58 -0.04 -12.87 6.55
N LEU A 59 0.81 -12.14 5.79
CA LEU A 59 1.08 -10.72 6.06
C LEU A 59 -0.05 -9.83 5.55
N LEU A 60 -0.44 -9.95 4.28
CA LEU A 60 -1.48 -9.07 3.69
C LEU A 60 -2.85 -9.25 4.41
N LYS A 61 -3.06 -10.41 5.08
CA LYS A 61 -4.25 -10.64 5.96
C LYS A 61 -4.13 -9.90 7.31
N SER A 62 -2.95 -10.01 7.95
CA SER A 62 -2.68 -9.37 9.27
C SER A 62 -2.71 -7.83 9.16
N LEU A 63 -2.08 -7.32 8.09
CA LEU A 63 -2.03 -5.89 7.77
C LEU A 63 -3.42 -5.39 7.31
N TRP A 64 -4.19 -6.24 6.60
CA TRP A 64 -5.55 -5.89 6.16
C TRP A 64 -6.46 -5.66 7.37
N ASP A 65 -6.57 -6.68 8.21
CA ASP A 65 -7.31 -6.65 9.49
C ASP A 65 -7.00 -5.36 10.29
N TYR A 66 -5.70 -5.03 10.37
CA TYR A 66 -5.20 -3.83 11.05
C TYR A 66 -5.79 -2.56 10.42
N VAL A 67 -5.46 -2.31 9.14
CA VAL A 67 -5.77 -1.04 8.47
C VAL A 67 -7.28 -0.87 8.24
N LYS A 68 -8.03 -1.98 8.11
CA LYS A 68 -9.47 -1.95 7.82
C LYS A 68 -10.26 -1.54 9.09
N LYS A 69 -9.82 -2.02 10.27
CA LYS A 69 -10.46 -1.65 11.56
C LYS A 69 -9.94 -0.28 12.07
N ASN A 70 -8.77 0.15 11.56
CA ASN A 70 -8.17 1.46 11.91
C ASN A 70 -8.81 2.60 11.10
N THR A 71 -9.16 2.33 9.82
CA THR A 71 -9.81 3.34 8.94
C THR A 71 -11.34 3.36 9.16
N GLU A 72 -11.95 2.16 9.15
CA GLU A 72 -13.41 2.00 9.29
C GLU A 72 -13.79 1.83 10.77
N GLU B 2 -50.75 -14.76 -14.02
CA GLU B 2 -49.99 -14.51 -15.23
C GLU B 2 -48.88 -13.46 -14.98
N VAL B 3 -47.70 -13.69 -15.56
CA VAL B 3 -46.55 -12.77 -15.47
C VAL B 3 -46.11 -12.35 -16.87
N LYS B 4 -45.54 -11.14 -16.97
CA LYS B 4 -44.95 -10.64 -18.22
C LYS B 4 -43.62 -11.35 -18.51
N SER B 5 -43.20 -11.35 -19.77
CA SER B 5 -42.00 -12.04 -20.22
C SER B 5 -41.40 -11.28 -21.41
N SER B 6 -40.34 -10.51 -21.14
CA SER B 6 -39.63 -9.72 -22.16
C SER B 6 -38.28 -10.39 -22.48
N SER B 7 -38.13 -10.85 -23.74
CA SER B 7 -36.89 -11.44 -24.24
C SER B 7 -35.86 -10.34 -24.51
N VAL B 8 -35.01 -10.06 -23.50
CA VAL B 8 -33.92 -9.08 -23.60
C VAL B 8 -32.76 -9.65 -24.44
N GLU B 9 -32.08 -8.78 -25.22
CA GLU B 9 -30.98 -9.19 -26.11
C GLU B 9 -29.64 -9.13 -25.36
N ILE B 10 -28.60 -9.72 -25.99
CA ILE B 10 -27.21 -9.63 -25.52
C ILE B 10 -26.32 -9.08 -26.64
N ILE B 11 -25.63 -7.96 -26.37
CA ILE B 11 -24.63 -7.39 -27.28
C ILE B 11 -23.26 -8.04 -27.01
N ASN B 12 -22.53 -8.38 -28.08
CA ASN B 12 -21.22 -9.05 -28.01
C ASN B 12 -20.20 -8.21 -28.78
N GLY B 13 -19.13 -7.79 -28.08
CA GLY B 13 -18.03 -7.04 -28.69
C GLY B 13 -17.70 -5.78 -27.90
N SER B 14 -16.95 -5.95 -26.80
CA SER B 14 -16.43 -4.84 -25.99
C SER B 14 -14.98 -5.17 -25.58
N GLU B 15 -14.02 -4.44 -26.17
CA GLU B 15 -12.58 -4.63 -25.91
C GLU B 15 -12.09 -3.65 -24.83
N SER B 16 -11.06 -4.05 -24.08
CA SER B 16 -10.42 -3.21 -23.04
C SER B 16 -8.97 -3.66 -22.85
N LYS B 17 -8.17 -2.81 -22.18
CA LYS B 17 -6.75 -3.07 -21.89
C LYS B 17 -6.61 -4.23 -20.89
N LYS B 18 -6.27 -5.42 -21.41
CA LYS B 18 -6.05 -6.63 -20.62
C LYS B 18 -4.71 -6.50 -19.85
N LYS B 19 -4.78 -5.90 -18.65
CA LYS B 19 -3.61 -5.62 -17.79
C LYS B 19 -3.81 -6.19 -16.37
N LYS B 20 -2.69 -6.36 -15.66
CA LYS B 20 -2.64 -6.80 -14.25
C LYS B 20 -1.45 -6.10 -13.56
N PRO B 21 -1.54 -4.77 -13.26
CA PRO B 21 -0.41 -4.01 -12.66
C PRO B 21 -0.23 -4.34 -11.16
N LYS B 22 1.04 -4.47 -10.74
CA LYS B 22 1.41 -4.66 -9.33
C LYS B 22 1.28 -3.33 -8.59
N LEU B 23 0.60 -3.38 -7.44
CA LEU B 23 0.24 -2.21 -6.64
C LEU B 23 1.28 -2.03 -5.53
N THR B 24 2.21 -1.09 -5.78
CA THR B 24 3.31 -0.75 -4.88
C THR B 24 3.00 0.59 -4.19
N VAL B 25 2.85 0.56 -2.85
CA VAL B 25 2.56 1.76 -2.05
C VAL B 25 3.87 2.40 -1.55
N LYS B 26 3.86 3.73 -1.37
CA LYS B 26 4.98 4.45 -0.77
C LYS B 26 4.52 5.03 0.59
N ILE B 27 4.80 4.29 1.68
CA ILE B 27 4.39 4.66 3.04
C ILE B 27 5.30 5.76 3.57
N LYS B 28 4.75 6.94 3.87
CA LYS B 28 5.54 8.07 4.37
C LYS B 28 5.58 8.06 5.91
N LEU B 29 6.80 7.88 6.45
CA LEU B 29 7.07 7.86 7.90
C LEU B 29 7.17 9.30 8.42
N ASN B 30 6.83 9.49 9.70
CA ASN B 30 6.78 10.81 10.35
C ASN B 30 8.20 11.23 10.78
N LYS B 31 8.97 11.73 9.82
CA LYS B 31 10.38 12.11 9.99
C LYS B 31 10.51 13.57 10.45
N THR B 32 11.76 14.02 10.66
CA THR B 32 12.08 15.41 11.05
C THR B 32 12.01 16.35 9.80
N THR B 33 10.79 16.47 9.27
CA THR B 33 10.49 17.19 8.04
C THR B 33 9.09 17.86 8.18
N VAL B 34 8.64 18.54 7.11
CA VAL B 34 7.30 19.12 7.04
C VAL B 34 6.25 17.97 6.95
N LEU B 35 5.65 17.65 8.11
CA LEU B 35 4.56 16.66 8.23
C LEU B 35 3.25 17.38 8.58
N GLU B 36 2.14 16.62 8.59
CA GLU B 36 0.81 17.15 8.91
C GLU B 36 0.62 17.28 10.44
N ASN B 37 -0.60 17.72 10.84
CA ASN B 37 -0.99 17.93 12.25
C ASN B 37 -0.95 16.61 13.04
N ASN B 38 -1.53 15.55 12.40
CA ASN B 38 -1.75 14.22 12.99
C ASN B 38 -2.78 14.30 14.13
N ASP B 39 -3.90 13.58 13.97
CA ASP B 39 -4.86 13.36 15.06
C ASP B 39 -4.22 12.41 16.09
N GLY B 40 -4.44 12.68 17.38
CA GLY B 40 -3.78 11.95 18.47
C GLY B 40 -4.39 10.56 18.73
N LYS B 41 -4.24 9.66 17.76
CA LYS B 41 -4.62 8.26 17.87
C LYS B 41 -3.49 7.51 18.59
N ARG B 42 -3.67 7.30 19.89
CA ARG B 42 -2.65 6.69 20.75
C ARG B 42 -2.82 5.15 20.74
N ALA B 43 -1.75 4.44 21.13
CA ALA B 43 -1.77 2.97 21.22
C ALA B 43 -2.78 2.51 22.29
N GLU B 44 -3.99 2.16 21.82
CA GLU B 44 -5.07 1.63 22.68
C GLU B 44 -4.69 0.23 23.20
N GLU B 45 -3.93 -0.50 22.35
CA GLU B 45 -3.31 -1.80 22.68
C GLU B 45 -4.36 -2.91 22.94
N LYS B 46 -3.85 -4.12 23.26
CA LYS B 46 -4.68 -5.28 23.53
C LYS B 46 -4.90 -5.40 25.07
N PRO B 47 -6.20 -5.54 25.54
CA PRO B 47 -6.50 -5.81 26.98
C PRO B 47 -5.77 -7.08 27.46
N GLU B 48 -5.83 -8.13 26.62
CA GLU B 48 -4.95 -9.30 26.73
C GLU B 48 -3.72 -9.08 25.84
N SER B 49 -2.71 -8.42 26.40
CA SER B 49 -1.41 -8.21 25.72
C SER B 49 -0.59 -9.51 25.70
N LYS B 50 -1.06 -10.54 26.46
CA LYS B 50 -0.51 -11.91 26.52
C LYS B 50 0.87 -11.95 27.21
N SER B 51 1.41 -13.16 27.42
CA SER B 51 2.68 -13.36 28.12
C SER B 51 3.19 -14.81 27.88
N PRO B 52 4.24 -15.01 27.01
CA PRO B 52 4.95 -16.31 26.90
C PRO B 52 5.94 -16.51 28.08
N ALA B 53 5.37 -16.56 29.30
CA ALA B 53 6.14 -16.64 30.55
C ALA B 53 6.38 -18.10 30.95
N LYS B 54 7.36 -18.32 31.85
CA LYS B 54 7.62 -19.64 32.47
C LYS B 54 8.04 -19.45 33.92
N LYS B 55 7.84 -20.50 34.74
CA LYS B 55 8.19 -20.50 36.16
C LYS B 55 8.29 -21.97 36.62
N THR B 56 9.53 -22.41 36.90
CA THR B 56 9.84 -23.81 37.28
C THR B 56 9.43 -24.13 38.73
N ALA B 57 9.48 -25.43 39.08
CA ALA B 57 9.12 -25.92 40.42
C ALA B 57 10.13 -25.45 41.48
N ALA B 58 9.63 -24.67 42.46
CA ALA B 58 10.41 -24.19 43.61
C ALA B 58 9.91 -24.87 44.89
N LYS B 59 10.85 -25.27 45.77
CA LYS B 59 10.52 -25.94 47.04
C LYS B 59 10.03 -24.88 48.06
N LYS A 2 -7.71 -16.89 -3.69
CA LYS A 2 -8.78 -15.86 -3.58
C LYS A 2 -8.90 -15.33 -2.13
N GLY A 3 -9.76 -14.32 -1.92
CA GLY A 3 -9.99 -13.77 -0.58
C GLY A 3 -10.78 -12.47 -0.62
N SER A 4 -10.82 -11.78 0.52
CA SER A 4 -11.53 -10.50 0.68
C SER A 4 -10.54 -9.33 0.87
N VAL A 5 -9.23 -9.60 0.66
CA VAL A 5 -8.18 -8.58 0.82
C VAL A 5 -8.06 -7.73 -0.45
N ASP A 6 -8.63 -6.53 -0.38
CA ASP A 6 -8.38 -5.50 -1.37
C ASP A 6 -6.96 -4.96 -1.17
N LEU A 7 -6.07 -5.30 -2.10
CA LEU A 7 -4.67 -4.81 -2.12
C LEU A 7 -4.69 -3.26 -2.31
N GLU A 8 -5.73 -2.79 -3.04
CA GLU A 8 -6.01 -1.35 -3.23
C GLU A 8 -6.32 -0.65 -1.87
N LYS A 9 -7.38 -1.08 -1.17
CA LYS A 9 -7.75 -0.50 0.16
C LYS A 9 -6.69 -0.84 1.23
N LEU A 10 -5.86 -1.87 0.99
CA LEU A 10 -4.73 -2.22 1.88
C LEU A 10 -3.66 -1.13 1.79
N ALA A 11 -3.14 -0.92 0.57
CA ALA A 11 -2.05 0.04 0.29
C ALA A 11 -2.46 1.47 0.67
N PHE A 12 -3.58 1.91 0.09
CA PHE A 12 -4.14 3.25 0.29
C PHE A 12 -4.73 3.41 1.72
N GLY A 13 -5.09 2.27 2.35
CA GLY A 13 -5.62 2.26 3.71
C GLY A 13 -4.57 2.47 4.79
N LEU A 14 -3.33 1.99 4.55
CA LEU A 14 -2.23 2.10 5.54
C LEU A 14 -1.45 3.41 5.40
N THR A 15 -1.38 3.96 4.17
CA THR A 15 -0.66 5.22 3.90
C THR A 15 -1.46 6.43 4.44
N LYS A 16 -2.81 6.27 4.55
CA LYS A 16 -3.71 7.32 5.08
C LYS A 16 -3.74 7.31 6.62
N LEU A 17 -3.27 6.20 7.22
CA LEU A 17 -3.16 6.05 8.68
C LEU A 17 -2.16 7.07 9.27
N ASN A 18 -2.47 7.55 10.49
CA ASN A 18 -1.70 8.61 11.17
C ASN A 18 -0.31 8.09 11.61
N GLU A 19 0.53 9.02 12.14
CA GLU A 19 1.91 8.73 12.62
C GLU A 19 2.01 7.38 13.38
N ASP A 20 1.12 7.19 14.37
CA ASP A 20 1.12 6.02 15.25
C ASP A 20 0.90 4.71 14.45
N ASP A 21 -0.20 4.68 13.68
CA ASP A 21 -0.64 3.44 12.99
C ASP A 21 0.27 3.06 11.81
N LEU A 22 0.81 4.07 11.08
CA LEU A 22 1.69 3.81 9.92
C LEU A 22 3.04 3.21 10.38
N VAL A 23 3.48 3.59 11.61
CA VAL A 23 4.64 2.95 12.26
C VAL A 23 4.31 1.48 12.57
N GLY A 24 3.11 1.25 13.13
CA GLY A 24 2.63 -0.12 13.41
C GLY A 24 2.63 -1.01 12.16
N VAL A 25 2.25 -0.42 11.01
CA VAL A 25 2.26 -1.09 9.70
C VAL A 25 3.70 -1.50 9.29
N VAL A 26 4.62 -0.51 9.30
CA VAL A 26 6.02 -0.74 8.84
C VAL A 26 6.75 -1.72 9.77
N GLN A 27 6.34 -1.77 11.05
CA GLN A 27 6.89 -2.70 12.04
C GLN A 27 6.47 -4.14 11.72
N MET A 28 5.20 -4.33 11.32
CA MET A 28 4.66 -5.69 10.99
C MET A 28 5.29 -6.24 9.69
N VAL A 29 5.43 -5.37 8.67
CA VAL A 29 5.98 -5.77 7.37
C VAL A 29 7.51 -5.99 7.44
N THR A 30 8.23 -5.26 8.33
CA THR A 30 9.69 -5.41 8.46
C THR A 30 10.04 -6.58 9.41
N ASP A 31 9.13 -6.88 10.36
CA ASP A 31 9.32 -7.98 11.33
C ASP A 31 9.22 -9.33 10.63
N ASN A 32 8.22 -9.45 9.75
CA ASN A 32 7.94 -10.68 9.00
C ASN A 32 8.35 -10.53 7.53
N LYS A 33 9.37 -9.67 7.27
CA LYS A 33 9.84 -9.37 5.91
C LYS A 33 10.29 -10.67 5.21
N THR A 34 9.57 -11.04 4.14
CA THR A 34 9.84 -12.26 3.36
C THR A 34 10.72 -11.91 2.14
N PRO A 35 11.46 -12.91 1.53
CA PRO A 35 12.25 -12.67 0.29
C PRO A 35 11.36 -12.46 -0.97
N GLU A 36 10.02 -12.45 -0.77
CA GLU A 36 9.03 -12.24 -1.82
C GLU A 36 8.69 -10.74 -1.94
N MET A 37 8.21 -10.15 -0.81
CA MET A 37 7.77 -8.74 -0.74
C MET A 37 8.90 -7.77 -1.10
N ASN A 38 8.56 -6.64 -1.77
CA ASN A 38 9.57 -5.74 -2.35
C ASN A 38 9.59 -4.39 -1.61
N VAL A 39 10.27 -4.37 -0.44
CA VAL A 39 10.38 -3.15 0.38
C VAL A 39 11.64 -2.33 0.00
N THR A 40 11.46 -1.01 -0.09
CA THR A 40 12.52 -0.04 -0.39
C THR A 40 12.36 1.14 0.58
N ASN A 41 13.09 1.09 1.69
CA ASN A 41 13.12 2.17 2.68
C ASN A 41 14.00 3.31 2.14
N ASN A 42 13.34 4.23 1.42
CA ASN A 42 14.00 5.43 0.90
C ASN A 42 14.11 6.47 2.03
N VAL A 43 15.25 6.41 2.76
CA VAL A 43 15.52 7.28 3.92
C VAL A 43 15.77 8.75 3.51
N GLU A 44 16.02 9.00 2.20
CA GLU A 44 16.21 10.37 1.66
C GLU A 44 14.94 11.21 1.90
N GLU A 45 13.80 10.61 1.56
CA GLU A 45 12.47 11.19 1.76
C GLU A 45 11.84 10.73 3.09
N GLY A 46 12.35 9.61 3.63
CA GLY A 46 11.80 8.99 4.85
C GLY A 46 10.49 8.26 4.58
N GLU A 47 10.58 7.18 3.78
CA GLU A 47 9.41 6.44 3.29
C GLU A 47 9.73 4.94 3.05
N PHE A 48 8.71 4.09 3.16
CA PHE A 48 8.77 2.64 2.85
C PHE A 48 7.99 2.37 1.55
N ILE A 49 8.70 2.39 0.42
CA ILE A 49 8.14 2.04 -0.89
C ILE A 49 8.11 0.51 -1.01
N ILE A 50 6.96 -0.12 -0.67
CA ILE A 50 6.83 -1.59 -0.60
C ILE A 50 5.68 -2.13 -1.49
N ASP A 51 6.02 -3.09 -2.39
CA ASP A 51 5.04 -3.86 -3.17
C ASP A 51 4.43 -4.94 -2.27
N LEU A 52 3.13 -4.77 -1.96
CA LEU A 52 2.36 -5.66 -1.09
C LEU A 52 1.70 -6.77 -1.92
N TYR A 53 1.73 -6.58 -3.25
CA TYR A 53 1.23 -7.56 -4.23
C TYR A 53 2.00 -8.89 -4.11
N SER A 54 3.25 -8.79 -3.58
CA SER A 54 4.16 -9.91 -3.41
C SER A 54 4.28 -10.32 -1.90
N LEU A 55 3.33 -9.85 -1.05
CA LEU A 55 3.21 -10.32 0.35
C LEU A 55 2.60 -11.74 0.37
N PRO A 56 3.00 -12.61 1.36
CA PRO A 56 2.32 -13.90 1.61
C PRO A 56 0.89 -13.68 2.12
N GLU A 57 0.04 -14.72 1.98
CA GLU A 57 -1.36 -14.67 2.40
C GLU A 57 -1.49 -14.24 3.87
N GLY A 58 -0.61 -14.81 4.72
CA GLY A 58 -0.59 -14.52 6.16
C GLY A 58 -0.46 -13.03 6.48
N LEU A 59 0.48 -12.36 5.78
CA LEU A 59 0.77 -10.93 5.99
C LEU A 59 -0.31 -10.04 5.41
N LEU A 60 -0.69 -10.24 4.14
CA LEU A 60 -1.71 -9.39 3.48
C LEU A 60 -3.08 -9.51 4.18
N LYS A 61 -3.32 -10.64 4.90
CA LYS A 61 -4.53 -10.84 5.72
C LYS A 61 -4.45 -10.08 7.07
N SER A 62 -3.28 -10.16 7.75
CA SER A 62 -3.07 -9.51 9.07
C SER A 62 -3.04 -7.98 8.93
N LEU A 63 -2.28 -7.51 7.95
CA LEU A 63 -2.19 -6.09 7.56
C LEU A 63 -3.58 -5.56 7.12
N TRP A 64 -4.32 -6.37 6.33
CA TRP A 64 -5.67 -6.00 5.87
C TRP A 64 -6.60 -5.79 7.06
N ASP A 65 -6.73 -6.82 7.90
CA ASP A 65 -7.52 -6.79 9.15
C ASP A 65 -7.23 -5.53 9.98
N TYR A 66 -5.92 -5.23 10.14
CA TYR A 66 -5.45 -4.05 10.87
C TYR A 66 -5.98 -2.76 10.24
N VAL A 67 -5.55 -2.50 9.00
CA VAL A 67 -5.78 -1.21 8.33
C VAL A 67 -7.26 -0.97 8.03
N LYS A 68 -8.03 -2.07 7.86
CA LYS A 68 -9.46 -1.99 7.53
C LYS A 68 -10.26 -1.56 8.79
N LYS A 69 -9.95 -2.16 9.96
CA LYS A 69 -10.65 -1.84 11.23
C LYS A 69 -10.13 -0.51 11.81
N ASN A 70 -8.92 -0.09 11.37
CA ASN A 70 -8.30 1.18 11.79
C ASN A 70 -8.94 2.37 11.04
N THR A 71 -9.16 2.20 9.73
CA THR A 71 -9.80 3.25 8.89
C THR A 71 -11.31 3.33 9.20
N GLU A 72 -11.91 2.18 9.58
CA GLU A 72 -13.31 2.13 10.05
C GLU A 72 -13.41 2.41 11.55
N GLU B 2 -36.41 -21.37 -46.66
CA GLU B 2 -35.24 -22.20 -46.36
C GLU B 2 -34.01 -21.64 -47.10
N VAL B 3 -33.13 -20.96 -46.36
CA VAL B 3 -31.92 -20.33 -46.91
C VAL B 3 -30.76 -20.43 -45.89
N LYS B 4 -29.51 -20.54 -46.39
CA LYS B 4 -28.32 -20.49 -45.54
C LYS B 4 -28.18 -19.07 -44.94
N SER B 5 -28.57 -18.91 -43.68
CA SER B 5 -28.54 -17.63 -42.96
C SER B 5 -27.11 -17.25 -42.54
N SER B 6 -26.94 -15.97 -42.12
CA SER B 6 -25.65 -15.40 -41.69
C SER B 6 -25.03 -16.23 -40.54
N SER B 7 -24.04 -17.07 -40.88
CA SER B 7 -23.44 -18.04 -39.95
C SER B 7 -22.39 -17.39 -39.00
N VAL B 8 -22.25 -16.05 -39.08
CA VAL B 8 -21.39 -15.29 -38.16
C VAL B 8 -21.95 -15.33 -36.71
N GLU B 9 -21.61 -16.42 -36.00
CA GLU B 9 -22.10 -16.68 -34.63
C GLU B 9 -20.93 -16.91 -33.65
N ILE B 10 -19.69 -16.93 -34.20
CA ILE B 10 -18.47 -16.92 -33.39
C ILE B 10 -18.16 -15.46 -32.99
N ILE B 11 -18.64 -15.06 -31.79
CA ILE B 11 -18.38 -13.73 -31.20
C ILE B 11 -17.33 -13.86 -30.07
N ASN B 12 -16.20 -13.16 -30.24
CA ASN B 12 -15.09 -13.10 -29.27
C ASN B 12 -14.53 -11.66 -29.19
N GLY B 13 -13.49 -11.46 -28.37
CA GLY B 13 -12.82 -10.16 -28.24
C GLY B 13 -12.87 -9.61 -26.83
N SER B 14 -12.90 -10.52 -25.85
CA SER B 14 -12.93 -10.19 -24.42
C SER B 14 -11.60 -10.58 -23.76
N GLU B 15 -10.60 -9.68 -23.88
CA GLU B 15 -9.31 -9.79 -23.17
C GLU B 15 -9.14 -8.55 -22.26
N SER B 16 -9.63 -8.71 -21.03
CA SER B 16 -9.56 -7.70 -19.95
C SER B 16 -9.38 -8.43 -18.60
N LYS B 17 -8.84 -9.66 -18.68
CA LYS B 17 -8.76 -10.61 -17.57
C LYS B 17 -7.68 -10.18 -16.57
N LYS B 18 -8.12 -9.50 -15.48
CA LYS B 18 -7.27 -9.15 -14.32
C LYS B 18 -6.08 -8.24 -14.72
N LYS B 19 -6.31 -7.39 -15.75
CA LYS B 19 -5.30 -6.49 -16.34
C LYS B 19 -4.88 -5.36 -15.35
N LYS B 20 -3.93 -5.68 -14.46
CA LYS B 20 -3.31 -4.73 -13.52
C LYS B 20 -2.04 -5.40 -12.94
N PRO B 21 -0.86 -4.69 -12.95
CA PRO B 21 0.43 -5.24 -12.44
C PRO B 21 0.51 -5.16 -10.90
N LYS B 22 1.74 -5.03 -10.36
CA LYS B 22 1.95 -4.90 -8.91
C LYS B 22 1.48 -3.53 -8.41
N LEU B 23 0.85 -3.56 -7.24
CA LEU B 23 0.34 -2.37 -6.56
C LEU B 23 1.31 -2.05 -5.42
N THR B 24 2.09 -0.97 -5.63
CA THR B 24 3.08 -0.47 -4.67
C THR B 24 2.41 0.56 -3.75
N VAL B 25 2.94 0.70 -2.53
CA VAL B 25 2.58 1.80 -1.63
C VAL B 25 3.87 2.52 -1.21
N LYS B 26 3.77 3.83 -0.99
CA LYS B 26 4.87 4.65 -0.50
C LYS B 26 4.48 5.21 0.86
N ILE B 27 4.79 4.45 1.92
CA ILE B 27 4.39 4.77 3.29
C ILE B 27 5.25 5.93 3.79
N LYS B 28 4.66 7.12 3.97
CA LYS B 28 5.39 8.29 4.43
C LYS B 28 5.52 8.30 5.95
N LEU B 29 6.71 7.90 6.44
CA LEU B 29 7.01 7.85 7.87
C LEU B 29 7.32 9.25 8.42
N ASN B 30 7.09 9.39 9.72
CA ASN B 30 7.38 10.61 10.49
C ASN B 30 8.89 10.68 10.79
N LYS B 31 9.64 11.05 9.75
CA LYS B 31 11.11 11.18 9.82
C LYS B 31 11.48 12.67 9.89
N THR B 32 12.71 13.03 9.47
CA THR B 32 13.15 14.44 9.37
C THR B 32 12.13 15.28 8.56
N THR B 33 11.77 16.47 9.08
CA THR B 33 10.82 17.37 8.43
C THR B 33 11.48 17.98 7.17
N VAL B 34 11.33 17.27 6.04
CA VAL B 34 11.85 17.70 4.74
C VAL B 34 10.82 18.63 4.06
N LEU B 35 11.21 19.90 3.84
CA LEU B 35 10.34 20.93 3.25
C LEU B 35 10.39 20.85 1.71
N GLU B 36 9.47 21.57 1.06
CA GLU B 36 9.38 21.61 -0.41
C GLU B 36 10.45 22.53 -1.01
N ASN B 37 10.93 22.15 -2.22
CA ASN B 37 11.86 22.99 -3.02
C ASN B 37 11.04 24.12 -3.70
N ASN B 38 11.71 25.21 -4.08
CA ASN B 38 11.06 26.38 -4.72
C ASN B 38 11.47 26.47 -6.19
N ASP B 39 10.48 26.28 -7.08
CA ASP B 39 10.64 26.48 -8.53
C ASP B 39 10.70 28.00 -8.83
N GLY B 40 11.34 28.35 -9.95
CA GLY B 40 11.53 29.76 -10.33
C GLY B 40 11.41 29.96 -11.83
N LYS B 41 10.45 29.25 -12.45
CA LYS B 41 10.12 29.41 -13.87
C LYS B 41 8.60 29.62 -14.04
N ARG B 42 8.22 30.54 -14.94
CA ARG B 42 6.81 30.81 -15.31
C ARG B 42 6.71 30.91 -16.83
N ALA B 43 5.88 30.03 -17.45
CA ALA B 43 5.77 29.84 -18.92
C ALA B 43 7.06 29.22 -19.51
N GLU B 44 6.93 28.56 -20.67
CA GLU B 44 8.07 27.96 -21.40
C GLU B 44 8.58 28.97 -22.44
N GLU B 45 7.81 29.13 -23.53
CA GLU B 45 8.12 30.11 -24.58
C GLU B 45 7.37 31.43 -24.31
N LYS B 46 7.85 32.50 -24.95
CA LYS B 46 7.21 33.83 -24.92
C LYS B 46 5.85 33.80 -25.67
N PRO B 47 4.81 34.58 -25.22
CA PRO B 47 3.49 34.61 -25.90
C PRO B 47 3.55 35.16 -27.34
N GLU B 48 4.41 36.17 -27.56
CA GLU B 48 4.52 36.84 -28.88
C GLU B 48 5.33 36.00 -29.88
N SER B 49 4.62 35.10 -30.57
CA SER B 49 5.13 34.34 -31.72
C SER B 49 4.79 35.06 -33.04
N LYS B 50 3.94 36.12 -32.92
CA LYS B 50 3.48 36.99 -34.03
C LYS B 50 2.71 36.17 -35.09
N SER B 51 1.38 36.06 -34.87
CA SER B 51 0.47 35.28 -35.74
C SER B 51 0.29 35.96 -37.13
N PRO B 52 0.73 35.30 -38.25
CA PRO B 52 0.59 35.85 -39.61
C PRO B 52 -0.74 35.44 -40.27
N ALA B 53 -1.85 36.00 -39.75
CA ALA B 53 -3.21 35.69 -40.21
C ALA B 53 -3.87 36.92 -40.86
N LYS B 54 -4.31 36.75 -42.12
CA LYS B 54 -5.04 37.77 -42.90
C LYS B 54 -6.37 37.18 -43.39
N LYS B 55 -7.48 37.84 -43.03
CA LYS B 55 -8.85 37.41 -43.39
C LYS B 55 -9.21 37.79 -44.83
N THR B 56 -8.55 38.85 -45.36
CA THR B 56 -8.73 39.33 -46.74
C THR B 56 -7.84 38.53 -47.72
N ALA B 57 -8.02 37.20 -47.72
CA ALA B 57 -7.27 36.26 -48.58
C ALA B 57 -8.22 35.17 -49.11
N ALA B 58 -8.36 35.09 -50.44
CA ALA B 58 -9.27 34.12 -51.09
C ALA B 58 -8.66 32.71 -51.09
N LYS B 59 -9.06 31.89 -50.10
CA LYS B 59 -8.56 30.51 -49.92
C LYS B 59 -9.11 29.61 -51.06
N LYS A 2 -11.82 -14.29 -5.26
CA LYS A 2 -11.93 -14.33 -3.79
C LYS A 2 -12.33 -12.94 -3.25
N GLY A 3 -13.03 -12.95 -2.10
CA GLY A 3 -13.49 -11.73 -1.44
C GLY A 3 -13.11 -11.76 0.03
N SER A 4 -11.87 -11.32 0.32
CA SER A 4 -11.33 -11.27 1.70
C SER A 4 -10.47 -10.00 1.85
N VAL A 5 -9.32 -10.00 1.17
CA VAL A 5 -8.36 -8.88 1.18
C VAL A 5 -8.50 -8.03 -0.08
N ASP A 6 -8.47 -6.70 0.10
CA ASP A 6 -8.40 -5.74 -0.99
C ASP A 6 -7.01 -5.07 -0.96
N LEU A 7 -6.29 -5.15 -2.09
CA LEU A 7 -4.89 -4.73 -2.18
C LEU A 7 -4.75 -3.18 -2.29
N GLU A 8 -5.70 -2.51 -3.00
CA GLU A 8 -5.63 -1.03 -3.19
C GLU A 8 -6.06 -0.31 -1.89
N LYS A 9 -7.14 -0.79 -1.24
CA LYS A 9 -7.58 -0.25 0.07
C LYS A 9 -6.54 -0.59 1.18
N LEU A 10 -5.75 -1.67 0.96
CA LEU A 10 -4.62 -2.02 1.85
C LEU A 10 -3.54 -0.93 1.73
N ALA A 11 -3.11 -0.66 0.48
CA ALA A 11 -2.02 0.31 0.17
C ALA A 11 -2.38 1.74 0.58
N PHE A 12 -3.43 2.26 -0.05
CA PHE A 12 -3.97 3.60 0.20
C PHE A 12 -4.48 3.74 1.65
N GLY A 13 -4.87 2.61 2.26
CA GLY A 13 -5.32 2.59 3.66
C GLY A 13 -4.19 2.79 4.68
N LEU A 14 -3.06 2.08 4.48
CA LEU A 14 -1.92 2.11 5.43
C LEU A 14 -1.15 3.43 5.37
N THR A 15 -1.09 4.06 4.18
CA THR A 15 -0.32 5.30 3.96
C THR A 15 -1.10 6.53 4.48
N LYS A 16 -2.45 6.39 4.60
CA LYS A 16 -3.32 7.48 5.09
C LYS A 16 -3.54 7.39 6.61
N LEU A 17 -2.99 6.32 7.24
CA LEU A 17 -3.02 6.13 8.72
C LEU A 17 -2.23 7.23 9.44
N ASN A 18 -2.54 7.41 10.73
CA ASN A 18 -1.87 8.39 11.60
C ASN A 18 -0.47 7.91 12.00
N GLU A 19 0.29 8.81 12.66
CA GLU A 19 1.71 8.65 13.05
C GLU A 19 2.06 7.21 13.55
N ASP A 20 1.51 6.85 14.70
CA ASP A 20 1.81 5.56 15.38
C ASP A 20 1.33 4.33 14.57
N ASP A 21 0.23 4.50 13.81
CA ASP A 21 -0.42 3.40 13.05
C ASP A 21 0.36 3.05 11.77
N LEU A 22 0.86 4.07 11.06
CA LEU A 22 1.68 3.86 9.84
C LEU A 22 3.05 3.25 10.23
N VAL A 23 3.53 3.60 11.45
CA VAL A 23 4.71 2.98 12.07
C VAL A 23 4.42 1.49 12.35
N GLY A 24 3.24 1.21 12.93
CA GLY A 24 2.82 -0.17 13.23
C GLY A 24 2.80 -1.06 11.99
N VAL A 25 2.40 -0.46 10.85
CA VAL A 25 2.42 -1.12 9.53
C VAL A 25 3.85 -1.50 9.11
N VAL A 26 4.78 -0.50 9.12
CA VAL A 26 6.17 -0.71 8.65
C VAL A 26 6.93 -1.67 9.57
N GLN A 27 6.48 -1.78 10.85
CA GLN A 27 7.06 -2.71 11.84
C GLN A 27 6.62 -4.16 11.54
N MET A 28 5.35 -4.34 11.12
CA MET A 28 4.79 -5.68 10.80
C MET A 28 5.43 -6.23 9.51
N VAL A 29 5.55 -5.39 8.47
CA VAL A 29 6.10 -5.80 7.18
C VAL A 29 7.63 -6.06 7.27
N THR A 30 8.36 -5.28 8.11
CA THR A 30 9.82 -5.46 8.28
C THR A 30 10.13 -6.68 9.19
N ASP A 31 9.26 -6.93 10.19
CA ASP A 31 9.44 -8.03 11.17
C ASP A 31 9.40 -9.38 10.45
N ASN A 32 8.37 -9.54 9.61
CA ASN A 32 8.10 -10.78 8.88
C ASN A 32 8.50 -10.60 7.40
N LYS A 33 9.56 -9.81 7.13
CA LYS A 33 10.02 -9.53 5.76
C LYS A 33 10.44 -10.84 5.08
N THR A 34 9.64 -11.25 4.08
CA THR A 34 9.86 -12.47 3.29
C THR A 34 10.55 -12.10 1.94
N PRO A 35 11.26 -13.06 1.27
CA PRO A 35 11.86 -12.83 -0.07
C PRO A 35 10.78 -12.69 -1.18
N GLU A 36 9.53 -13.01 -0.80
CA GLU A 36 8.33 -12.80 -1.65
C GLU A 36 8.08 -11.29 -1.82
N MET A 37 7.68 -10.63 -0.70
CA MET A 37 7.40 -9.17 -0.66
C MET A 37 8.64 -8.34 -1.02
N ASN A 38 8.42 -7.20 -1.70
CA ASN A 38 9.54 -6.34 -2.16
C ASN A 38 9.52 -5.03 -1.37
N VAL A 39 10.56 -4.74 -0.56
CA VAL A 39 10.62 -3.50 0.25
C VAL A 39 11.85 -2.67 -0.14
N THR A 40 11.70 -1.34 -0.08
CA THR A 40 12.78 -0.38 -0.30
C THR A 40 12.51 0.89 0.55
N ASN A 41 13.18 0.99 1.71
CA ASN A 41 13.05 2.16 2.59
C ASN A 41 13.85 3.34 2.01
N ASN A 42 13.12 4.37 1.54
CA ASN A 42 13.71 5.64 1.12
C ASN A 42 13.68 6.61 2.32
N VAL A 43 14.82 6.71 3.03
CA VAL A 43 14.96 7.61 4.21
C VAL A 43 14.95 9.09 3.81
N GLU A 44 15.18 9.37 2.50
CA GLU A 44 15.26 10.74 1.96
C GLU A 44 13.90 11.44 2.09
N GLU A 45 12.87 10.77 1.56
CA GLU A 45 11.48 11.24 1.64
C GLU A 45 10.80 10.72 2.92
N GLY A 46 11.44 9.74 3.60
CA GLY A 46 10.89 9.13 4.80
C GLY A 46 9.68 8.26 4.49
N GLU A 47 9.92 7.17 3.76
CA GLU A 47 8.85 6.28 3.28
C GLU A 47 9.35 4.83 3.11
N PHE A 48 8.40 3.90 3.05
CA PHE A 48 8.64 2.47 2.86
C PHE A 48 8.00 2.06 1.53
N ILE A 49 8.81 2.01 0.47
CA ILE A 49 8.35 1.65 -0.88
C ILE A 49 8.26 0.11 -0.97
N ILE A 50 7.11 -0.45 -0.53
CA ILE A 50 6.89 -1.90 -0.43
C ILE A 50 5.74 -2.36 -1.35
N ASP A 51 6.08 -3.27 -2.27
CA ASP A 51 5.14 -4.02 -3.13
C ASP A 51 4.43 -5.07 -2.27
N LEU A 52 3.19 -4.72 -1.88
CA LEU A 52 2.26 -5.58 -1.11
C LEU A 52 1.75 -6.73 -1.99
N TYR A 53 1.87 -6.55 -3.30
CA TYR A 53 1.37 -7.47 -4.34
C TYR A 53 2.04 -8.86 -4.24
N SER A 54 3.20 -8.91 -3.54
CA SER A 54 4.00 -10.12 -3.35
C SER A 54 4.02 -10.59 -1.87
N LEU A 55 3.22 -9.92 -0.99
CA LEU A 55 3.05 -10.36 0.42
C LEU A 55 2.43 -11.78 0.47
N PRO A 56 2.93 -12.68 1.40
CA PRO A 56 2.24 -13.96 1.69
C PRO A 56 0.81 -13.72 2.21
N GLU A 57 -0.05 -14.74 2.06
CA GLU A 57 -1.48 -14.65 2.46
C GLU A 57 -1.62 -14.23 3.92
N GLY A 58 -0.74 -14.79 4.78
CA GLY A 58 -0.70 -14.47 6.21
C GLY A 58 -0.51 -12.98 6.49
N LEU A 59 0.46 -12.36 5.76
CA LEU A 59 0.79 -10.93 5.95
C LEU A 59 -0.27 -10.01 5.35
N LEU A 60 -0.71 -10.26 4.09
CA LEU A 60 -1.74 -9.39 3.46
C LEU A 60 -3.09 -9.48 4.19
N LYS A 61 -3.33 -10.60 4.94
CA LYS A 61 -4.49 -10.73 5.85
C LYS A 61 -4.29 -9.90 7.15
N SER A 62 -3.08 -9.98 7.74
CA SER A 62 -2.74 -9.27 8.99
C SER A 62 -2.79 -7.73 8.80
N LEU A 63 -2.13 -7.27 7.73
CA LEU A 63 -2.04 -5.84 7.36
C LEU A 63 -3.42 -5.32 6.93
N TRP A 64 -4.20 -6.14 6.18
CA TRP A 64 -5.56 -5.76 5.73
C TRP A 64 -6.49 -5.57 6.94
N ASP A 65 -6.60 -6.62 7.76
CA ASP A 65 -7.40 -6.62 9.01
C ASP A 65 -7.11 -5.37 9.86
N TYR A 66 -5.82 -5.06 9.98
CA TYR A 66 -5.33 -3.90 10.73
C TYR A 66 -5.89 -2.59 10.11
N VAL A 67 -5.52 -2.31 8.85
CA VAL A 67 -5.84 -1.02 8.20
C VAL A 67 -7.37 -0.85 8.03
N LYS A 68 -8.11 -1.96 7.81
CA LYS A 68 -9.55 -1.93 7.55
C LYS A 68 -10.34 -1.58 8.84
N LYS A 69 -9.79 -1.99 10.01
CA LYS A 69 -10.40 -1.67 11.34
C LYS A 69 -9.84 -0.35 11.91
N ASN A 70 -8.76 0.20 11.31
CA ASN A 70 -8.12 1.46 11.79
C ASN A 70 -8.34 2.67 10.83
N THR A 71 -8.97 2.46 9.64
CA THR A 71 -9.28 3.58 8.70
C THR A 71 -10.77 3.96 8.73
N GLU A 72 -11.64 2.98 9.09
CA GLU A 72 -13.11 3.16 9.11
C GLU A 72 -13.54 4.25 10.11
N GLU B 2 -34.15 -6.16 6.65
CA GLU B 2 -33.72 -4.76 6.65
C GLU B 2 -33.57 -4.22 5.22
N VAL B 3 -32.92 -5.01 4.35
CA VAL B 3 -32.62 -4.64 2.95
C VAL B 3 -33.38 -5.56 1.98
N LYS B 4 -34.12 -4.93 1.06
CA LYS B 4 -34.90 -5.63 0.00
C LYS B 4 -34.15 -5.52 -1.34
N SER B 5 -32.81 -5.39 -1.25
CA SER B 5 -31.92 -5.18 -2.38
C SER B 5 -31.93 -6.37 -3.37
N SER B 6 -32.17 -6.07 -4.66
CA SER B 6 -32.14 -7.05 -5.75
C SER B 6 -30.72 -7.13 -6.35
N SER B 7 -30.39 -8.31 -6.90
CA SER B 7 -29.08 -8.60 -7.48
C SER B 7 -28.97 -8.03 -8.90
N VAL B 8 -28.13 -6.98 -9.09
CA VAL B 8 -27.70 -6.53 -10.43
C VAL B 8 -26.54 -7.44 -10.89
N GLU B 9 -26.71 -8.08 -12.05
CA GLU B 9 -25.71 -9.03 -12.59
C GLU B 9 -24.49 -8.27 -13.15
N ILE B 10 -23.32 -8.87 -13.00
CA ILE B 10 -22.03 -8.27 -13.37
C ILE B 10 -21.00 -9.42 -13.57
N ILE B 11 -21.06 -10.02 -14.78
CA ILE B 11 -20.16 -11.11 -15.18
C ILE B 11 -19.01 -10.50 -16.01
N ASN B 12 -17.96 -10.05 -15.31
CA ASN B 12 -16.75 -9.50 -15.92
C ASN B 12 -15.62 -9.57 -14.88
N GLY B 13 -14.40 -9.86 -15.36
CA GLY B 13 -13.22 -10.01 -14.49
C GLY B 13 -11.93 -9.89 -15.29
N SER B 14 -10.99 -9.07 -14.80
CA SER B 14 -9.69 -8.85 -15.43
C SER B 14 -8.80 -10.10 -15.24
N GLU B 15 -8.63 -10.89 -16.31
CA GLU B 15 -7.77 -12.10 -16.28
C GLU B 15 -7.06 -12.28 -17.63
N SER B 16 -5.74 -12.53 -17.57
CA SER B 16 -4.90 -12.88 -18.72
C SER B 16 -3.61 -13.53 -18.19
N LYS B 17 -2.86 -14.22 -19.07
CA LYS B 17 -1.56 -14.84 -18.73
C LYS B 17 -0.44 -13.80 -18.66
N LYS B 18 -0.72 -12.58 -19.14
CA LYS B 18 0.25 -11.48 -19.20
C LYS B 18 0.58 -10.96 -17.78
N LYS B 19 1.87 -10.67 -17.57
CA LYS B 19 2.40 -10.20 -16.28
C LYS B 19 1.87 -8.78 -15.97
N LYS B 20 1.20 -8.61 -14.81
CA LYS B 20 0.59 -7.34 -14.39
C LYS B 20 1.57 -6.54 -13.50
N PRO B 21 1.52 -5.16 -13.54
CA PRO B 21 2.33 -4.31 -12.63
C PRO B 21 1.93 -4.50 -11.14
N LYS B 22 2.93 -4.46 -10.26
CA LYS B 22 2.73 -4.62 -8.82
C LYS B 22 2.20 -3.32 -8.20
N LEU B 23 1.20 -3.47 -7.32
CA LEU B 23 0.59 -2.37 -6.57
C LEU B 23 1.52 -2.07 -5.37
N THR B 24 2.39 -1.08 -5.59
CA THR B 24 3.37 -0.63 -4.60
C THR B 24 2.75 0.49 -3.77
N VAL B 25 3.29 0.70 -2.57
CA VAL B 25 2.90 1.82 -1.71
C VAL B 25 4.13 2.44 -1.05
N LYS B 26 4.11 3.77 -0.92
CA LYS B 26 5.13 4.55 -0.22
C LYS B 26 4.55 4.99 1.13
N ILE B 27 4.89 4.21 2.16
CA ILE B 27 4.35 4.39 3.51
C ILE B 27 5.09 5.54 4.18
N LYS B 28 4.47 6.72 4.21
CA LYS B 28 5.13 7.95 4.67
C LYS B 28 5.37 7.93 6.20
N LEU B 29 6.62 7.62 6.60
CA LEU B 29 7.08 7.71 8.00
C LEU B 29 7.11 9.19 8.44
N ASN B 30 6.69 9.42 9.68
CA ASN B 30 6.70 10.75 10.33
C ASN B 30 8.16 11.19 10.65
N LYS B 31 8.86 11.68 9.62
CA LYS B 31 10.24 12.18 9.75
C LYS B 31 10.23 13.69 9.96
N THR B 32 11.32 14.22 10.52
CA THR B 32 11.48 15.66 10.78
C THR B 32 11.65 16.43 9.43
N THR B 33 10.50 16.73 8.81
CA THR B 33 10.39 17.43 7.53
C THR B 33 9.25 18.46 7.62
N VAL B 34 9.54 19.72 7.26
CA VAL B 34 8.58 20.83 7.34
C VAL B 34 7.55 20.71 6.18
N LEU B 35 6.45 19.98 6.44
CA LEU B 35 5.32 19.81 5.52
C LEU B 35 4.02 20.22 6.22
N GLU B 36 3.04 20.77 5.47
CA GLU B 36 1.82 21.32 6.07
C GLU B 36 0.77 20.22 6.31
N ASN B 37 -0.19 20.08 5.37
CA ASN B 37 -1.31 19.12 5.50
C ASN B 37 -1.05 17.94 4.57
N ASN B 38 -0.52 18.27 3.36
CA ASN B 38 -0.23 17.30 2.27
C ASN B 38 -1.52 16.61 1.77
N ASP B 39 -2.65 17.35 1.91
CA ASP B 39 -4.03 16.94 1.53
C ASP B 39 -4.43 15.50 1.95
N GLY B 40 -5.62 15.05 1.49
CA GLY B 40 -6.12 13.70 1.77
C GLY B 40 -7.41 13.73 2.58
N LYS B 41 -8.40 12.92 2.14
CA LYS B 41 -9.70 12.76 2.84
C LYS B 41 -9.68 11.44 3.60
N ARG B 42 -10.33 11.41 4.77
CA ARG B 42 -10.33 10.26 5.68
C ARG B 42 -11.23 9.14 5.13
N ALA B 43 -12.51 9.46 4.90
CA ALA B 43 -13.49 8.52 4.33
C ALA B 43 -13.89 8.95 2.91
N GLU B 44 -13.10 8.49 1.94
CA GLU B 44 -13.34 8.74 0.50
C GLU B 44 -14.38 7.74 0.00
N GLU B 45 -14.20 6.48 0.43
CA GLU B 45 -15.17 5.41 0.23
C GLU B 45 -15.95 5.16 1.53
N LYS B 46 -17.00 4.36 1.40
CA LYS B 46 -17.83 3.87 2.51
C LYS B 46 -17.08 2.70 3.20
N PRO B 47 -17.23 2.50 4.57
CA PRO B 47 -16.45 1.48 5.33
C PRO B 47 -16.63 0.04 4.78
N GLU B 48 -17.82 -0.56 5.03
CA GLU B 48 -18.15 -1.93 4.58
C GLU B 48 -19.65 -2.07 4.34
N SER B 49 -20.00 -3.15 3.62
CA SER B 49 -21.37 -3.67 3.49
C SER B 49 -21.56 -4.89 4.45
N LYS B 50 -20.45 -5.29 5.10
CA LYS B 50 -20.42 -6.43 6.05
C LYS B 50 -20.52 -5.90 7.49
N SER B 51 -21.41 -6.51 8.29
CA SER B 51 -21.52 -6.24 9.73
C SER B 51 -20.76 -7.35 10.50
N PRO B 52 -19.51 -7.09 11.00
CA PRO B 52 -18.71 -8.11 11.73
C PRO B 52 -19.32 -8.39 13.13
N ALA B 53 -20.32 -9.26 13.14
CA ALA B 53 -21.15 -9.57 14.33
C ALA B 53 -20.58 -10.78 15.11
N LYS B 54 -19.23 -10.80 15.24
CA LYS B 54 -18.47 -11.87 15.93
C LYS B 54 -18.70 -13.25 15.28
N LYS B 55 -18.97 -13.23 13.96
CA LYS B 55 -19.21 -14.44 13.15
C LYS B 55 -17.89 -15.18 12.95
N THR B 56 -17.65 -16.20 13.79
CA THR B 56 -16.40 -16.98 13.82
C THR B 56 -16.71 -18.49 14.02
N ALA B 57 -15.63 -19.30 14.15
CA ALA B 57 -15.70 -20.78 14.38
C ALA B 57 -16.38 -21.51 13.20
N ALA B 58 -16.31 -20.89 12.00
CA ALA B 58 -16.89 -21.41 10.76
C ALA B 58 -16.02 -22.56 10.21
N LYS B 59 -14.73 -22.29 10.03
CA LYS B 59 -13.69 -23.31 9.74
C LYS B 59 -12.68 -23.24 10.90
N LYS A 2 -14.23 -16.35 2.87
CA LYS A 2 -13.00 -16.16 2.07
C LYS A 2 -12.32 -14.85 2.48
N GLY A 3 -10.97 -14.87 2.58
CA GLY A 3 -10.20 -13.69 2.97
C GLY A 3 -9.89 -12.77 1.80
N SER A 4 -10.94 -12.13 1.26
CA SER A 4 -10.81 -11.20 0.13
C SER A 4 -10.13 -9.89 0.59
N VAL A 5 -8.78 -9.87 0.50
CA VAL A 5 -7.99 -8.69 0.82
C VAL A 5 -8.04 -7.70 -0.35
N ASP A 6 -8.74 -6.59 -0.15
CA ASP A 6 -8.69 -5.45 -1.07
C ASP A 6 -7.28 -4.86 -1.02
N LEU A 7 -6.46 -5.14 -2.05
CA LEU A 7 -5.08 -4.67 -2.14
C LEU A 7 -5.06 -3.14 -2.30
N GLU A 8 -6.13 -2.60 -2.94
CA GLU A 8 -6.31 -1.14 -3.13
C GLU A 8 -6.63 -0.44 -1.79
N LYS A 9 -7.62 -0.95 -1.03
CA LYS A 9 -7.98 -0.39 0.30
C LYS A 9 -6.85 -0.68 1.32
N LEU A 10 -6.05 -1.74 1.06
CA LEU A 10 -4.86 -2.07 1.87
C LEU A 10 -3.83 -0.94 1.71
N ALA A 11 -3.41 -0.70 0.44
CA ALA A 11 -2.37 0.30 0.09
C ALA A 11 -2.78 1.72 0.50
N PHE A 12 -3.90 2.18 -0.07
CA PHE A 12 -4.46 3.52 0.17
C PHE A 12 -4.89 3.70 1.64
N GLY A 13 -5.27 2.59 2.31
CA GLY A 13 -5.70 2.62 3.71
C GLY A 13 -4.54 2.79 4.69
N LEU A 14 -3.40 2.11 4.44
CA LEU A 14 -2.25 2.13 5.37
C LEU A 14 -1.42 3.42 5.23
N THR A 15 -1.42 4.02 4.02
CA THR A 15 -0.65 5.26 3.75
C THR A 15 -1.42 6.51 4.26
N LYS A 16 -2.76 6.38 4.42
CA LYS A 16 -3.61 7.47 4.95
C LYS A 16 -3.69 7.41 6.50
N LEU A 17 -3.20 6.30 7.09
CA LEU A 17 -3.08 6.14 8.56
C LEU A 17 -2.09 7.15 9.14
N ASN A 18 -2.35 7.60 10.39
CA ASN A 18 -1.53 8.63 11.06
C ASN A 18 -0.20 8.07 11.57
N GLU A 19 0.56 8.93 12.28
CA GLU A 19 1.91 8.64 12.86
C GLU A 19 2.02 7.19 13.41
N ASP A 20 1.32 6.93 14.52
CA ASP A 20 1.36 5.64 15.26
C ASP A 20 1.01 4.41 14.37
N ASP A 21 -0.05 4.57 13.55
CA ASP A 21 -0.62 3.44 12.77
C ASP A 21 0.26 3.08 11.56
N LEU A 22 0.79 4.09 10.85
CA LEU A 22 1.69 3.86 9.69
C LEU A 22 3.01 3.23 10.16
N VAL A 23 3.42 3.58 11.42
CA VAL A 23 4.57 2.95 12.08
C VAL A 23 4.27 1.46 12.31
N GLY A 24 3.10 1.16 12.90
CA GLY A 24 2.69 -0.23 13.16
C GLY A 24 2.68 -1.09 11.88
N VAL A 25 2.25 -0.49 10.77
CA VAL A 25 2.25 -1.13 9.43
C VAL A 25 3.69 -1.44 8.96
N VAL A 26 4.57 -0.41 8.94
CA VAL A 26 5.94 -0.56 8.44
C VAL A 26 6.76 -1.52 9.32
N GLN A 27 6.42 -1.58 10.62
CA GLN A 27 7.07 -2.48 11.58
C GLN A 27 6.68 -3.94 11.28
N MET A 28 5.38 -4.19 11.02
CA MET A 28 4.88 -5.56 10.73
C MET A 28 5.48 -6.10 9.43
N VAL A 29 5.53 -5.26 8.38
CA VAL A 29 6.06 -5.68 7.07
C VAL A 29 7.59 -5.87 7.12
N THR A 30 8.32 -5.02 7.89
CA THR A 30 9.81 -5.07 7.91
C THR A 30 10.33 -6.12 8.91
N ASP A 31 9.50 -6.44 9.94
CA ASP A 31 9.86 -7.42 10.99
C ASP A 31 9.71 -8.85 10.44
N ASN A 32 8.54 -9.10 9.86
CA ASN A 32 8.18 -10.41 9.29
C ASN A 32 8.54 -10.47 7.79
N LYS A 33 9.49 -9.59 7.35
CA LYS A 33 9.82 -9.41 5.94
C LYS A 33 10.25 -10.73 5.27
N THR A 34 9.66 -11.00 4.11
CA THR A 34 9.93 -12.21 3.31
C THR A 34 10.73 -11.82 2.05
N PRO A 35 11.41 -12.80 1.36
CA PRO A 35 12.13 -12.52 0.08
C PRO A 35 11.14 -12.24 -1.08
N GLU A 36 9.83 -12.42 -0.81
CA GLU A 36 8.74 -12.21 -1.76
C GLU A 36 8.44 -10.69 -1.89
N MET A 37 7.98 -10.09 -0.77
CA MET A 37 7.56 -8.67 -0.69
C MET A 37 8.67 -7.72 -1.13
N ASN A 38 8.30 -6.69 -1.92
CA ASN A 38 9.30 -5.80 -2.57
C ASN A 38 9.35 -4.45 -1.85
N VAL A 39 10.06 -4.41 -0.71
CA VAL A 39 10.22 -3.17 0.08
C VAL A 39 11.48 -2.42 -0.34
N THR A 40 11.35 -1.09 -0.41
CA THR A 40 12.46 -0.16 -0.65
C THR A 40 12.33 0.98 0.35
N ASN A 41 12.98 0.81 1.50
CA ASN A 41 12.96 1.80 2.58
C ASN A 41 13.96 2.91 2.26
N ASN A 42 13.47 4.01 1.65
CA ASN A 42 14.29 5.19 1.39
C ASN A 42 14.25 6.09 2.63
N VAL A 43 15.28 5.96 3.48
CA VAL A 43 15.39 6.69 4.75
C VAL A 43 15.79 8.18 4.55
N GLU A 44 16.09 8.55 3.29
CA GLU A 44 16.39 9.95 2.92
C GLU A 44 15.12 10.80 2.97
N GLU A 45 14.04 10.26 2.37
CA GLU A 45 12.70 10.86 2.43
C GLU A 45 11.92 10.34 3.63
N GLY A 46 12.35 9.18 4.17
CA GLY A 46 11.65 8.51 5.25
C GLY A 46 10.36 7.87 4.77
N GLU A 47 10.50 6.85 3.91
CA GLU A 47 9.37 6.18 3.25
C GLU A 47 9.65 4.69 3.01
N PHE A 48 8.58 3.89 3.04
CA PHE A 48 8.60 2.46 2.69
C PHE A 48 7.86 2.25 1.36
N ILE A 49 8.64 2.20 0.28
CA ILE A 49 8.12 1.86 -1.05
C ILE A 49 8.00 0.32 -1.10
N ILE A 50 6.91 -0.21 -0.52
CA ILE A 50 6.73 -1.67 -0.29
C ILE A 50 5.58 -2.20 -1.15
N ASP A 51 5.87 -3.27 -1.91
CA ASP A 51 4.88 -3.95 -2.74
C ASP A 51 4.20 -5.04 -1.92
N LEU A 52 2.90 -4.78 -1.68
CA LEU A 52 2.01 -5.65 -0.92
C LEU A 52 1.52 -6.82 -1.79
N TYR A 53 1.64 -6.64 -3.12
CA TYR A 53 1.19 -7.62 -4.12
C TYR A 53 2.03 -8.92 -4.04
N SER A 54 3.24 -8.79 -3.45
CA SER A 54 4.15 -9.92 -3.22
C SER A 54 4.26 -10.26 -1.72
N LEU A 55 3.44 -9.63 -0.84
CA LEU A 55 3.31 -10.08 0.57
C LEU A 55 2.71 -11.52 0.59
N PRO A 56 3.16 -12.41 1.52
CA PRO A 56 2.51 -13.74 1.73
C PRO A 56 1.08 -13.57 2.27
N GLU A 57 0.26 -14.60 2.12
CA GLU A 57 -1.14 -14.59 2.59
C GLU A 57 -1.22 -14.23 4.09
N GLY A 58 -0.28 -14.77 4.87
CA GLY A 58 -0.20 -14.49 6.31
C GLY A 58 -0.10 -13.00 6.63
N LEU A 59 0.80 -12.30 5.92
CA LEU A 59 1.05 -10.86 6.12
C LEU A 59 -0.05 -9.99 5.52
N LEU A 60 -0.44 -10.21 4.24
CA LEU A 60 -1.46 -9.36 3.58
C LEU A 60 -2.84 -9.48 4.27
N LYS A 61 -3.08 -10.62 4.98
CA LYS A 61 -4.29 -10.80 5.81
C LYS A 61 -4.19 -10.02 7.14
N SER A 62 -3.03 -10.11 7.82
CA SER A 62 -2.79 -9.44 9.13
C SER A 62 -2.78 -7.90 8.99
N LEU A 63 -2.04 -7.43 7.98
CA LEU A 63 -1.98 -6.02 7.59
C LEU A 63 -3.37 -5.51 7.18
N TRP A 64 -4.11 -6.31 6.38
CA TRP A 64 -5.46 -5.96 5.93
C TRP A 64 -6.40 -5.76 7.11
N ASP A 65 -6.52 -6.80 7.94
CA ASP A 65 -7.32 -6.80 9.19
C ASP A 65 -7.06 -5.52 10.02
N TYR A 66 -5.77 -5.21 10.21
CA TYR A 66 -5.32 -4.03 10.96
C TYR A 66 -5.83 -2.74 10.31
N VAL A 67 -5.39 -2.48 9.07
CA VAL A 67 -5.62 -1.19 8.40
C VAL A 67 -7.10 -0.98 8.07
N LYS A 68 -7.86 -2.08 7.90
CA LYS A 68 -9.28 -2.01 7.52
C LYS A 68 -10.09 -1.52 8.74
N LYS A 69 -9.85 -2.12 9.93
CA LYS A 69 -10.57 -1.76 11.17
C LYS A 69 -10.07 -0.39 11.72
N ASN A 70 -8.88 0.03 11.24
CA ASN A 70 -8.27 1.34 11.60
C ASN A 70 -8.75 2.47 10.64
N THR A 71 -9.59 2.13 9.64
CA THR A 71 -10.12 3.13 8.68
C THR A 71 -11.67 3.15 8.65
N GLU A 72 -12.30 1.97 8.81
CA GLU A 72 -13.79 1.86 8.75
C GLU A 72 -14.42 2.08 10.14
N GLU B 2 -10.43 16.43 4.54
CA GLU B 2 -9.58 16.16 5.70
C GLU B 2 -9.97 17.05 6.88
N VAL B 3 -9.92 16.48 8.10
CA VAL B 3 -10.29 17.18 9.36
C VAL B 3 -9.07 17.90 9.99
N LYS B 4 -7.84 17.50 9.60
CA LYS B 4 -6.59 18.02 10.18
C LYS B 4 -6.30 19.44 9.67
N SER B 5 -5.85 19.55 8.42
CA SER B 5 -5.48 20.85 7.80
C SER B 5 -6.31 21.11 6.52
N SER B 6 -7.09 20.08 6.09
CA SER B 6 -8.00 20.12 4.91
C SER B 6 -7.21 20.20 3.58
N SER B 7 -7.33 19.14 2.76
CA SER B 7 -6.59 19.01 1.50
C SER B 7 -7.00 20.09 0.46
N VAL B 8 -6.18 21.15 0.35
CA VAL B 8 -6.39 22.21 -0.66
C VAL B 8 -5.75 21.79 -2.01
N GLU B 9 -6.56 21.77 -3.08
CA GLU B 9 -6.11 21.31 -4.40
C GLU B 9 -5.91 22.51 -5.33
N ILE B 10 -4.64 22.90 -5.48
CA ILE B 10 -4.17 23.89 -6.48
C ILE B 10 -3.08 23.25 -7.36
N ILE B 11 -2.72 21.99 -7.02
CA ILE B 11 -1.71 21.21 -7.74
C ILE B 11 -2.41 20.28 -8.75
N ASN B 12 -1.96 20.35 -10.01
CA ASN B 12 -2.44 19.50 -11.08
C ASN B 12 -1.58 18.24 -11.15
N GLY B 13 -1.98 17.23 -10.35
CA GLY B 13 -1.37 15.91 -10.39
C GLY B 13 -1.89 15.10 -11.57
N SER B 14 -1.49 15.52 -12.79
CA SER B 14 -1.98 14.96 -14.05
C SER B 14 -1.50 13.51 -14.26
N GLU B 15 -2.27 12.56 -13.67
CA GLU B 15 -1.99 11.11 -13.72
C GLU B 15 -0.73 10.75 -12.89
N SER B 16 -0.39 9.45 -12.87
CA SER B 16 0.84 8.93 -12.23
C SER B 16 1.65 8.18 -13.29
N LYS B 17 1.04 7.11 -13.84
CA LYS B 17 1.52 6.34 -15.00
C LYS B 17 2.85 5.60 -14.72
N LYS B 18 3.31 4.84 -15.75
CA LYS B 18 4.54 4.00 -15.68
C LYS B 18 4.43 2.98 -14.54
N LYS B 19 3.17 2.57 -14.29
CA LYS B 19 2.75 1.79 -13.14
C LYS B 19 2.89 0.29 -13.46
N LYS B 20 3.66 -0.43 -12.64
CA LYS B 20 3.87 -1.88 -12.81
C LYS B 20 2.56 -2.65 -12.46
N PRO B 21 2.33 -3.87 -13.06
CA PRO B 21 1.09 -4.68 -12.82
C PRO B 21 0.91 -5.13 -11.34
N LYS B 22 1.94 -4.89 -10.52
CA LYS B 22 1.90 -5.08 -9.06
C LYS B 22 1.53 -3.76 -8.36
N LEU B 23 0.65 -3.83 -7.35
CA LEU B 23 0.15 -2.65 -6.60
C LEU B 23 1.11 -2.39 -5.41
N THR B 24 2.06 -1.48 -5.66
CA THR B 24 3.03 -1.01 -4.67
C THR B 24 2.49 0.26 -3.99
N VAL B 25 2.89 0.47 -2.72
CA VAL B 25 2.52 1.66 -1.94
C VAL B 25 3.79 2.32 -1.39
N LYS B 26 3.78 3.66 -1.33
CA LYS B 26 4.88 4.44 -0.75
C LYS B 26 4.37 5.05 0.58
N ILE B 27 4.65 4.35 1.68
CA ILE B 27 4.23 4.76 3.03
C ILE B 27 5.14 5.90 3.50
N LYS B 28 4.57 7.08 3.78
CA LYS B 28 5.35 8.23 4.28
C LYS B 28 5.40 8.23 5.82
N LEU B 29 6.62 8.03 6.36
CA LEU B 29 6.86 7.94 7.81
C LEU B 29 7.08 9.33 8.42
N ASN B 30 6.81 9.43 9.72
CA ASN B 30 7.09 10.62 10.53
C ASN B 30 8.59 10.68 10.87
N LYS B 31 9.29 11.62 10.21
CA LYS B 31 10.75 11.80 10.35
C LYS B 31 11.06 13.27 10.66
N THR B 32 12.27 13.73 10.31
CA THR B 32 12.63 15.16 10.37
C THR B 32 11.95 15.93 9.21
N THR B 33 12.15 17.26 9.18
CA THR B 33 11.48 18.15 8.23
C THR B 33 12.06 18.00 6.79
N VAL B 34 11.54 17.00 6.06
CA VAL B 34 11.82 16.80 4.62
C VAL B 34 10.93 17.76 3.82
N LEU B 35 11.53 18.85 3.33
CA LEU B 35 10.78 20.01 2.81
C LEU B 35 11.10 20.28 1.32
N GLU B 36 10.12 20.94 0.66
CA GLU B 36 10.24 21.52 -0.69
C GLU B 36 10.52 20.49 -1.80
N ASN B 37 10.32 19.19 -1.50
CA ASN B 37 10.46 18.12 -2.50
C ASN B 37 9.06 17.70 -2.93
N ASN B 38 8.52 18.41 -3.94
CA ASN B 38 7.14 18.25 -4.42
C ASN B 38 7.16 17.64 -5.84
N ASP B 39 6.27 16.69 -6.07
CA ASP B 39 6.09 16.01 -7.36
C ASP B 39 4.59 15.79 -7.60
N GLY B 40 4.04 16.48 -8.61
CA GLY B 40 2.60 16.51 -8.87
C GLY B 40 2.09 15.22 -9.51
N LYS B 41 1.71 14.24 -8.67
CA LYS B 41 1.03 12.99 -9.08
C LYS B 41 -0.30 12.86 -8.32
N ARG B 42 -1.24 12.10 -8.89
CA ARG B 42 -2.54 11.81 -8.25
C ARG B 42 -3.13 10.53 -8.86
N ALA B 43 -3.98 9.84 -8.08
CA ALA B 43 -4.61 8.57 -8.47
C ALA B 43 -5.48 8.72 -9.75
N GLU B 44 -5.29 7.80 -10.69
CA GLU B 44 -6.00 7.80 -11.99
C GLU B 44 -7.34 7.08 -11.87
N GLU B 45 -7.36 6.03 -11.02
CA GLU B 45 -8.55 5.21 -10.71
C GLU B 45 -8.98 4.35 -11.93
N LYS B 46 -9.75 3.27 -11.67
CA LYS B 46 -10.37 2.46 -12.75
C LYS B 46 -11.79 3.03 -13.03
N PRO B 47 -12.27 3.04 -14.33
CA PRO B 47 -13.65 3.49 -14.65
C PRO B 47 -14.73 2.54 -14.08
N GLU B 48 -14.50 1.23 -14.25
CA GLU B 48 -15.39 0.18 -13.72
C GLU B 48 -14.59 -0.75 -12.78
N SER B 49 -13.74 -1.63 -13.37
CA SER B 49 -12.94 -2.61 -12.62
C SER B 49 -11.61 -2.90 -13.34
N LYS B 50 -11.71 -3.14 -14.67
CA LYS B 50 -10.59 -3.62 -15.52
C LYS B 50 -10.09 -5.00 -15.03
N SER B 51 -10.69 -6.09 -15.56
CA SER B 51 -10.32 -7.48 -15.21
C SER B 51 -8.82 -7.74 -15.52
N PRO B 52 -7.98 -8.08 -14.49
CA PRO B 52 -6.54 -8.37 -14.69
C PRO B 52 -6.31 -9.60 -15.60
N ALA B 53 -5.37 -9.45 -16.56
CA ALA B 53 -5.02 -10.52 -17.53
C ALA B 53 -6.22 -10.87 -18.46
N LYS B 54 -6.07 -11.97 -19.21
CA LYS B 54 -7.12 -12.50 -20.10
C LYS B 54 -7.44 -13.95 -19.69
N LYS B 55 -8.72 -14.34 -19.89
CA LYS B 55 -9.21 -15.71 -19.62
C LYS B 55 -8.56 -16.74 -20.58
N THR B 56 -8.31 -17.95 -20.07
CA THR B 56 -7.82 -19.09 -20.87
C THR B 56 -8.94 -20.14 -21.02
N ALA B 57 -9.22 -20.54 -22.29
CA ALA B 57 -10.31 -21.46 -22.63
C ALA B 57 -10.01 -22.89 -22.13
N ALA B 58 -10.88 -23.41 -21.24
CA ALA B 58 -10.73 -24.73 -20.62
C ALA B 58 -11.17 -25.87 -21.57
N LYS B 59 -10.45 -27.01 -21.49
CA LYS B 59 -10.67 -28.17 -22.37
C LYS B 59 -11.37 -29.31 -21.58
N LYS A 2 -16.52 -11.67 1.38
CA LYS A 2 -15.51 -11.25 2.40
C LYS A 2 -14.23 -12.09 2.24
N GLY A 3 -13.21 -11.79 3.07
CA GLY A 3 -11.98 -12.59 3.14
C GLY A 3 -10.89 -12.15 2.16
N SER A 4 -11.31 -11.77 0.93
CA SER A 4 -10.41 -11.33 -0.13
C SER A 4 -9.82 -9.95 0.20
N VAL A 5 -8.50 -9.94 0.48
CA VAL A 5 -7.76 -8.71 0.76
C VAL A 5 -7.66 -7.85 -0.50
N ASP A 6 -8.50 -6.80 -0.55
CA ASP A 6 -8.44 -5.77 -1.57
C ASP A 6 -7.12 -5.01 -1.44
N LEU A 7 -6.17 -5.34 -2.33
CA LEU A 7 -4.81 -4.78 -2.31
C LEU A 7 -4.84 -3.24 -2.48
N GLU A 8 -5.85 -2.77 -3.24
CA GLU A 8 -6.15 -1.34 -3.42
C GLU A 8 -6.43 -0.65 -2.05
N LYS A 9 -7.39 -1.19 -1.27
CA LYS A 9 -7.82 -0.60 0.01
C LYS A 9 -6.80 -0.84 1.12
N LEU A 10 -6.01 -1.93 0.96
CA LEU A 10 -4.90 -2.25 1.87
C LEU A 10 -3.83 -1.14 1.78
N ALA A 11 -3.27 -0.99 0.57
CA ALA A 11 -2.18 -0.05 0.27
C ALA A 11 -2.59 1.41 0.58
N PHE A 12 -3.67 1.84 -0.08
CA PHE A 12 -4.20 3.22 0.04
C PHE A 12 -4.76 3.49 1.46
N GLY A 13 -5.13 2.40 2.18
CA GLY A 13 -5.65 2.50 3.55
C GLY A 13 -4.56 2.72 4.60
N LEU A 14 -3.34 2.20 4.36
CA LEU A 14 -2.23 2.29 5.34
C LEU A 14 -1.32 3.51 5.11
N THR A 15 -1.26 4.01 3.87
CA THR A 15 -0.46 5.21 3.54
C THR A 15 -1.12 6.49 4.07
N LYS A 16 -2.46 6.42 4.27
CA LYS A 16 -3.26 7.57 4.78
C LYS A 16 -3.30 7.61 6.33
N LEU A 17 -2.91 6.49 6.98
CA LEU A 17 -2.81 6.41 8.46
C LEU A 17 -1.76 7.42 8.97
N ASN A 18 -2.04 8.03 10.15
CA ASN A 18 -1.13 9.04 10.75
C ASN A 18 0.03 8.37 11.49
N GLU A 19 0.91 9.20 12.10
CA GLU A 19 2.24 8.84 12.64
C GLU A 19 2.29 7.47 13.37
N ASP A 20 1.38 7.24 14.32
CA ASP A 20 1.38 6.08 15.20
C ASP A 20 0.97 4.80 14.45
N ASP A 21 -0.12 4.92 13.69
CA ASP A 21 -0.76 3.78 12.99
C ASP A 21 0.08 3.33 11.78
N LEU A 22 0.73 4.30 11.09
CA LEU A 22 1.59 4.00 9.93
C LEU A 22 2.87 3.27 10.39
N VAL A 23 3.37 3.63 11.61
CA VAL A 23 4.55 2.95 12.21
C VAL A 23 4.21 1.48 12.52
N GLY A 24 3.00 1.24 13.04
CA GLY A 24 2.54 -0.14 13.29
C GLY A 24 2.58 -1.01 12.02
N VAL A 25 2.18 -0.41 10.89
CA VAL A 25 2.25 -1.05 9.56
C VAL A 25 3.70 -1.37 9.17
N VAL A 26 4.58 -0.35 9.20
CA VAL A 26 5.98 -0.48 8.72
C VAL A 26 6.76 -1.51 9.53
N GLN A 27 6.41 -1.63 10.84
CA GLN A 27 7.02 -2.60 11.75
C GLN A 27 6.67 -4.03 11.30
N MET A 28 5.37 -4.30 11.14
CA MET A 28 4.89 -5.67 10.81
C MET A 28 5.44 -6.16 9.45
N VAL A 29 5.52 -5.25 8.45
CA VAL A 29 6.02 -5.61 7.12
C VAL A 29 7.57 -5.77 7.10
N THR A 30 8.32 -4.96 7.90
CA THR A 30 9.79 -4.97 7.89
C THR A 30 10.36 -6.11 8.76
N ASP A 31 9.63 -6.46 9.85
CA ASP A 31 10.04 -7.52 10.78
C ASP A 31 9.83 -8.88 10.12
N ASN A 32 8.61 -9.11 9.60
CA ASN A 32 8.22 -10.39 9.00
C ASN A 32 8.48 -10.39 7.48
N LYS A 33 9.43 -9.53 7.04
CA LYS A 33 9.75 -9.32 5.61
C LYS A 33 10.25 -10.65 4.99
N THR A 34 9.48 -11.14 3.98
CA THR A 34 9.81 -12.37 3.23
C THR A 34 10.46 -11.98 1.87
N PRO A 35 11.25 -12.89 1.21
CA PRO A 35 11.85 -12.58 -0.13
C PRO A 35 10.79 -12.48 -1.26
N GLU A 36 9.54 -12.88 -0.93
CA GLU A 36 8.36 -12.76 -1.81
C GLU A 36 8.00 -11.27 -1.97
N MET A 37 7.62 -10.64 -0.82
CA MET A 37 7.26 -9.21 -0.76
C MET A 37 8.45 -8.33 -1.10
N ASN A 38 8.15 -7.16 -1.66
CA ASN A 38 9.18 -6.21 -2.09
C ASN A 38 9.13 -5.00 -1.15
N VAL A 39 10.29 -4.50 -0.72
CA VAL A 39 10.38 -3.28 0.10
C VAL A 39 11.60 -2.44 -0.33
N THR A 40 11.46 -1.12 -0.22
CA THR A 40 12.56 -0.16 -0.37
C THR A 40 12.33 0.97 0.65
N ASN A 41 12.91 0.80 1.84
CA ASN A 41 12.85 1.81 2.90
C ASN A 41 13.81 2.95 2.57
N ASN A 42 13.29 3.98 1.89
CA ASN A 42 14.07 5.16 1.49
C ASN A 42 13.98 6.20 2.62
N VAL A 43 14.90 6.08 3.60
CA VAL A 43 14.94 6.92 4.81
C VAL A 43 15.35 8.38 4.51
N GLU A 44 15.84 8.62 3.28
CA GLU A 44 16.20 9.96 2.77
C GLU A 44 14.95 10.84 2.66
N GLU A 45 13.89 10.25 2.08
CA GLU A 45 12.57 10.88 2.01
C GLU A 45 11.71 10.47 3.22
N GLY A 46 12.15 9.40 3.94
CA GLY A 46 11.42 8.88 5.10
C GLY A 46 10.16 8.14 4.67
N GLU A 47 10.35 6.99 3.98
CA GLU A 47 9.25 6.25 3.35
C GLU A 47 9.57 4.75 3.20
N PHE A 48 8.50 3.93 3.19
CA PHE A 48 8.53 2.49 2.89
C PHE A 48 7.84 2.24 1.55
N ILE A 49 8.63 2.11 0.50
CA ILE A 49 8.13 1.76 -0.84
C ILE A 49 8.01 0.21 -0.91
N ILE A 50 6.88 -0.31 -0.39
CA ILE A 50 6.68 -1.77 -0.19
C ILE A 50 5.53 -2.27 -1.09
N ASP A 51 5.86 -3.25 -1.95
CA ASP A 51 4.88 -3.96 -2.78
C ASP A 51 4.21 -5.06 -1.96
N LEU A 52 2.89 -4.91 -1.83
CA LEU A 52 2.03 -5.81 -1.06
C LEU A 52 1.38 -6.84 -2.00
N TYR A 53 1.49 -6.57 -3.32
CA TYR A 53 1.02 -7.47 -4.39
C TYR A 53 1.76 -8.83 -4.30
N SER A 54 2.98 -8.78 -3.72
CA SER A 54 3.84 -9.95 -3.51
C SER A 54 3.93 -10.36 -2.01
N LEU A 55 3.10 -9.73 -1.13
CA LEU A 55 2.96 -10.18 0.28
C LEU A 55 2.41 -11.62 0.31
N PRO A 56 2.94 -12.53 1.20
CA PRO A 56 2.31 -13.84 1.46
C PRO A 56 0.92 -13.66 2.10
N GLU A 57 0.05 -14.68 1.95
CA GLU A 57 -1.34 -14.64 2.42
C GLU A 57 -1.39 -14.31 3.93
N GLY A 58 -0.42 -14.85 4.68
CA GLY A 58 -0.29 -14.62 6.12
C GLY A 58 -0.17 -13.14 6.47
N LEU A 59 0.74 -12.44 5.77
CA LEU A 59 1.02 -11.03 6.02
C LEU A 59 -0.09 -10.10 5.50
N LEU A 60 -0.56 -10.30 4.26
CA LEU A 60 -1.61 -9.43 3.66
C LEU A 60 -2.95 -9.56 4.41
N LYS A 61 -3.17 -10.70 5.10
CA LYS A 61 -4.36 -10.90 5.98
C LYS A 61 -4.20 -10.12 7.31
N SER A 62 -3.01 -10.23 7.94
CA SER A 62 -2.70 -9.56 9.22
C SER A 62 -2.71 -8.03 9.06
N LEU A 63 -2.09 -7.55 7.97
CA LEU A 63 -2.03 -6.13 7.61
C LEU A 63 -3.43 -5.60 7.22
N TRP A 64 -4.21 -6.41 6.48
CA TRP A 64 -5.57 -6.03 6.06
C TRP A 64 -6.46 -5.81 7.27
N ASP A 65 -6.55 -6.85 8.12
CA ASP A 65 -7.25 -6.82 9.43
C ASP A 65 -6.93 -5.53 10.21
N TYR A 66 -5.62 -5.23 10.30
CA TYR A 66 -5.10 -4.04 10.99
C TYR A 66 -5.64 -2.74 10.38
N VAL A 67 -5.29 -2.48 9.11
CA VAL A 67 -5.57 -1.21 8.43
C VAL A 67 -7.08 -1.00 8.21
N LYS A 68 -7.84 -2.11 8.11
CA LYS A 68 -9.28 -2.05 7.85
C LYS A 68 -10.04 -1.66 9.12
N LYS A 69 -9.57 -2.12 10.31
CA LYS A 69 -10.16 -1.70 11.60
C LYS A 69 -9.57 -0.34 12.06
N ASN A 70 -8.49 0.11 11.36
CA ASN A 70 -7.86 1.43 11.57
C ASN A 70 -8.49 2.51 10.67
N THR A 71 -9.17 2.09 9.56
CA THR A 71 -9.85 3.02 8.63
C THR A 71 -11.38 3.01 8.82
N GLU A 72 -11.96 1.82 9.01
CA GLU A 72 -13.42 1.65 9.21
C GLU A 72 -13.76 1.86 10.70
N GLU B 2 -33.70 22.83 -24.35
CA GLU B 2 -34.66 22.69 -25.43
C GLU B 2 -34.28 21.52 -26.34
N VAL B 3 -32.96 21.33 -26.54
CA VAL B 3 -32.41 20.21 -27.33
C VAL B 3 -32.25 18.99 -26.43
N LYS B 4 -32.33 17.80 -27.03
CA LYS B 4 -32.25 16.50 -26.33
C LYS B 4 -30.82 15.95 -26.40
N SER B 5 -29.82 16.85 -26.31
CA SER B 5 -28.40 16.49 -26.28
C SER B 5 -28.07 15.87 -24.90
N SER B 6 -28.33 14.56 -24.78
CA SER B 6 -28.12 13.78 -23.55
C SER B 6 -27.76 12.31 -23.87
N SER B 7 -27.77 11.96 -25.17
CA SER B 7 -27.48 10.60 -25.66
C SER B 7 -25.97 10.31 -25.60
N VAL B 8 -25.51 9.80 -24.44
CA VAL B 8 -24.08 9.47 -24.22
C VAL B 8 -23.93 8.03 -23.72
N GLU B 9 -22.82 7.40 -24.13
CA GLU B 9 -22.44 6.04 -23.72
C GLU B 9 -20.95 5.81 -24.08
N ILE B 10 -20.44 4.62 -23.79
CA ILE B 10 -19.04 4.24 -24.11
C ILE B 10 -18.98 2.76 -24.52
N ILE B 11 -18.35 2.50 -25.68
CA ILE B 11 -18.10 1.14 -26.18
C ILE B 11 -16.93 0.56 -25.38
N ASN B 12 -17.24 -0.35 -24.44
CA ASN B 12 -16.27 -0.98 -23.54
C ASN B 12 -16.22 -2.49 -23.83
N GLY B 13 -15.07 -2.95 -24.34
CA GLY B 13 -14.78 -4.37 -24.52
C GLY B 13 -13.38 -4.70 -24.02
N SER B 14 -12.92 -3.91 -23.02
CA SER B 14 -11.52 -3.90 -22.53
C SER B 14 -11.25 -5.00 -21.48
N GLU B 15 -12.15 -6.00 -21.37
CA GLU B 15 -11.95 -7.16 -20.48
C GLU B 15 -10.89 -8.09 -21.11
N SER B 16 -9.62 -7.75 -20.85
CA SER B 16 -8.46 -8.55 -21.27
C SER B 16 -7.80 -9.15 -20.03
N LYS B 17 -7.67 -10.49 -19.99
CA LYS B 17 -6.99 -11.20 -18.89
C LYS B 17 -5.46 -11.11 -19.07
N LYS B 18 -4.95 -9.91 -18.80
CA LYS B 18 -3.53 -9.56 -18.92
C LYS B 18 -2.89 -9.58 -17.52
N LYS B 19 -1.55 -9.47 -17.46
CA LYS B 19 -0.82 -9.32 -16.19
C LYS B 19 -1.12 -7.93 -15.61
N LYS B 20 -2.10 -7.89 -14.69
CA LYS B 20 -2.53 -6.68 -13.98
C LYS B 20 -1.33 -6.12 -13.16
N PRO B 21 -0.98 -4.80 -13.32
CA PRO B 21 0.27 -4.19 -12.77
C PRO B 21 0.43 -4.35 -11.24
N LYS B 22 1.68 -4.20 -10.78
CA LYS B 22 2.07 -4.34 -9.38
C LYS B 22 1.59 -3.11 -8.60
N LEU B 23 1.06 -3.36 -7.39
CA LEU B 23 0.52 -2.29 -6.53
C LEU B 23 1.48 -2.12 -5.34
N THR B 24 2.48 -1.25 -5.56
CA THR B 24 3.50 -0.90 -4.57
C THR B 24 3.10 0.42 -3.89
N VAL B 25 2.95 0.39 -2.57
CA VAL B 25 2.58 1.58 -1.77
C VAL B 25 3.85 2.30 -1.30
N LYS B 26 3.69 3.55 -0.86
CA LYS B 26 4.77 4.37 -0.30
C LYS B 26 4.28 5.00 1.02
N ILE B 27 4.64 4.36 2.13
CA ILE B 27 4.24 4.80 3.49
C ILE B 27 5.14 5.94 3.96
N LYS B 28 4.61 7.16 4.10
CA LYS B 28 5.40 8.34 4.52
C LYS B 28 5.50 8.40 6.05
N LEU B 29 6.71 8.08 6.57
CA LEU B 29 6.99 8.07 8.03
C LEU B 29 7.05 9.49 8.61
N ASN B 30 6.76 9.58 9.92
CA ASN B 30 6.80 10.84 10.67
C ASN B 30 8.26 11.28 10.93
N LYS B 31 8.81 12.00 9.95
CA LYS B 31 10.17 12.57 10.02
C LYS B 31 10.11 13.98 10.60
N THR B 32 11.24 14.45 11.17
CA THR B 32 11.36 15.84 11.67
C THR B 32 11.54 16.78 10.46
N THR B 33 10.43 16.98 9.74
CA THR B 33 10.35 17.74 8.49
C THR B 33 9.00 18.47 8.47
N VAL B 34 9.03 19.81 8.32
CA VAL B 34 7.81 20.62 8.27
C VAL B 34 7.19 20.54 6.85
N LEU B 35 6.43 19.46 6.62
CA LEU B 35 5.75 19.20 5.35
C LEU B 35 4.25 19.34 5.54
N GLU B 36 3.61 20.00 4.59
CA GLU B 36 2.17 20.29 4.63
C GLU B 36 1.39 19.16 3.95
N ASN B 37 1.06 18.12 4.74
CA ASN B 37 0.33 16.92 4.25
C ASN B 37 -0.42 16.24 5.42
N ASN B 38 -0.83 17.04 6.43
CA ASN B 38 -1.54 16.53 7.62
C ASN B 38 -3.03 16.28 7.28
N ASP B 39 -3.27 15.19 6.54
CA ASP B 39 -4.61 14.74 6.13
C ASP B 39 -4.52 13.29 5.61
N GLY B 40 -5.59 12.53 5.84
CA GLY B 40 -5.66 11.14 5.44
C GLY B 40 -6.57 10.37 6.37
N LYS B 41 -6.03 10.03 7.54
CA LYS B 41 -6.76 9.34 8.62
C LYS B 41 -6.29 9.88 9.98
N ARG B 42 -7.19 10.64 10.63
CA ARG B 42 -7.08 10.96 12.06
C ARG B 42 -7.35 9.66 12.83
N ALA B 43 -6.40 9.26 13.70
CA ALA B 43 -6.45 7.98 14.42
C ALA B 43 -7.73 7.89 15.27
N GLU B 44 -8.70 7.13 14.76
CA GLU B 44 -10.00 6.91 15.41
C GLU B 44 -9.80 6.16 16.74
N GLU B 45 -8.66 5.42 16.82
CA GLU B 45 -8.12 4.82 18.05
C GLU B 45 -8.97 3.61 18.49
N LYS B 46 -8.34 2.68 19.25
CA LYS B 46 -9.03 1.51 19.77
C LYS B 46 -9.89 1.94 21.00
N PRO B 47 -11.26 1.86 20.90
CA PRO B 47 -12.19 2.34 21.96
C PRO B 47 -11.90 1.65 23.31
N GLU B 48 -11.84 0.31 23.25
CA GLU B 48 -11.40 -0.52 24.37
C GLU B 48 -9.92 -0.88 24.11
N SER B 49 -9.02 -0.05 24.68
CA SER B 49 -7.59 -0.05 24.34
C SER B 49 -6.89 -1.37 24.69
N LYS B 50 -7.22 -1.94 25.88
CA LYS B 50 -6.71 -3.26 26.27
C LYS B 50 -7.50 -4.36 25.52
N SER B 51 -6.91 -4.87 24.43
CA SER B 51 -7.50 -5.96 23.63
C SER B 51 -6.48 -7.12 23.50
N PRO B 52 -6.33 -7.99 24.55
CA PRO B 52 -5.50 -9.20 24.46
C PRO B 52 -6.24 -10.30 23.65
N ALA B 53 -5.59 -10.79 22.60
CA ALA B 53 -6.15 -11.84 21.72
C ALA B 53 -5.36 -13.14 21.90
N LYS B 54 -6.06 -14.23 22.31
CA LYS B 54 -5.45 -15.58 22.41
C LYS B 54 -5.22 -16.14 21.00
N LYS B 55 -4.11 -15.70 20.39
CA LYS B 55 -3.72 -16.03 19.01
C LYS B 55 -2.73 -17.22 19.01
N THR B 56 -3.28 -18.43 18.92
CA THR B 56 -2.48 -19.68 18.97
C THR B 56 -3.16 -20.77 18.12
N ALA B 57 -2.32 -21.62 17.51
CA ALA B 57 -2.74 -22.72 16.64
C ALA B 57 -1.61 -23.75 16.57
N ALA B 58 -1.89 -24.99 17.03
CA ALA B 58 -0.86 -26.06 17.20
C ALA B 58 0.20 -25.59 18.24
N LYS B 59 1.49 -25.96 18.06
CA LYS B 59 2.58 -25.57 18.98
C LYS B 59 3.94 -25.48 18.22
N LYS A 2 -16.58 -10.13 3.57
CA LYS A 2 -15.24 -9.99 4.16
C LYS A 2 -14.32 -11.13 3.70
N GLY A 3 -13.04 -11.09 4.11
CA GLY A 3 -12.03 -12.08 3.72
C GLY A 3 -11.27 -11.68 2.46
N SER A 4 -11.97 -10.98 1.54
CA SER A 4 -11.39 -10.41 0.34
C SER A 4 -10.39 -9.29 0.71
N VAL A 5 -9.09 -9.60 0.60
CA VAL A 5 -8.03 -8.61 0.78
C VAL A 5 -7.96 -7.68 -0.43
N ASP A 6 -8.65 -6.54 -0.28
CA ASP A 6 -8.57 -5.43 -1.21
C ASP A 6 -7.16 -4.82 -1.10
N LEU A 7 -6.27 -5.22 -2.02
CA LEU A 7 -4.85 -4.81 -2.02
C LEU A 7 -4.76 -3.27 -2.20
N GLU A 8 -5.72 -2.71 -2.96
CA GLU A 8 -5.84 -1.26 -3.19
C GLU A 8 -6.26 -0.53 -1.90
N LYS A 9 -7.37 -0.96 -1.24
CA LYS A 9 -7.84 -0.35 0.03
C LYS A 9 -6.83 -0.63 1.16
N LEU A 10 -5.98 -1.66 0.99
CA LEU A 10 -4.91 -2.00 1.95
C LEU A 10 -3.80 -0.93 1.86
N ALA A 11 -3.24 -0.77 0.63
CA ALA A 11 -2.13 0.15 0.34
C ALA A 11 -2.51 1.61 0.65
N PHE A 12 -3.63 2.05 0.09
CA PHE A 12 -4.21 3.38 0.33
C PHE A 12 -4.68 3.51 1.80
N GLY A 13 -5.10 2.38 2.40
CA GLY A 13 -5.56 2.35 3.80
C GLY A 13 -4.45 2.59 4.82
N LEU A 14 -3.27 1.98 4.58
CA LEU A 14 -2.13 2.09 5.51
C LEU A 14 -1.40 3.44 5.41
N THR A 15 -1.38 4.03 4.20
CA THR A 15 -0.68 5.31 3.96
C THR A 15 -1.54 6.52 4.39
N LYS A 16 -2.87 6.31 4.53
CA LYS A 16 -3.80 7.35 5.03
C LYS A 16 -3.88 7.34 6.56
N LEU A 17 -3.35 6.26 7.19
CA LEU A 17 -3.30 6.12 8.65
C LEU A 17 -2.41 7.20 9.31
N ASN A 18 -2.68 7.45 10.60
CA ASN A 18 -1.95 8.45 11.42
C ASN A 18 -0.55 7.95 11.80
N GLU A 19 0.22 8.80 12.51
CA GLU A 19 1.61 8.56 12.97
C GLU A 19 1.82 7.12 13.49
N ASP A 20 1.19 6.81 14.62
CA ASP A 20 1.33 5.52 15.34
C ASP A 20 0.95 4.33 14.46
N ASP A 21 -0.07 4.51 13.62
CA ASP A 21 -0.67 3.44 12.82
C ASP A 21 0.16 3.09 11.56
N LEU A 22 0.67 4.12 10.86
CA LEU A 22 1.52 3.92 9.66
C LEU A 22 2.87 3.30 10.07
N VAL A 23 3.32 3.64 11.31
CA VAL A 23 4.51 3.01 11.92
C VAL A 23 4.20 1.54 12.23
N GLY A 24 3.03 1.28 12.84
CA GLY A 24 2.59 -0.09 13.17
C GLY A 24 2.59 -1.01 11.94
N VAL A 25 2.22 -0.43 10.79
CA VAL A 25 2.27 -1.10 9.47
C VAL A 25 3.73 -1.45 9.07
N VAL A 26 4.61 -0.42 9.04
CA VAL A 26 6.01 -0.60 8.58
C VAL A 26 6.79 -1.55 9.52
N GLN A 27 6.34 -1.63 10.79
CA GLN A 27 6.92 -2.53 11.80
C GLN A 27 6.54 -3.98 11.53
N MET A 28 5.27 -4.23 11.18
CA MET A 28 4.77 -5.59 10.88
C MET A 28 5.42 -6.14 9.60
N VAL A 29 5.59 -5.27 8.60
CA VAL A 29 6.17 -5.69 7.31
C VAL A 29 7.72 -5.79 7.37
N THR A 30 8.38 -5.08 8.34
CA THR A 30 9.87 -5.17 8.49
C THR A 30 10.24 -6.34 9.45
N ASP A 31 9.36 -6.63 10.41
CA ASP A 31 9.56 -7.72 11.39
C ASP A 31 9.40 -9.09 10.71
N ASN A 32 8.33 -9.21 9.92
CA ASN A 32 7.99 -10.47 9.21
C ASN A 32 8.38 -10.34 7.72
N LYS A 33 9.44 -9.56 7.45
CA LYS A 33 9.89 -9.23 6.09
C LYS A 33 10.29 -10.49 5.32
N THR A 34 9.58 -10.80 4.21
CA THR A 34 9.88 -11.98 3.36
C THR A 34 10.73 -11.54 2.15
N PRO A 35 11.56 -12.44 1.54
CA PRO A 35 12.33 -12.09 0.32
C PRO A 35 11.43 -11.84 -0.92
N GLU A 36 10.15 -12.22 -0.79
CA GLU A 36 9.12 -12.12 -1.86
C GLU A 36 8.65 -10.65 -2.01
N MET A 37 8.17 -10.06 -0.89
CA MET A 37 7.64 -8.67 -0.83
C MET A 37 8.69 -7.65 -1.29
N ASN A 38 8.25 -6.67 -2.12
CA ASN A 38 9.20 -5.74 -2.78
C ASN A 38 9.28 -4.43 -1.99
N VAL A 39 10.01 -4.47 -0.87
CA VAL A 39 10.21 -3.31 0.01
C VAL A 39 11.42 -2.48 -0.46
N THR A 40 11.29 -1.15 -0.38
CA THR A 40 12.36 -0.20 -0.71
C THR A 40 12.26 1.00 0.25
N ASN A 41 12.97 0.91 1.38
CA ASN A 41 13.04 2.01 2.35
C ASN A 41 14.01 3.08 1.83
N ASN A 42 13.43 4.17 1.30
CA ASN A 42 14.19 5.35 0.92
C ASN A 42 14.35 6.23 2.17
N VAL A 43 15.50 6.12 2.84
CA VAL A 43 15.82 6.87 4.07
C VAL A 43 16.05 8.37 3.81
N GLU A 44 16.22 8.74 2.52
CA GLU A 44 16.36 10.15 2.10
C GLU A 44 15.08 10.94 2.45
N GLU A 45 13.95 10.39 2.00
CA GLU A 45 12.62 10.97 2.22
C GLU A 45 11.91 10.33 3.43
N GLY A 46 12.50 9.22 3.96
CA GLY A 46 11.92 8.49 5.09
C GLY A 46 10.59 7.84 4.73
N GLU A 47 10.64 6.88 3.79
CA GLU A 47 9.45 6.25 3.20
C GLU A 47 9.72 4.74 2.91
N PHE A 48 8.71 3.90 3.15
CA PHE A 48 8.74 2.46 2.83
C PHE A 48 7.96 2.20 1.54
N ILE A 49 8.69 2.17 0.42
CA ILE A 49 8.13 1.86 -0.89
C ILE A 49 8.01 0.31 -1.01
N ILE A 50 6.93 -0.25 -0.44
CA ILE A 50 6.75 -1.71 -0.28
C ILE A 50 5.56 -2.21 -1.11
N ASP A 51 5.79 -3.34 -1.80
CA ASP A 51 4.77 -4.01 -2.61
C ASP A 51 4.16 -5.18 -1.83
N LEU A 52 2.82 -5.12 -1.71
CA LEU A 52 2.01 -6.09 -0.96
C LEU A 52 1.45 -7.17 -1.89
N TYR A 53 1.57 -6.94 -3.22
CA TYR A 53 1.17 -7.91 -4.25
C TYR A 53 2.00 -9.20 -4.11
N SER A 54 3.25 -9.02 -3.62
CA SER A 54 4.22 -10.10 -3.39
C SER A 54 4.30 -10.52 -1.91
N LEU A 55 3.40 -9.97 -1.05
CA LEU A 55 3.26 -10.44 0.34
C LEU A 55 2.61 -11.85 0.35
N PRO A 56 3.02 -12.76 1.30
CA PRO A 56 2.28 -14.02 1.56
C PRO A 56 0.88 -13.75 2.12
N GLU A 57 -0.02 -14.75 1.99
CA GLU A 57 -1.43 -14.64 2.42
C GLU A 57 -1.52 -14.20 3.89
N GLY A 58 -0.65 -14.79 4.73
CA GLY A 58 -0.61 -14.51 6.16
C GLY A 58 -0.45 -13.02 6.47
N LEU A 59 0.49 -12.38 5.76
CA LEU A 59 0.83 -10.96 5.98
C LEU A 59 -0.21 -10.02 5.37
N LEU A 60 -0.62 -10.25 4.12
CA LEU A 60 -1.63 -9.37 3.47
C LEU A 60 -3.00 -9.47 4.16
N LYS A 61 -3.26 -10.60 4.88
CA LYS A 61 -4.45 -10.74 5.76
C LYS A 61 -4.27 -9.92 7.06
N SER A 62 -3.10 -10.06 7.71
CA SER A 62 -2.76 -9.34 8.98
C SER A 62 -2.85 -7.82 8.80
N LEU A 63 -2.22 -7.35 7.72
CA LEU A 63 -2.13 -5.94 7.36
C LEU A 63 -3.52 -5.41 6.92
N TRP A 64 -4.30 -6.23 6.17
CA TRP A 64 -5.65 -5.85 5.70
C TRP A 64 -6.58 -5.65 6.89
N ASP A 65 -6.73 -6.71 7.69
CA ASP A 65 -7.55 -6.71 8.93
C ASP A 65 -7.20 -5.52 9.82
N TYR A 66 -5.89 -5.26 9.96
CA TYR A 66 -5.37 -4.13 10.75
C TYR A 66 -5.90 -2.80 10.20
N VAL A 67 -5.53 -2.47 8.94
CA VAL A 67 -5.81 -1.15 8.36
C VAL A 67 -7.32 -0.91 8.21
N LYS A 68 -8.08 -1.98 7.92
CA LYS A 68 -9.53 -1.88 7.64
C LYS A 68 -10.30 -1.52 8.91
N LYS A 69 -9.88 -2.07 10.07
CA LYS A 69 -10.56 -1.79 11.35
C LYS A 69 -10.07 -0.46 11.96
N ASN A 70 -8.79 -0.10 11.70
CA ASN A 70 -8.15 1.11 12.28
C ASN A 70 -8.42 2.39 11.45
N THR A 71 -8.88 2.23 10.19
CA THR A 71 -9.32 3.38 9.35
C THR A 71 -10.72 3.86 9.78
N GLU A 72 -11.48 2.95 10.42
CA GLU A 72 -12.87 3.22 10.85
C GLU A 72 -12.92 4.17 12.05
N GLU B 2 -21.95 -34.62 -58.32
CA GLU B 2 -21.14 -33.48 -57.94
C GLU B 2 -21.53 -32.99 -56.53
N VAL B 3 -20.66 -33.26 -55.54
CA VAL B 3 -20.81 -32.71 -54.18
C VAL B 3 -20.24 -31.28 -54.15
N LYS B 4 -21.13 -30.28 -53.96
CA LYS B 4 -20.76 -28.85 -53.94
C LYS B 4 -20.10 -28.50 -52.59
N SER B 5 -18.80 -28.82 -52.49
CA SER B 5 -17.95 -28.52 -51.33
C SER B 5 -17.03 -27.35 -51.66
N SER B 6 -17.43 -26.14 -51.22
CA SER B 6 -16.73 -24.88 -51.52
C SER B 6 -16.84 -23.94 -50.31
N SER B 7 -16.72 -24.53 -49.09
CA SER B 7 -16.83 -23.78 -47.83
C SER B 7 -15.70 -22.74 -47.70
N VAL B 8 -16.06 -21.45 -47.87
CA VAL B 8 -15.12 -20.33 -47.72
C VAL B 8 -14.68 -20.24 -46.23
N GLU B 9 -13.39 -20.42 -45.99
CA GLU B 9 -12.80 -20.39 -44.65
C GLU B 9 -12.34 -18.97 -44.31
N ILE B 10 -12.68 -18.51 -43.08
CA ILE B 10 -12.35 -17.16 -42.61
C ILE B 10 -10.88 -17.07 -42.13
N ILE B 11 -10.40 -18.17 -41.50
CA ILE B 11 -9.11 -18.24 -40.78
C ILE B 11 -9.05 -17.10 -39.72
N ASN B 12 -9.58 -17.37 -38.50
CA ASN B 12 -9.64 -16.36 -37.41
C ASN B 12 -9.23 -16.98 -36.07
N GLY B 13 -8.87 -16.11 -35.11
CA GLY B 13 -8.42 -16.51 -33.79
C GLY B 13 -8.09 -15.30 -32.95
N SER B 14 -9.10 -14.80 -32.22
CA SER B 14 -9.00 -13.56 -31.43
C SER B 14 -8.07 -13.74 -30.22
N GLU B 15 -7.12 -12.80 -30.06
CA GLU B 15 -6.15 -12.78 -28.96
C GLU B 15 -6.10 -11.36 -28.40
N SER B 16 -6.36 -11.23 -27.09
CA SER B 16 -6.46 -9.92 -26.40
C SER B 16 -5.58 -9.92 -25.13
N LYS B 17 -4.82 -8.84 -24.91
CA LYS B 17 -3.84 -8.72 -23.81
C LYS B 17 -4.38 -7.81 -22.68
N LYS B 18 -3.85 -8.04 -21.46
CA LYS B 18 -4.15 -7.25 -20.26
C LYS B 18 -2.86 -6.61 -19.71
N LYS B 19 -2.98 -5.94 -18.56
CA LYS B 19 -1.83 -5.40 -17.81
C LYS B 19 -1.80 -6.02 -16.40
N LYS B 20 -0.60 -6.36 -15.91
CA LYS B 20 -0.42 -6.94 -14.55
C LYS B 20 0.54 -6.06 -13.73
N PRO B 21 0.04 -4.95 -13.11
CA PRO B 21 0.87 -4.07 -12.27
C PRO B 21 0.89 -4.51 -10.79
N LYS B 22 2.08 -4.55 -10.20
CA LYS B 22 2.25 -4.76 -8.75
C LYS B 22 1.95 -3.44 -8.02
N LEU B 23 1.09 -3.53 -7.00
CA LEU B 23 0.55 -2.35 -6.30
C LEU B 23 1.47 -2.02 -5.11
N THR B 24 2.51 -1.27 -5.44
CA THR B 24 3.56 -0.86 -4.51
C THR B 24 3.18 0.51 -3.91
N VAL B 25 3.01 0.54 -2.59
CA VAL B 25 2.67 1.77 -1.85
C VAL B 25 3.94 2.43 -1.29
N LYS B 26 3.98 3.75 -1.32
CA LYS B 26 5.05 4.54 -0.73
C LYS B 26 4.56 5.10 0.62
N ILE B 27 4.85 4.35 1.71
CA ILE B 27 4.41 4.72 3.06
C ILE B 27 5.28 5.86 3.59
N LYS B 28 4.72 7.05 3.69
CA LYS B 28 5.43 8.22 4.22
C LYS B 28 5.46 8.17 5.76
N LEU B 29 6.65 7.86 6.32
CA LEU B 29 6.87 7.81 7.77
C LEU B 29 6.97 9.23 8.34
N ASN B 30 6.55 9.38 9.60
CA ASN B 30 6.69 10.64 10.35
C ASN B 30 8.16 10.86 10.75
N LYS B 31 8.91 11.43 9.79
CA LYS B 31 10.34 11.74 9.92
C LYS B 31 10.55 13.24 10.12
N THR B 32 11.79 13.73 9.87
CA THR B 32 12.10 15.15 9.91
C THR B 32 11.28 15.90 8.82
N THR B 33 10.54 16.95 9.23
CA THR B 33 9.65 17.72 8.34
C THR B 33 10.42 18.84 7.61
N VAL B 34 11.47 18.41 6.90
CA VAL B 34 12.32 19.27 6.09
C VAL B 34 13.04 18.39 5.04
N LEU B 35 13.01 18.84 3.79
CA LEU B 35 13.73 18.19 2.68
C LEU B 35 14.65 19.24 2.04
N GLU B 36 15.96 18.95 2.01
CA GLU B 36 16.96 19.84 1.42
C GLU B 36 16.97 19.65 -0.11
N ASN B 37 15.88 20.16 -0.74
CA ASN B 37 15.62 19.99 -2.17
C ASN B 37 15.12 21.34 -2.72
N ASN B 38 16.05 22.09 -3.32
CA ASN B 38 15.75 23.40 -3.91
C ASN B 38 16.43 23.47 -5.29
N ASP B 39 15.63 23.42 -6.35
CA ASP B 39 16.10 23.37 -7.75
C ASP B 39 15.10 24.10 -8.67
N GLY B 40 15.62 24.79 -9.69
CA GLY B 40 14.79 25.53 -10.63
C GLY B 40 15.61 26.16 -11.73
N LYS B 41 15.45 25.62 -12.96
CA LYS B 41 16.03 26.21 -14.19
C LYS B 41 14.95 27.03 -14.90
N ARG B 42 15.40 27.91 -15.80
CA ARG B 42 14.50 28.79 -16.59
C ARG B 42 14.83 28.69 -18.08
N ALA B 43 13.88 29.10 -18.93
CA ALA B 43 14.09 29.27 -20.36
C ALA B 43 14.99 30.50 -20.59
N GLU B 44 16.29 30.25 -20.86
CA GLU B 44 17.29 31.30 -21.07
C GLU B 44 17.01 32.06 -22.38
N GLU B 45 16.79 31.28 -23.44
CA GLU B 45 16.45 31.78 -24.77
C GLU B 45 14.92 31.92 -24.90
N LYS B 46 14.48 32.81 -25.80
CA LYS B 46 13.04 33.01 -26.10
C LYS B 46 12.47 31.73 -26.79
N PRO B 47 11.23 31.27 -26.39
CA PRO B 47 10.71 29.92 -26.78
C PRO B 47 10.28 29.81 -28.27
N GLU B 48 10.03 30.98 -28.89
CA GLU B 48 9.58 31.10 -30.30
C GLU B 48 10.56 30.41 -31.30
N SER B 49 10.15 29.24 -31.81
CA SER B 49 10.93 28.46 -32.79
C SER B 49 10.07 27.33 -33.40
N LYS B 50 9.44 26.52 -32.52
CA LYS B 50 8.59 25.39 -32.93
C LYS B 50 7.12 25.67 -32.55
N SER B 51 6.41 26.36 -33.44
CA SER B 51 4.99 26.68 -33.28
C SER B 51 4.34 26.70 -34.68
N PRO B 52 3.49 25.68 -35.03
CA PRO B 52 2.76 25.66 -36.31
C PRO B 52 1.80 26.87 -36.43
N ALA B 53 2.04 27.71 -37.44
CA ALA B 53 1.17 28.85 -37.78
C ALA B 53 -0.05 28.36 -38.58
N LYS B 54 -0.91 29.32 -38.99
CA LYS B 54 -2.16 29.06 -39.74
C LYS B 54 -3.20 28.32 -38.87
N LYS B 55 -4.36 28.01 -39.46
CA LYS B 55 -5.47 27.33 -38.77
C LYS B 55 -6.15 26.37 -39.74
N THR B 56 -6.48 25.16 -39.27
CA THR B 56 -7.07 24.11 -40.11
C THR B 56 -8.49 24.49 -40.56
N ALA B 57 -8.58 25.06 -41.78
CA ALA B 57 -9.85 25.42 -42.41
C ALA B 57 -10.44 24.17 -43.10
N ALA B 58 -11.11 23.33 -42.30
CA ALA B 58 -11.67 22.04 -42.73
C ALA B 58 -12.75 22.26 -43.80
N LYS B 59 -12.40 21.98 -45.07
CA LYS B 59 -13.27 22.20 -46.23
C LYS B 59 -13.17 20.98 -47.18
N LYS A 2 -16.95 -8.94 -0.06
CA LYS A 2 -16.37 -10.29 0.17
C LYS A 2 -15.83 -10.44 1.60
N GLY A 3 -15.12 -9.40 2.07
CA GLY A 3 -14.32 -9.47 3.31
C GLY A 3 -12.86 -9.87 3.02
N SER A 4 -12.53 -10.01 1.72
CA SER A 4 -11.20 -10.39 1.23
C SER A 4 -10.25 -9.18 1.26
N VAL A 5 -8.96 -9.45 1.06
CA VAL A 5 -7.93 -8.40 1.02
C VAL A 5 -7.97 -7.66 -0.31
N ASP A 6 -8.71 -6.55 -0.30
CA ASP A 6 -8.67 -5.53 -1.34
C ASP A 6 -7.31 -4.82 -1.24
N LEU A 7 -6.37 -5.18 -2.13
CA LEU A 7 -4.97 -4.68 -2.09
C LEU A 7 -4.94 -3.15 -2.32
N GLU A 8 -5.91 -2.64 -3.10
CA GLU A 8 -6.08 -1.19 -3.36
C GLU A 8 -6.51 -0.45 -2.08
N LYS A 9 -7.57 -0.93 -1.40
CA LYS A 9 -8.04 -0.33 -0.11
C LYS A 9 -7.01 -0.56 1.01
N LEU A 10 -6.20 -1.63 0.88
CA LEU A 10 -5.12 -1.97 1.84
C LEU A 10 -4.01 -0.93 1.73
N ALA A 11 -3.42 -0.81 0.53
CA ALA A 11 -2.28 0.08 0.23
C ALA A 11 -2.61 1.55 0.53
N PHE A 12 -3.73 2.00 -0.06
CA PHE A 12 -4.25 3.37 0.12
C PHE A 12 -4.84 3.60 1.52
N GLY A 13 -5.17 2.50 2.22
CA GLY A 13 -5.67 2.56 3.60
C GLY A 13 -4.56 2.68 4.64
N LEU A 14 -3.39 2.07 4.38
CA LEU A 14 -2.28 2.03 5.35
C LEU A 14 -1.39 3.28 5.24
N THR A 15 -1.32 3.87 4.03
CA THR A 15 -0.52 5.09 3.81
C THR A 15 -1.26 6.33 4.34
N LYS A 16 -2.61 6.25 4.43
CA LYS A 16 -3.43 7.36 4.96
C LYS A 16 -3.55 7.30 6.50
N LEU A 17 -3.04 6.22 7.11
CA LEU A 17 -3.01 6.05 8.57
C LEU A 17 -2.11 7.12 9.23
N ASN A 18 -2.45 7.47 10.48
CA ASN A 18 -1.71 8.45 11.30
C ASN A 18 -0.36 7.87 11.77
N GLU A 19 0.47 8.72 12.40
CA GLU A 19 1.90 8.43 12.72
C GLU A 19 2.11 7.07 13.43
N ASP A 20 1.22 6.74 14.38
CA ASP A 20 1.32 5.51 15.20
C ASP A 20 1.05 4.27 14.34
N ASP A 21 -0.02 4.35 13.56
CA ASP A 21 -0.55 3.23 12.78
C ASP A 21 0.30 2.94 11.54
N LEU A 22 0.85 4.00 10.90
CA LEU A 22 1.73 3.82 9.72
C LEU A 22 3.06 3.19 10.16
N VAL A 23 3.53 3.52 11.40
CA VAL A 23 4.69 2.85 12.02
C VAL A 23 4.39 1.37 12.26
N GLY A 24 3.20 1.07 12.82
CA GLY A 24 2.77 -0.31 13.06
C GLY A 24 2.77 -1.16 11.78
N VAL A 25 2.30 -0.54 10.68
CA VAL A 25 2.29 -1.16 9.34
C VAL A 25 3.71 -1.48 8.86
N VAL A 26 4.58 -0.43 8.82
CA VAL A 26 5.94 -0.55 8.28
C VAL A 26 6.81 -1.50 9.12
N GLN A 27 6.45 -1.65 10.41
CA GLN A 27 7.13 -2.58 11.32
C GLN A 27 6.73 -4.02 11.01
N MET A 28 5.41 -4.31 10.93
CA MET A 28 4.92 -5.70 10.71
C MET A 28 5.45 -6.28 9.38
N VAL A 29 5.60 -5.42 8.36
CA VAL A 29 6.13 -5.84 7.05
C VAL A 29 7.67 -6.02 7.08
N THR A 30 8.41 -5.15 7.83
CA THR A 30 9.91 -5.19 7.83
C THR A 30 10.45 -6.21 8.86
N ASP A 31 9.65 -6.55 9.87
CA ASP A 31 10.00 -7.51 10.93
C ASP A 31 9.69 -8.94 10.47
N ASN A 32 8.62 -9.09 9.67
CA ASN A 32 8.26 -10.38 9.05
C ASN A 32 8.64 -10.36 7.54
N LYS A 33 9.69 -9.58 7.21
CA LYS A 33 10.11 -9.33 5.81
C LYS A 33 10.47 -10.64 5.08
N THR A 34 9.74 -10.91 3.99
CA THR A 34 9.90 -12.10 3.16
C THR A 34 10.78 -11.77 1.93
N PRO A 35 11.43 -12.77 1.25
CA PRO A 35 12.31 -12.50 0.06
C PRO A 35 11.49 -12.08 -1.19
N GLU A 36 10.17 -12.30 -1.14
CA GLU A 36 9.25 -12.02 -2.26
C GLU A 36 8.84 -10.54 -2.26
N MET A 37 8.31 -10.05 -1.10
CA MET A 37 7.80 -8.67 -0.94
C MET A 37 8.81 -7.61 -1.38
N ASN A 38 8.34 -6.54 -2.07
CA ASN A 38 9.25 -5.54 -2.65
C ASN A 38 9.33 -4.31 -1.73
N VAL A 39 10.00 -4.48 -0.57
CA VAL A 39 10.20 -3.39 0.40
C VAL A 39 11.46 -2.59 0.05
N THR A 40 11.34 -1.26 0.08
CA THR A 40 12.44 -0.33 -0.18
C THR A 40 12.27 0.90 0.71
N ASN A 41 12.95 0.86 1.86
CA ASN A 41 12.97 1.98 2.82
C ASN A 41 13.94 3.06 2.33
N ASN A 42 13.38 4.15 1.75
CA ASN A 42 14.17 5.31 1.36
C ASN A 42 14.21 6.30 2.55
N VAL A 43 15.29 6.22 3.33
CA VAL A 43 15.50 7.06 4.54
C VAL A 43 15.71 8.56 4.19
N GLU A 44 15.93 8.86 2.89
CA GLU A 44 16.12 10.24 2.40
C GLU A 44 14.81 11.03 2.54
N GLU A 45 13.72 10.40 2.07
CA GLU A 45 12.36 10.93 2.25
C GLU A 45 11.76 10.46 3.57
N GLY A 46 12.36 9.41 4.16
CA GLY A 46 11.82 8.73 5.34
C GLY A 46 10.55 7.98 5.00
N GLU A 47 10.58 7.25 3.87
CA GLU A 47 9.40 6.60 3.27
C GLU A 47 9.63 5.09 3.14
N PHE A 48 8.54 4.32 2.97
CA PHE A 48 8.54 2.85 2.84
C PHE A 48 7.82 2.47 1.53
N ILE A 49 8.59 2.20 0.48
CA ILE A 49 8.05 1.77 -0.81
C ILE A 49 7.96 0.22 -0.81
N ILE A 50 6.80 -0.32 -0.41
CA ILE A 50 6.63 -1.77 -0.18
C ILE A 50 5.47 -2.32 -1.04
N ASP A 51 5.74 -3.42 -1.78
CA ASP A 51 4.72 -4.14 -2.56
C ASP A 51 4.16 -5.29 -1.73
N LEU A 52 2.83 -5.25 -1.54
CA LEU A 52 2.08 -6.23 -0.76
C LEU A 52 1.48 -7.32 -1.66
N TYR A 53 1.61 -7.15 -3.00
CA TYR A 53 1.20 -8.17 -3.98
C TYR A 53 2.15 -9.38 -3.88
N SER A 54 3.38 -9.13 -3.41
CA SER A 54 4.41 -10.16 -3.19
C SER A 54 4.53 -10.53 -1.68
N LEU A 55 3.63 -9.97 -0.83
CA LEU A 55 3.46 -10.45 0.57
C LEU A 55 2.75 -11.82 0.56
N PRO A 56 3.02 -12.72 1.57
CA PRO A 56 2.23 -13.95 1.76
C PRO A 56 0.83 -13.60 2.25
N GLU A 57 -0.13 -14.55 2.09
CA GLU A 57 -1.52 -14.35 2.49
C GLU A 57 -1.62 -13.97 3.97
N GLY A 58 -0.78 -14.63 4.80
CA GLY A 58 -0.71 -14.35 6.24
C GLY A 58 -0.47 -12.89 6.56
N LEU A 59 0.52 -12.28 5.89
CA LEU A 59 0.90 -10.87 6.11
C LEU A 59 -0.14 -9.90 5.54
N LEU A 60 -0.55 -10.07 4.27
CA LEU A 60 -1.54 -9.16 3.64
C LEU A 60 -2.93 -9.27 4.31
N LYS A 61 -3.19 -10.39 5.03
CA LYS A 61 -4.39 -10.54 5.90
C LYS A 61 -4.22 -9.72 7.21
N SER A 62 -3.03 -9.87 7.86
CA SER A 62 -2.72 -9.19 9.14
C SER A 62 -2.77 -7.66 8.98
N LEU A 63 -2.15 -7.20 7.89
CA LEU A 63 -2.13 -5.79 7.50
C LEU A 63 -3.55 -5.32 7.12
N TRP A 64 -4.31 -6.13 6.35
CA TRP A 64 -5.67 -5.76 5.91
C TRP A 64 -6.61 -5.58 7.10
N ASP A 65 -6.78 -6.66 7.88
CA ASP A 65 -7.56 -6.68 9.14
C ASP A 65 -7.25 -5.45 10.03
N TYR A 66 -5.95 -5.18 10.20
CA TYR A 66 -5.46 -4.04 10.99
C TYR A 66 -5.96 -2.71 10.41
N VAL A 67 -5.54 -2.38 9.19
CA VAL A 67 -5.76 -1.06 8.59
C VAL A 67 -7.26 -0.81 8.32
N LYS A 68 -8.02 -1.89 8.06
CA LYS A 68 -9.45 -1.79 7.69
C LYS A 68 -10.30 -1.42 8.91
N LYS A 69 -9.93 -1.97 10.10
CA LYS A 69 -10.59 -1.62 11.37
C LYS A 69 -10.07 -0.28 11.92
N ASN A 70 -8.91 0.20 11.40
CA ASN A 70 -8.32 1.51 11.78
C ASN A 70 -8.57 2.59 10.70
N THR A 71 -9.39 2.29 9.66
CA THR A 71 -9.81 3.30 8.64
C THR A 71 -11.35 3.41 8.54
N GLU A 72 -12.09 2.41 9.09
CA GLU A 72 -13.57 2.41 9.01
C GLU A 72 -14.20 3.43 9.98
N GLU B 2 -30.14 0.94 0.42
CA GLU B 2 -31.60 1.00 0.56
C GLU B 2 -32.08 2.41 0.21
N VAL B 3 -31.53 3.40 0.94
CA VAL B 3 -31.81 4.82 0.69
C VAL B 3 -30.81 5.36 -0.34
N LYS B 4 -31.32 6.00 -1.39
CA LYS B 4 -30.50 6.50 -2.50
C LYS B 4 -29.93 7.87 -2.11
N SER B 5 -28.80 7.85 -1.39
CA SER B 5 -28.09 9.07 -0.92
C SER B 5 -27.33 9.72 -2.10
N SER B 6 -26.37 8.97 -2.67
CA SER B 6 -25.63 9.37 -3.88
C SER B 6 -26.36 8.80 -5.11
N SER B 7 -27.43 9.50 -5.53
CA SER B 7 -28.22 9.15 -6.73
C SER B 7 -27.85 10.10 -7.90
N VAL B 8 -26.70 10.80 -7.77
CA VAL B 8 -26.19 11.72 -8.80
C VAL B 8 -25.14 10.98 -9.66
N GLU B 9 -25.62 10.37 -10.77
CA GLU B 9 -24.78 9.61 -11.74
C GLU B 9 -24.03 8.42 -11.09
N ILE B 10 -23.17 7.76 -11.89
CA ILE B 10 -22.29 6.67 -11.41
C ILE B 10 -20.88 7.24 -11.14
N ILE B 11 -20.45 8.21 -11.99
CA ILE B 11 -19.07 8.73 -12.07
C ILE B 11 -18.13 7.60 -12.58
N ASN B 12 -17.59 7.79 -13.79
CA ASN B 12 -16.67 6.83 -14.44
C ASN B 12 -15.39 6.62 -13.60
N GLY B 13 -15.22 5.39 -13.10
CA GLY B 13 -13.98 4.99 -12.46
C GLY B 13 -12.82 4.94 -13.47
N SER B 14 -11.65 5.45 -13.08
CA SER B 14 -10.49 5.59 -13.97
C SER B 14 -10.01 4.22 -14.52
N GLU B 15 -10.38 3.95 -15.79
CA GLU B 15 -9.96 2.76 -16.54
C GLU B 15 -8.46 2.87 -16.91
N SER B 16 -7.78 1.71 -17.01
CA SER B 16 -6.35 1.61 -17.39
C SER B 16 -5.42 2.19 -16.33
N LYS B 17 -5.96 2.48 -15.13
CA LYS B 17 -5.21 3.01 -13.97
C LYS B 17 -4.14 1.99 -13.50
N LYS B 18 -4.42 0.70 -13.74
CA LYS B 18 -3.47 -0.39 -13.51
C LYS B 18 -2.30 -0.34 -14.54
N LYS B 19 -1.26 0.45 -14.22
CA LYS B 19 0.00 0.49 -15.01
C LYS B 19 0.91 -0.68 -14.62
N LYS B 20 0.92 -0.98 -13.31
CA LYS B 20 1.73 -2.06 -12.73
C LYS B 20 0.81 -3.23 -12.32
N PRO B 21 1.14 -4.51 -12.70
CA PRO B 21 0.42 -5.71 -12.18
C PRO B 21 0.47 -5.80 -10.64
N LYS B 22 1.61 -5.36 -10.07
CA LYS B 22 1.84 -5.31 -8.63
C LYS B 22 1.52 -3.91 -8.08
N LEU B 23 0.83 -3.86 -6.93
CA LEU B 23 0.33 -2.63 -6.32
C LEU B 23 1.28 -2.25 -5.16
N THR B 24 2.33 -1.53 -5.53
CA THR B 24 3.40 -1.11 -4.62
C THR B 24 3.04 0.27 -4.04
N VAL B 25 2.89 0.33 -2.71
CA VAL B 25 2.49 1.57 -2.01
C VAL B 25 3.74 2.38 -1.59
N LYS B 26 3.60 3.71 -1.64
CA LYS B 26 4.63 4.65 -1.19
C LYS B 26 4.17 5.27 0.14
N ILE B 27 4.60 4.63 1.24
CA ILE B 27 4.26 5.08 2.62
C ILE B 27 5.27 6.15 3.02
N LYS B 28 4.90 7.07 3.92
CA LYS B 28 5.86 7.96 4.62
C LYS B 28 5.77 7.72 6.12
N LEU B 29 6.91 7.92 6.78
CA LEU B 29 7.09 7.77 8.23
C LEU B 29 7.18 9.16 8.87
N ASN B 30 6.82 9.26 10.16
CA ASN B 30 6.88 10.52 10.90
C ASN B 30 8.34 10.86 11.26
N LYS B 31 9.04 11.46 10.28
CA LYS B 31 10.44 11.87 10.41
C LYS B 31 10.52 13.39 10.52
N THR B 32 11.26 13.87 11.54
CA THR B 32 11.32 15.31 11.90
C THR B 32 11.96 16.17 10.78
N THR B 33 11.10 16.63 9.87
CA THR B 33 11.46 17.52 8.76
C THR B 33 10.33 18.54 8.57
N VAL B 34 10.68 19.84 8.56
CA VAL B 34 9.71 20.94 8.46
C VAL B 34 9.12 20.99 7.04
N LEU B 35 8.02 20.24 6.84
CA LEU B 35 7.21 20.26 5.63
C LEU B 35 5.75 19.94 6.03
N GLU B 36 4.78 20.55 5.32
CA GLU B 36 3.35 20.41 5.66
C GLU B 36 2.53 20.22 4.37
N ASN B 37 2.51 18.96 3.90
CA ASN B 37 1.63 18.50 2.82
C ASN B 37 1.58 16.97 2.84
N ASN B 38 0.37 16.42 3.00
CA ASN B 38 0.11 14.97 2.94
C ASN B 38 -0.42 14.61 1.53
N ASP B 39 -0.53 13.30 1.22
CA ASP B 39 -1.16 12.79 -0.01
C ASP B 39 -2.67 13.07 0.01
N GLY B 40 -3.03 14.32 -0.36
CA GLY B 40 -4.42 14.75 -0.52
C GLY B 40 -4.73 14.95 -2.00
N LYS B 41 -4.34 13.93 -2.78
CA LYS B 41 -4.37 13.99 -4.26
C LYS B 41 -4.86 12.64 -4.85
N ARG B 42 -5.67 11.92 -4.05
CA ARG B 42 -6.19 10.59 -4.41
C ARG B 42 -7.68 10.53 -4.05
N ALA B 43 -8.54 10.67 -5.07
CA ALA B 43 -10.00 10.52 -4.93
C ALA B 43 -10.31 9.05 -4.62
N GLU B 44 -10.65 8.77 -3.34
CA GLU B 44 -10.83 7.41 -2.83
C GLU B 44 -12.09 6.76 -3.43
N GLU B 45 -13.15 7.60 -3.57
CA GLU B 45 -14.45 7.23 -4.16
C GLU B 45 -15.22 6.21 -3.28
N LYS B 46 -16.53 6.09 -3.58
CA LYS B 46 -17.37 5.00 -3.06
C LYS B 46 -16.78 3.62 -3.52
N PRO B 47 -16.27 2.76 -2.56
CA PRO B 47 -15.60 1.48 -2.90
C PRO B 47 -16.55 0.48 -3.59
N GLU B 48 -17.86 0.58 -3.27
CA GLU B 48 -18.92 -0.21 -3.90
C GLU B 48 -19.71 0.67 -4.89
N SER B 49 -18.97 1.18 -5.88
CA SER B 49 -19.55 1.82 -7.08
C SER B 49 -20.31 0.77 -7.92
N LYS B 50 -19.82 -0.47 -7.84
CA LYS B 50 -20.37 -1.65 -8.49
C LYS B 50 -20.26 -2.85 -7.52
N SER B 51 -21.18 -3.81 -7.64
CA SER B 51 -21.21 -5.01 -6.77
C SER B 51 -20.81 -6.25 -7.59
N PRO B 52 -19.94 -7.17 -7.04
CA PRO B 52 -19.65 -8.46 -7.69
C PRO B 52 -20.91 -9.34 -7.72
N ALA B 53 -21.36 -9.70 -8.94
CA ALA B 53 -22.60 -10.46 -9.15
C ALA B 53 -22.40 -11.95 -8.81
N LYS B 54 -23.46 -12.57 -8.28
CA LYS B 54 -23.50 -14.00 -7.95
C LYS B 54 -23.51 -14.83 -9.23
N LYS B 55 -22.50 -15.71 -9.37
CA LYS B 55 -22.22 -16.47 -10.61
C LYS B 55 -21.95 -15.52 -11.79
N THR B 56 -20.82 -14.80 -11.72
CA THR B 56 -20.24 -14.08 -12.86
C THR B 56 -19.55 -15.10 -13.79
N ALA B 57 -18.62 -15.87 -13.19
CA ALA B 57 -17.86 -16.94 -13.85
C ALA B 57 -17.29 -17.89 -12.79
N ALA B 58 -17.69 -19.17 -12.84
CA ALA B 58 -17.20 -20.22 -11.91
C ALA B 58 -15.78 -20.70 -12.29
N LYS B 59 -15.29 -20.23 -13.46
CA LYS B 59 -13.96 -20.52 -13.99
C LYS B 59 -13.33 -19.21 -14.49
N LYS A 2 -15.76 -8.08 3.61
CA LYS A 2 -15.49 -8.80 4.89
C LYS A 2 -14.60 -10.02 4.59
N GLY A 3 -13.37 -10.00 5.13
CA GLY A 3 -12.44 -11.15 5.05
C GLY A 3 -11.49 -11.05 3.86
N SER A 4 -12.07 -10.92 2.65
CA SER A 4 -11.33 -10.85 1.39
C SER A 4 -10.44 -9.60 1.33
N VAL A 5 -9.14 -9.82 1.12
CA VAL A 5 -8.14 -8.74 1.08
C VAL A 5 -8.22 -7.94 -0.22
N ASP A 6 -8.70 -6.69 -0.12
CA ASP A 6 -8.60 -5.75 -1.24
C ASP A 6 -7.26 -5.01 -1.11
N LEU A 7 -6.43 -5.12 -2.16
CA LEU A 7 -5.04 -4.63 -2.12
C LEU A 7 -5.03 -3.08 -2.22
N GLU A 8 -6.04 -2.46 -2.88
CA GLU A 8 -6.09 -0.98 -3.01
C GLU A 8 -6.51 -0.34 -1.68
N LYS A 9 -7.50 -0.95 -0.99
CA LYS A 9 -7.94 -0.48 0.34
C LYS A 9 -6.86 -0.80 1.40
N LEU A 10 -5.99 -1.79 1.11
CA LEU A 10 -4.86 -2.13 2.00
C LEU A 10 -3.78 -1.03 1.89
N ALA A 11 -3.27 -0.82 0.66
CA ALA A 11 -2.17 0.11 0.34
C ALA A 11 -2.55 1.56 0.71
N PHE A 12 -3.69 2.02 0.18
CA PHE A 12 -4.23 3.36 0.46
C PHE A 12 -4.71 3.45 1.92
N GLY A 13 -5.15 2.30 2.49
CA GLY A 13 -5.62 2.24 3.89
C GLY A 13 -4.51 2.49 4.90
N LEU A 14 -3.32 1.93 4.66
CA LEU A 14 -2.17 2.09 5.57
C LEU A 14 -1.52 3.48 5.47
N THR A 15 -1.50 4.07 4.25
CA THR A 15 -0.85 5.39 4.03
C THR A 15 -1.75 6.56 4.47
N LYS A 16 -3.08 6.31 4.54
CA LYS A 16 -4.06 7.32 5.03
C LYS A 16 -4.13 7.30 6.57
N LEU A 17 -3.61 6.21 7.18
CA LEU A 17 -3.49 6.09 8.65
C LEU A 17 -2.59 7.20 9.23
N ASN A 18 -2.86 7.58 10.48
CA ASN A 18 -2.07 8.60 11.21
C ASN A 18 -0.66 8.07 11.57
N GLU A 19 0.15 8.93 12.23
CA GLU A 19 1.58 8.70 12.53
C GLU A 19 1.85 7.28 13.08
N ASP A 20 1.44 7.06 14.34
CA ASP A 20 1.64 5.77 15.05
C ASP A 20 1.11 4.55 14.26
N ASP A 21 -0.04 4.72 13.59
CA ASP A 21 -0.74 3.62 12.90
C ASP A 21 -0.03 3.17 11.60
N LEU A 22 0.47 4.15 10.79
CA LEU A 22 1.22 3.84 9.55
C LEU A 22 2.61 3.27 9.90
N VAL A 23 3.10 3.65 11.09
CA VAL A 23 4.33 3.08 11.67
C VAL A 23 4.08 1.63 12.11
N GLY A 24 2.89 1.36 12.68
CA GLY A 24 2.49 0.00 13.08
C GLY A 24 2.53 -0.95 11.89
N VAL A 25 2.15 -0.42 10.73
CA VAL A 25 2.24 -1.10 9.44
C VAL A 25 3.70 -1.43 9.07
N VAL A 26 4.58 -0.39 9.05
CA VAL A 26 5.99 -0.56 8.61
C VAL A 26 6.75 -1.50 9.56
N GLN A 27 6.32 -1.55 10.84
CA GLN A 27 6.92 -2.42 11.86
C GLN A 27 6.58 -3.89 11.60
N MET A 28 5.30 -4.18 11.26
CA MET A 28 4.84 -5.56 11.00
C MET A 28 5.44 -6.12 9.69
N VAL A 29 5.49 -5.29 8.63
CA VAL A 29 6.02 -5.72 7.32
C VAL A 29 7.54 -5.91 7.35
N THR A 30 8.26 -5.11 8.16
CA THR A 30 9.74 -5.21 8.26
C THR A 30 10.15 -6.31 9.26
N ASP A 31 9.26 -6.58 10.24
CA ASP A 31 9.50 -7.62 11.27
C ASP A 31 9.47 -9.00 10.62
N ASN A 32 8.41 -9.22 9.83
CA ASN A 32 8.16 -10.48 9.14
C ASN A 32 8.50 -10.33 7.65
N LYS A 33 9.52 -9.52 7.34
CA LYS A 33 9.97 -9.23 5.97
C LYS A 33 10.38 -10.55 5.27
N THR A 34 9.66 -10.89 4.20
CA THR A 34 9.90 -12.11 3.40
C THR A 34 10.69 -11.77 2.12
N PRO A 35 11.38 -12.76 1.47
CA PRO A 35 12.03 -12.55 0.14
C PRO A 35 10.99 -12.36 -1.00
N GLU A 36 9.72 -12.68 -0.70
CA GLU A 36 8.59 -12.55 -1.63
C GLU A 36 8.26 -11.07 -1.85
N MET A 37 7.86 -10.41 -0.73
CA MET A 37 7.44 -8.99 -0.72
C MET A 37 8.56 -8.07 -1.21
N ASN A 38 8.18 -6.99 -1.91
CA ASN A 38 9.15 -5.98 -2.34
C ASN A 38 9.04 -4.82 -1.39
N VAL A 39 10.18 -4.34 -0.88
CA VAL A 39 10.23 -3.18 0.03
C VAL A 39 11.53 -2.42 -0.19
N THR A 40 11.41 -1.09 -0.30
CA THR A 40 12.55 -0.18 -0.51
C THR A 40 12.46 0.94 0.52
N ASN A 41 13.10 0.71 1.68
CA ASN A 41 13.21 1.70 2.74
C ASN A 41 14.29 2.72 2.36
N ASN A 42 13.86 3.91 1.94
CA ASN A 42 14.77 5.04 1.73
C ASN A 42 14.72 5.93 2.98
N VAL A 43 15.76 5.80 3.82
CA VAL A 43 15.91 6.58 5.06
C VAL A 43 16.09 8.09 4.78
N GLU A 44 16.50 8.45 3.55
CA GLU A 44 16.72 9.86 3.14
C GLU A 44 15.38 10.62 3.08
N GLU A 45 14.39 10.03 2.41
CA GLU A 45 13.02 10.58 2.31
C GLU A 45 12.14 10.07 3.47
N GLY A 46 12.63 9.06 4.21
CA GLY A 46 11.86 8.45 5.30
C GLY A 46 10.63 7.72 4.78
N GLU A 47 10.84 6.73 3.89
CA GLU A 47 9.75 6.06 3.16
C GLU A 47 9.97 4.55 3.10
N PHE A 48 8.85 3.81 2.96
CA PHE A 48 8.83 2.37 2.70
C PHE A 48 8.06 2.12 1.40
N ILE A 49 8.79 2.01 0.28
CA ILE A 49 8.21 1.69 -1.03
C ILE A 49 7.98 0.17 -1.08
N ILE A 50 6.85 -0.29 -0.53
CA ILE A 50 6.56 -1.72 -0.33
C ILE A 50 5.38 -2.17 -1.21
N ASP A 51 5.69 -3.11 -2.12
CA ASP A 51 4.71 -3.83 -2.95
C ASP A 51 4.12 -4.98 -2.11
N LEU A 52 2.84 -4.80 -1.75
CA LEU A 52 2.05 -5.78 -0.99
C LEU A 52 1.51 -6.87 -1.91
N TYR A 53 1.60 -6.58 -3.22
CA TYR A 53 1.17 -7.48 -4.29
C TYR A 53 2.05 -8.74 -4.35
N SER A 54 3.19 -8.71 -3.62
CA SER A 54 4.12 -9.83 -3.47
C SER A 54 4.19 -10.36 -2.02
N LEU A 55 3.36 -9.81 -1.10
CA LEU A 55 3.24 -10.35 0.29
C LEU A 55 2.67 -11.79 0.25
N PRO A 56 3.11 -12.70 1.18
CA PRO A 56 2.40 -13.98 1.42
C PRO A 56 0.98 -13.72 1.97
N GLU A 57 0.08 -14.70 1.78
CA GLU A 57 -1.33 -14.58 2.22
C GLU A 57 -1.41 -14.23 3.71
N GLY A 58 -0.51 -14.81 4.52
CA GLY A 58 -0.45 -14.57 5.96
C GLY A 58 -0.26 -13.10 6.33
N LEU A 59 0.68 -12.44 5.63
CA LEU A 59 1.00 -11.02 5.87
C LEU A 59 -0.07 -10.09 5.30
N LEU A 60 -0.54 -10.32 4.06
CA LEU A 60 -1.57 -9.45 3.45
C LEU A 60 -2.92 -9.61 4.16
N LYS A 61 -3.13 -10.72 4.88
CA LYS A 61 -4.30 -10.90 5.78
C LYS A 61 -4.14 -10.09 7.08
N SER A 62 -2.95 -10.17 7.69
CA SER A 62 -2.62 -9.47 8.96
C SER A 62 -2.68 -7.95 8.81
N LEU A 63 -2.04 -7.48 7.73
CA LEU A 63 -1.98 -6.07 7.36
C LEU A 63 -3.36 -5.57 6.90
N TRP A 64 -4.13 -6.41 6.17
CA TRP A 64 -5.49 -6.05 5.74
C TRP A 64 -6.39 -5.81 6.95
N ASP A 65 -6.54 -6.87 7.77
CA ASP A 65 -7.32 -6.85 9.03
C ASP A 65 -6.96 -5.62 9.88
N TYR A 66 -5.65 -5.35 10.00
CA TYR A 66 -5.13 -4.20 10.75
C TYR A 66 -5.66 -2.88 10.15
N VAL A 67 -5.26 -2.58 8.91
CA VAL A 67 -5.51 -1.26 8.30
C VAL A 67 -7.02 -1.00 8.13
N LYS A 68 -7.79 -2.08 7.88
CA LYS A 68 -9.23 -1.97 7.61
C LYS A 68 -9.99 -1.59 8.90
N LYS A 69 -9.60 -2.17 10.05
CA LYS A 69 -10.29 -1.90 11.34
C LYS A 69 -9.74 -0.62 12.01
N ASN A 70 -8.48 -0.27 11.70
CA ASN A 70 -7.80 0.93 12.25
C ASN A 70 -8.21 2.20 11.49
N THR A 71 -8.64 2.07 10.22
CA THR A 71 -9.25 3.18 9.48
C THR A 71 -10.72 3.36 9.91
N GLU A 72 -11.43 2.22 10.10
CA GLU A 72 -12.82 2.22 10.61
C GLU A 72 -12.84 2.53 12.11
N GLU B 2 21.61 -6.48 -50.35
CA GLU B 2 20.29 -5.88 -50.49
C GLU B 2 20.35 -4.35 -50.35
N VAL B 3 19.62 -3.64 -51.23
CA VAL B 3 19.54 -2.18 -51.23
C VAL B 3 18.20 -1.73 -50.59
N LYS B 4 18.13 -1.88 -49.26
CA LYS B 4 16.93 -1.55 -48.46
C LYS B 4 16.58 -0.04 -48.53
N SER B 5 15.82 0.35 -49.58
CA SER B 5 15.34 1.72 -49.79
C SER B 5 14.05 1.93 -48.98
N SER B 6 14.20 1.85 -47.66
CA SER B 6 13.08 1.82 -46.71
C SER B 6 12.45 3.22 -46.54
N SER B 7 11.13 3.32 -46.81
CA SER B 7 10.35 4.52 -46.52
C SER B 7 10.02 4.54 -45.01
N VAL B 8 10.76 5.38 -44.24
CA VAL B 8 10.57 5.52 -42.79
C VAL B 8 9.22 6.25 -42.50
N GLU B 9 8.15 5.42 -42.41
CA GLU B 9 6.78 5.88 -42.15
C GLU B 9 6.41 5.55 -40.69
N ILE B 10 6.45 6.57 -39.83
CA ILE B 10 6.16 6.43 -38.39
C ILE B 10 4.69 6.76 -38.10
N ILE B 11 4.23 6.42 -36.90
CA ILE B 11 2.84 6.65 -36.46
C ILE B 11 2.80 6.72 -34.91
N ASN B 12 2.22 7.81 -34.37
CA ASN B 12 2.08 7.97 -32.91
C ASN B 12 0.83 7.19 -32.44
N GLY B 13 1.07 6.00 -31.87
CA GLY B 13 0.03 5.12 -31.37
C GLY B 13 0.53 4.27 -30.21
N SER B 14 1.71 3.66 -30.39
CA SER B 14 2.40 2.89 -29.35
C SER B 14 3.07 3.84 -28.34
N GLU B 15 2.35 4.16 -27.26
CA GLU B 15 2.84 5.08 -26.20
C GLU B 15 2.90 4.31 -24.86
N SER B 16 3.68 4.85 -23.89
CA SER B 16 3.86 4.28 -22.54
C SER B 16 2.50 4.07 -21.83
N LYS B 17 2.26 2.83 -21.37
CA LYS B 17 1.03 2.46 -20.64
C LYS B 17 0.99 3.18 -19.27
N LYS B 18 2.20 3.42 -18.70
CA LYS B 18 2.40 4.10 -17.40
C LYS B 18 1.94 3.21 -16.22
N LYS B 19 2.52 3.45 -15.02
CA LYS B 19 2.24 2.72 -13.76
C LYS B 19 2.85 1.30 -13.79
N LYS B 20 3.26 0.83 -12.61
CA LYS B 20 3.83 -0.52 -12.44
C LYS B 20 2.68 -1.55 -12.27
N PRO B 21 2.82 -2.80 -12.82
CA PRO B 21 1.75 -3.83 -12.78
C PRO B 21 1.40 -4.28 -11.34
N LYS B 22 2.35 -4.11 -10.40
CA LYS B 22 2.11 -4.35 -8.98
C LYS B 22 1.45 -3.13 -8.33
N LEU B 23 0.57 -3.39 -7.37
CA LEU B 23 -0.08 -2.35 -6.56
C LEU B 23 0.87 -2.02 -5.39
N THR B 24 1.67 -0.97 -5.62
CA THR B 24 2.70 -0.50 -4.71
C THR B 24 2.11 0.55 -3.75
N VAL B 25 2.79 0.77 -2.63
CA VAL B 25 2.58 1.95 -1.77
C VAL B 25 3.93 2.46 -1.27
N LYS B 26 4.10 3.79 -1.26
CA LYS B 26 5.27 4.45 -0.71
C LYS B 26 4.84 5.14 0.58
N ILE B 27 5.08 4.45 1.71
CA ILE B 27 4.67 4.90 3.03
C ILE B 27 5.63 6.00 3.50
N LYS B 28 5.23 7.27 3.31
CA LYS B 28 6.01 8.41 3.80
C LYS B 28 5.80 8.54 5.33
N LEU B 29 6.83 8.13 6.08
CA LEU B 29 6.88 8.28 7.54
C LEU B 29 6.89 9.77 7.93
N ASN B 30 6.44 10.05 9.15
CA ASN B 30 6.22 11.41 9.65
C ASN B 30 7.51 11.94 10.26
N LYS B 31 8.40 12.38 9.36
CA LYS B 31 9.71 12.94 9.70
C LYS B 31 9.92 14.21 8.85
N THR B 32 10.81 15.09 9.29
CA THR B 32 11.00 16.41 8.69
C THR B 32 11.76 16.32 7.34
N THR B 33 11.00 16.13 6.24
CA THR B 33 11.55 16.18 4.87
C THR B 33 11.69 17.65 4.44
N VAL B 34 12.89 18.21 4.69
CA VAL B 34 13.23 19.58 4.25
C VAL B 34 13.46 19.58 2.72
N LEU B 35 12.34 19.68 1.98
CA LEU B 35 12.29 19.72 0.52
C LEU B 35 11.56 20.99 0.09
N GLU B 36 12.02 21.59 -1.01
CA GLU B 36 11.45 22.83 -1.55
C GLU B 36 10.14 22.53 -2.30
N ASN B 37 9.02 23.02 -1.74
CA ASN B 37 7.69 22.87 -2.33
C ASN B 37 7.33 24.13 -3.16
N ASN B 38 6.41 23.96 -4.12
CA ASN B 38 5.87 25.07 -4.93
C ASN B 38 4.78 25.81 -4.12
N ASP B 39 4.92 27.15 -4.01
CA ASP B 39 3.97 28.00 -3.26
C ASP B 39 2.66 28.16 -4.06
N GLY B 40 1.56 27.58 -3.53
CA GLY B 40 0.26 27.65 -4.19
C GLY B 40 -0.79 26.86 -3.45
N LYS B 41 -0.40 25.66 -2.96
CA LYS B 41 -1.24 24.77 -2.15
C LYS B 41 -2.57 24.40 -2.86
N ARG B 42 -3.68 25.09 -2.50
CA ARG B 42 -5.05 24.82 -3.02
C ARG B 42 -5.90 26.10 -2.94
N ALA B 43 -6.91 26.18 -3.81
CA ALA B 43 -7.90 27.27 -3.79
C ALA B 43 -8.97 26.99 -2.71
N GLU B 44 -9.42 28.05 -2.04
CA GLU B 44 -10.30 27.98 -0.86
C GLU B 44 -11.75 27.71 -1.26
N GLU B 45 -12.29 28.60 -2.11
CA GLU B 45 -13.68 28.56 -2.58
C GLU B 45 -13.72 28.92 -4.07
N LYS B 46 -14.70 28.36 -4.81
CA LYS B 46 -14.87 28.60 -6.26
C LYS B 46 -15.14 30.12 -6.53
N PRO B 47 -14.48 30.73 -7.55
CA PRO B 47 -14.66 32.17 -7.87
C PRO B 47 -15.99 32.46 -8.59
N GLU B 48 -16.49 31.46 -9.32
CA GLU B 48 -17.67 31.57 -10.20
C GLU B 48 -17.49 32.69 -11.24
N SER B 49 -16.65 32.42 -12.25
CA SER B 49 -16.47 33.29 -13.41
C SER B 49 -17.54 32.91 -14.46
N LYS B 50 -18.81 32.94 -14.03
CA LYS B 50 -19.95 32.40 -14.78
C LYS B 50 -20.29 33.28 -15.99
N SER B 51 -20.50 32.63 -17.13
CA SER B 51 -20.87 33.28 -18.38
C SER B 51 -22.39 33.64 -18.36
N PRO B 52 -22.76 34.96 -18.58
CA PRO B 52 -24.18 35.39 -18.66
C PRO B 52 -24.93 34.73 -19.84
N ALA B 53 -26.25 34.53 -19.68
CA ALA B 53 -27.08 33.82 -20.68
C ALA B 53 -27.14 34.60 -22.01
N LYS B 54 -26.53 34.00 -23.06
CA LYS B 54 -26.41 34.63 -24.40
C LYS B 54 -27.40 34.00 -25.38
N LYS B 55 -28.21 34.86 -26.02
CA LYS B 55 -29.20 34.45 -27.03
C LYS B 55 -28.58 34.54 -28.44
N THR B 56 -28.49 33.40 -29.12
CA THR B 56 -27.96 33.31 -30.49
C THR B 56 -28.53 32.06 -31.18
N ALA B 57 -28.45 32.03 -32.53
CA ALA B 57 -28.93 30.90 -33.34
C ALA B 57 -28.15 29.61 -32.99
N ALA B 58 -28.88 28.62 -32.41
CA ALA B 58 -28.30 27.36 -31.91
C ALA B 58 -27.95 26.40 -33.07
N LYS B 59 -26.82 26.71 -33.73
CA LYS B 59 -26.23 25.90 -34.80
C LYS B 59 -24.80 26.43 -35.07
N LYS A 2 -10.31 -15.99 0.63
CA LYS A 2 -9.05 -16.58 0.14
C LYS A 2 -8.43 -15.60 -0.89
N GLY A 3 -7.40 -14.85 -0.44
CA GLY A 3 -6.79 -13.78 -1.27
C GLY A 3 -7.77 -12.65 -1.64
N SER A 4 -8.88 -12.59 -0.89
CA SER A 4 -10.01 -11.67 -1.13
C SER A 4 -9.80 -10.31 -0.42
N VAL A 5 -8.59 -10.12 0.13
CA VAL A 5 -8.09 -8.81 0.57
C VAL A 5 -7.89 -7.90 -0.64
N ASP A 6 -8.60 -6.76 -0.66
CA ASP A 6 -8.44 -5.74 -1.70
C ASP A 6 -7.13 -5.01 -1.45
N LEU A 7 -6.12 -5.36 -2.26
CA LEU A 7 -4.75 -4.85 -2.15
C LEU A 7 -4.74 -3.30 -2.29
N GLU A 8 -5.70 -2.78 -3.07
CA GLU A 8 -5.90 -1.33 -3.24
C GLU A 8 -6.29 -0.65 -1.92
N LYS A 9 -7.33 -1.17 -1.24
CA LYS A 9 -7.82 -0.61 0.03
C LYS A 9 -6.77 -0.80 1.14
N LEU A 10 -5.93 -1.84 1.01
CA LEU A 10 -4.83 -2.10 1.95
C LEU A 10 -3.75 -1.00 1.80
N ALA A 11 -3.23 -0.83 0.56
CA ALA A 11 -2.12 0.10 0.25
C ALA A 11 -2.53 1.58 0.49
N PHE A 12 -3.66 1.97 -0.10
CA PHE A 12 -4.26 3.30 0.11
C PHE A 12 -4.70 3.48 1.59
N GLY A 13 -5.07 2.35 2.24
CA GLY A 13 -5.52 2.35 3.63
C GLY A 13 -4.42 2.62 4.63
N LEU A 14 -3.23 2.04 4.40
CA LEU A 14 -2.07 2.21 5.32
C LEU A 14 -1.37 3.57 5.15
N THR A 15 -1.41 4.15 3.92
CA THR A 15 -0.74 5.44 3.63
C THR A 15 -1.59 6.63 4.10
N LYS A 16 -2.93 6.42 4.20
CA LYS A 16 -3.87 7.44 4.73
C LYS A 16 -3.93 7.38 6.27
N LEU A 17 -3.16 6.45 6.89
CA LEU A 17 -3.03 6.36 8.35
C LEU A 17 -2.09 7.46 8.87
N ASN A 18 -2.32 7.86 10.12
CA ASN A 18 -1.48 8.86 10.83
C ASN A 18 -0.29 8.16 11.52
N GLU A 19 0.55 8.95 12.24
CA GLU A 19 1.85 8.55 12.82
C GLU A 19 1.87 7.13 13.41
N ASP A 20 1.09 6.92 14.50
CA ASP A 20 1.11 5.67 15.28
C ASP A 20 0.77 4.44 14.41
N ASP A 21 -0.25 4.63 13.57
CA ASP A 21 -0.85 3.55 12.76
C ASP A 21 0.08 3.13 11.60
N LEU A 22 0.62 4.13 10.86
CA LEU A 22 1.51 3.87 9.70
C LEU A 22 2.84 3.24 10.13
N VAL A 23 3.30 3.58 11.37
CA VAL A 23 4.49 2.99 11.97
C VAL A 23 4.25 1.49 12.21
N GLY A 24 3.11 1.15 12.83
CA GLY A 24 2.75 -0.24 13.08
C GLY A 24 2.71 -1.09 11.80
N VAL A 25 2.24 -0.47 10.70
CA VAL A 25 2.26 -1.08 9.35
C VAL A 25 3.68 -1.44 8.92
N VAL A 26 4.56 -0.40 8.87
CA VAL A 26 5.91 -0.53 8.33
C VAL A 26 6.78 -1.46 9.18
N GLN A 27 6.41 -1.59 10.48
CA GLN A 27 7.07 -2.51 11.40
C GLN A 27 6.68 -3.96 11.06
N MET A 28 5.36 -4.22 10.87
CA MET A 28 4.87 -5.60 10.60
C MET A 28 5.41 -6.16 9.27
N VAL A 29 5.53 -5.29 8.25
CA VAL A 29 6.05 -5.71 6.94
C VAL A 29 7.59 -5.93 6.99
N THR A 30 8.33 -5.10 7.77
CA THR A 30 9.81 -5.21 7.86
C THR A 30 10.25 -6.34 8.83
N ASP A 31 9.41 -6.63 9.85
CA ASP A 31 9.69 -7.66 10.87
C ASP A 31 9.50 -9.05 10.27
N ASN A 32 8.37 -9.22 9.57
CA ASN A 32 8.01 -10.48 8.91
C ASN A 32 8.38 -10.42 7.41
N LYS A 33 9.46 -9.68 7.10
CA LYS A 33 9.93 -9.47 5.71
C LYS A 33 10.32 -10.83 5.09
N THR A 34 9.56 -11.26 4.07
CA THR A 34 9.81 -12.50 3.33
C THR A 34 10.63 -12.18 2.05
N PRO A 35 11.39 -13.17 1.46
CA PRO A 35 12.12 -12.94 0.18
C PRO A 35 11.15 -12.86 -1.04
N GLU A 36 9.83 -13.02 -0.76
CA GLU A 36 8.73 -12.86 -1.73
C GLU A 36 8.43 -11.36 -1.89
N MET A 37 7.98 -10.74 -0.76
CA MET A 37 7.54 -9.33 -0.69
C MET A 37 8.66 -8.36 -1.04
N ASN A 38 8.31 -7.22 -1.65
CA ASN A 38 9.32 -6.21 -2.05
C ASN A 38 9.16 -4.99 -1.16
N VAL A 39 10.25 -4.51 -0.54
CA VAL A 39 10.24 -3.29 0.29
C VAL A 39 11.55 -2.51 0.10
N THR A 40 11.44 -1.17 0.14
CA THR A 40 12.59 -0.26 0.05
C THR A 40 12.33 0.96 0.95
N ASN A 41 12.97 0.98 2.13
CA ASN A 41 12.93 2.13 3.04
C ASN A 41 13.83 3.24 2.50
N ASN A 42 13.22 4.20 1.80
CA ASN A 42 13.91 5.40 1.36
C ASN A 42 13.99 6.38 2.54
N VAL A 43 15.14 6.37 3.23
CA VAL A 43 15.40 7.20 4.43
C VAL A 43 15.50 8.70 4.10
N GLU A 44 15.60 9.03 2.79
CA GLU A 44 15.66 10.41 2.29
C GLU A 44 14.30 11.11 2.50
N GLU A 45 13.24 10.43 2.07
CA GLU A 45 11.85 10.85 2.30
C GLU A 45 11.32 10.35 3.65
N GLY A 46 12.00 9.34 4.24
CA GLY A 46 11.46 8.62 5.38
C GLY A 46 10.19 7.87 5.00
N GLU A 47 10.28 7.06 3.94
CA GLU A 47 9.12 6.35 3.36
C GLU A 47 9.44 4.86 3.18
N PHE A 48 8.39 4.05 3.00
CA PHE A 48 8.48 2.60 2.78
C PHE A 48 7.84 2.27 1.44
N ILE A 49 8.66 2.15 0.40
CA ILE A 49 8.23 1.76 -0.95
C ILE A 49 8.06 0.22 -0.97
N ILE A 50 6.84 -0.27 -0.69
CA ILE A 50 6.60 -1.72 -0.48
C ILE A 50 5.47 -2.26 -1.39
N ASP A 51 5.83 -3.29 -2.21
CA ASP A 51 4.89 -4.09 -3.01
C ASP A 51 4.28 -5.16 -2.11
N LEU A 52 2.98 -4.96 -1.78
CA LEU A 52 2.18 -5.92 -1.00
C LEU A 52 1.63 -7.02 -1.92
N TYR A 53 1.77 -6.79 -3.23
CA TYR A 53 1.33 -7.73 -4.28
C TYR A 53 2.14 -9.05 -4.22
N SER A 54 3.30 -8.98 -3.53
CA SER A 54 4.20 -10.11 -3.31
C SER A 54 4.18 -10.58 -1.83
N LEU A 55 3.36 -9.91 -0.97
CA LEU A 55 3.10 -10.40 0.42
C LEU A 55 2.37 -11.76 0.34
N PRO A 56 2.70 -12.75 1.23
CA PRO A 56 1.90 -13.97 1.39
C PRO A 56 0.51 -13.65 1.97
N GLU A 57 -0.47 -14.58 1.78
CA GLU A 57 -1.83 -14.40 2.30
C GLU A 57 -1.81 -14.09 3.80
N GLY A 58 -0.93 -14.81 4.54
CA GLY A 58 -0.76 -14.62 5.98
C GLY A 58 -0.50 -13.17 6.38
N LEU A 59 0.40 -12.50 5.64
CA LEU A 59 0.79 -11.11 5.91
C LEU A 59 -0.24 -10.10 5.41
N LEU A 60 -0.78 -10.27 4.19
CA LEU A 60 -1.78 -9.32 3.65
C LEU A 60 -3.13 -9.45 4.39
N LYS A 61 -3.33 -10.54 5.16
CA LYS A 61 -4.47 -10.69 6.10
C LYS A 61 -4.19 -9.94 7.42
N SER A 62 -2.94 -10.08 7.92
CA SER A 62 -2.47 -9.41 9.15
C SER A 62 -2.54 -7.87 8.98
N LEU A 63 -2.01 -7.42 7.83
CA LEU A 63 -1.94 -6.01 7.46
C LEU A 63 -3.32 -5.45 7.08
N TRP A 64 -4.19 -6.26 6.43
CA TRP A 64 -5.54 -5.83 6.06
C TRP A 64 -6.40 -5.60 7.30
N ASP A 65 -6.51 -6.64 8.15
CA ASP A 65 -7.26 -6.57 9.42
C ASP A 65 -6.79 -5.39 10.29
N TYR A 66 -5.48 -5.11 10.25
CA TYR A 66 -4.86 -3.98 10.94
C TYR A 66 -5.37 -2.64 10.37
N VAL A 67 -5.11 -2.39 9.08
CA VAL A 67 -5.37 -1.07 8.45
C VAL A 67 -6.88 -0.80 8.32
N LYS A 68 -7.69 -1.88 8.24
CA LYS A 68 -9.15 -1.79 8.08
C LYS A 68 -9.77 -1.33 9.41
N LYS A 69 -9.30 -1.92 10.56
CA LYS A 69 -9.78 -1.51 11.91
C LYS A 69 -9.18 -0.14 12.30
N ASN A 70 -8.03 0.21 11.69
CA ASN A 70 -7.33 1.50 11.91
C ASN A 70 -7.99 2.64 11.11
N THR A 71 -8.77 2.31 10.06
CA THR A 71 -9.53 3.31 9.27
C THR A 71 -11.00 3.38 9.74
N GLU A 72 -11.59 2.24 10.17
CA GLU A 72 -13.00 2.19 10.61
C GLU A 72 -13.12 2.35 12.13
N GLU B 2 -38.20 0.27 -48.62
CA GLU B 2 -37.63 -0.01 -49.94
C GLU B 2 -36.22 -0.62 -49.80
N VAL B 3 -35.62 -0.48 -48.60
CA VAL B 3 -34.28 -1.00 -48.30
C VAL B 3 -34.31 -1.76 -46.95
N LYS B 4 -33.75 -2.97 -46.93
CA LYS B 4 -33.62 -3.81 -45.73
C LYS B 4 -32.13 -4.10 -45.45
N SER B 5 -31.52 -3.25 -44.63
CA SER B 5 -30.11 -3.36 -44.24
C SER B 5 -30.03 -3.71 -42.74
N SER B 6 -29.63 -4.95 -42.46
CA SER B 6 -29.50 -5.47 -41.09
C SER B 6 -28.19 -4.96 -40.44
N SER B 7 -28.27 -3.81 -39.74
CA SER B 7 -27.12 -3.10 -39.19
C SER B 7 -26.46 -3.89 -38.02
N VAL B 8 -25.34 -4.58 -38.36
CA VAL B 8 -24.46 -5.27 -37.39
C VAL B 8 -25.23 -6.37 -36.62
N GLU B 9 -25.39 -7.53 -37.28
CA GLU B 9 -25.97 -8.75 -36.67
C GLU B 9 -24.84 -9.61 -36.08
N ILE B 10 -23.59 -9.31 -36.46
CA ILE B 10 -22.40 -10.04 -36.03
C ILE B 10 -21.85 -9.46 -34.71
N ILE B 11 -21.72 -10.35 -33.68
CA ILE B 11 -21.09 -10.02 -32.41
C ILE B 11 -19.61 -10.44 -32.49
N ASN B 12 -18.73 -9.44 -32.71
CA ASN B 12 -17.27 -9.62 -32.75
C ASN B 12 -16.61 -8.66 -31.75
N GLY B 13 -15.62 -9.16 -31.01
CA GLY B 13 -14.81 -8.35 -30.09
C GLY B 13 -13.33 -8.35 -30.48
N SER B 14 -12.56 -7.41 -29.91
CA SER B 14 -11.11 -7.29 -30.16
C SER B 14 -10.47 -6.41 -29.08
N GLU B 15 -9.77 -7.07 -28.13
CA GLU B 15 -9.02 -6.38 -27.06
C GLU B 15 -7.91 -7.32 -26.59
N SER B 16 -6.68 -7.09 -27.06
CA SER B 16 -5.50 -7.90 -26.70
C SER B 16 -4.75 -7.25 -25.52
N LYS B 17 -5.26 -7.47 -24.31
CA LYS B 17 -4.59 -7.05 -23.06
C LYS B 17 -4.96 -8.00 -21.91
N LYS B 18 -4.21 -7.91 -20.79
CA LYS B 18 -4.44 -8.70 -19.58
C LYS B 18 -3.96 -7.90 -18.35
N LYS B 19 -2.73 -7.32 -18.46
CA LYS B 19 -2.12 -6.40 -17.47
C LYS B 19 -1.92 -7.05 -16.07
N LYS B 20 -0.66 -7.15 -15.62
CA LYS B 20 -0.31 -7.67 -14.27
C LYS B 20 0.53 -6.61 -13.51
N PRO B 21 -0.11 -5.57 -12.91
CA PRO B 21 0.62 -4.51 -12.17
C PRO B 21 0.81 -4.86 -10.67
N LYS B 22 2.07 -4.85 -10.20
CA LYS B 22 2.37 -4.94 -8.77
C LYS B 22 2.02 -3.62 -8.10
N LEU B 23 1.10 -3.70 -7.15
CA LEU B 23 0.54 -2.54 -6.45
C LEU B 23 1.49 -2.14 -5.31
N THR B 24 2.31 -1.13 -5.60
CA THR B 24 3.28 -0.56 -4.66
C THR B 24 2.63 0.61 -3.89
N VAL B 25 3.21 0.96 -2.75
CA VAL B 25 2.81 2.14 -1.97
C VAL B 25 4.05 2.75 -1.28
N LYS B 26 4.17 4.07 -1.32
CA LYS B 26 5.18 4.83 -0.57
C LYS B 26 4.55 5.34 0.72
N ILE B 27 4.78 4.59 1.80
CA ILE B 27 4.24 4.90 3.13
C ILE B 27 5.08 6.03 3.73
N LYS B 28 4.55 7.25 3.74
CA LYS B 28 5.30 8.44 4.22
C LYS B 28 5.28 8.50 5.76
N LEU B 29 6.40 8.09 6.37
CA LEU B 29 6.56 8.10 7.84
C LEU B 29 6.77 9.53 8.37
N ASN B 30 6.64 9.63 9.69
CA ASN B 30 6.99 10.81 10.47
C ASN B 30 8.49 10.75 10.82
N LYS B 31 9.15 11.91 10.75
CA LYS B 31 10.57 12.07 11.15
C LYS B 31 10.81 13.49 11.69
N THR B 32 12.06 13.78 12.13
CA THR B 32 12.48 15.11 12.59
C THR B 32 12.55 16.10 11.41
N THR B 33 12.46 17.40 11.75
CA THR B 33 12.24 18.53 10.81
C THR B 33 10.78 18.51 10.29
N VAL B 34 10.17 19.70 10.19
CA VAL B 34 8.81 19.88 9.66
C VAL B 34 8.69 19.27 8.23
N LEU B 35 8.08 18.08 8.19
CA LEU B 35 7.99 17.26 6.96
C LEU B 35 6.88 17.77 6.02
N GLU B 36 7.01 17.43 4.73
CA GLU B 36 6.04 17.82 3.69
C GLU B 36 4.89 16.81 3.70
N ASN B 37 3.96 16.97 4.65
CA ASN B 37 2.74 16.16 4.75
C ASN B 37 1.52 17.08 4.61
N ASN B 38 0.82 16.95 3.48
CA ASN B 38 -0.38 17.71 3.17
C ASN B 38 -1.35 16.81 2.40
N ASP B 39 -2.64 16.91 2.74
CA ASP B 39 -3.72 16.15 2.08
C ASP B 39 -5.00 17.00 2.10
N GLY B 40 -5.92 16.70 1.16
CA GLY B 40 -7.18 17.41 1.06
C GLY B 40 -8.15 17.04 2.16
N LYS B 41 -8.63 15.78 2.13
CA LYS B 41 -9.61 15.24 3.12
C LYS B 41 -9.28 13.78 3.47
N ARG B 42 -9.88 13.31 4.58
CA ARG B 42 -9.84 11.89 5.02
C ARG B 42 -11.22 11.28 4.75
N ALA B 43 -11.29 10.32 3.79
CA ALA B 43 -12.56 9.72 3.34
C ALA B 43 -12.50 8.18 3.45
N GLU B 44 -12.94 7.66 4.60
CA GLU B 44 -12.98 6.20 4.87
C GLU B 44 -14.31 5.59 4.38
N GLU B 45 -15.42 6.32 4.65
CA GLU B 45 -16.79 5.87 4.37
C GLU B 45 -17.13 4.60 5.21
N LYS B 46 -18.14 3.81 4.78
CA LYS B 46 -18.48 2.51 5.39
C LYS B 46 -17.35 1.47 5.12
N PRO B 47 -17.17 0.45 6.02
CA PRO B 47 -16.15 -0.62 5.83
C PRO B 47 -16.65 -1.74 4.88
N GLU B 48 -16.09 -2.94 5.02
CA GLU B 48 -16.40 -4.08 4.14
C GLU B 48 -17.83 -4.61 4.40
N SER B 49 -18.69 -4.46 3.37
CA SER B 49 -20.10 -4.87 3.41
C SER B 49 -20.28 -6.24 2.74
N LYS B 50 -19.61 -6.42 1.58
CA LYS B 50 -19.70 -7.65 0.77
C LYS B 50 -18.63 -8.66 1.21
N SER B 51 -19.05 -9.92 1.37
CA SER B 51 -18.18 -11.04 1.80
C SER B 51 -18.46 -12.27 0.91
N PRO B 52 -17.60 -12.57 -0.11
CA PRO B 52 -17.73 -13.78 -0.97
C PRO B 52 -17.41 -15.08 -0.17
N ALA B 53 -18.39 -15.51 0.64
CA ALA B 53 -18.25 -16.64 1.57
C ALA B 53 -18.27 -17.98 0.81
N LYS B 54 -17.14 -18.71 0.86
CA LYS B 54 -16.99 -20.03 0.21
C LYS B 54 -17.59 -21.15 1.07
N LYS B 55 -17.83 -22.30 0.44
CA LYS B 55 -18.35 -23.51 1.11
C LYS B 55 -17.54 -24.74 0.64
N THR B 56 -16.85 -25.39 1.59
CA THR B 56 -16.10 -26.63 1.34
C THR B 56 -17.09 -27.83 1.28
N ALA B 57 -17.82 -27.90 0.15
CA ALA B 57 -18.90 -28.87 -0.08
C ALA B 57 -18.66 -29.58 -1.42
N ALA B 58 -18.38 -30.88 -1.36
CA ALA B 58 -18.07 -31.71 -2.55
C ALA B 58 -19.26 -32.61 -2.93
N LYS B 59 -19.28 -33.03 -4.20
CA LYS B 59 -20.29 -33.96 -4.74
C LYS B 59 -19.65 -34.69 -5.95
N LYS A 2 -9.86 -16.41 -0.60
CA LYS A 2 -8.74 -15.81 -1.34
C LYS A 2 -9.00 -14.30 -1.48
N GLY A 3 -10.20 -13.96 -2.02
CA GLY A 3 -10.64 -12.57 -2.18
C GLY A 3 -11.28 -12.00 -0.93
N SER A 4 -10.53 -12.07 0.18
CA SER A 4 -10.91 -11.50 1.48
C SER A 4 -10.23 -10.13 1.66
N VAL A 5 -9.05 -9.99 1.02
CA VAL A 5 -8.20 -8.79 1.10
C VAL A 5 -8.30 -7.97 -0.18
N ASP A 6 -8.70 -6.71 -0.03
CA ASP A 6 -8.52 -5.69 -1.07
C ASP A 6 -7.10 -5.14 -0.96
N LEU A 7 -6.21 -5.57 -1.87
CA LEU A 7 -4.81 -5.11 -1.92
C LEU A 7 -4.78 -3.57 -2.18
N GLU A 8 -5.78 -3.11 -2.98
CA GLU A 8 -5.99 -1.68 -3.27
C GLU A 8 -6.33 -0.87 -1.99
N LYS A 9 -7.42 -1.25 -1.27
CA LYS A 9 -7.82 -0.54 -0.03
C LYS A 9 -6.77 -0.74 1.09
N LEU A 10 -5.95 -1.81 0.98
CA LEU A 10 -4.83 -2.08 1.90
C LEU A 10 -3.79 -0.95 1.73
N ALA A 11 -3.35 -0.75 0.46
CA ALA A 11 -2.32 0.24 0.09
C ALA A 11 -2.78 1.67 0.41
N PHE A 12 -3.93 2.03 -0.18
CA PHE A 12 -4.57 3.35 -0.01
C PHE A 12 -5.09 3.55 1.43
N GLY A 13 -5.18 2.46 2.20
CA GLY A 13 -5.54 2.52 3.62
C GLY A 13 -4.35 2.90 4.50
N LEU A 14 -3.21 2.20 4.35
CA LEU A 14 -2.02 2.38 5.22
C LEU A 14 -1.26 3.68 4.93
N THR A 15 -1.36 4.20 3.69
CA THR A 15 -0.67 5.46 3.30
C THR A 15 -1.42 6.69 3.84
N LYS A 16 -2.74 6.53 4.08
CA LYS A 16 -3.61 7.62 4.61
C LYS A 16 -3.65 7.57 6.16
N LEU A 17 -3.17 6.45 6.76
CA LEU A 17 -3.07 6.30 8.22
C LEU A 17 -2.13 7.37 8.84
N ASN A 18 -2.40 7.74 10.10
CA ASN A 18 -1.56 8.71 10.85
C ASN A 18 -0.35 7.97 11.48
N GLU A 19 0.44 8.72 12.29
CA GLU A 19 1.73 8.31 12.88
C GLU A 19 1.73 6.86 13.43
N ASP A 20 1.02 6.65 14.55
CA ASP A 20 1.03 5.37 15.31
C ASP A 20 0.59 4.18 14.44
N ASP A 21 -0.39 4.44 13.58
CA ASP A 21 -1.02 3.43 12.72
C ASP A 21 -0.08 2.99 11.60
N LEU A 22 0.55 3.95 10.89
CA LEU A 22 1.45 3.65 9.76
C LEU A 22 2.80 3.09 10.27
N VAL A 23 3.17 3.45 11.53
CA VAL A 23 4.34 2.87 12.21
C VAL A 23 4.08 1.38 12.46
N GLY A 24 2.88 1.06 12.99
CA GLY A 24 2.47 -0.34 13.21
C GLY A 24 2.53 -1.18 11.94
N VAL A 25 2.17 -0.56 10.80
CA VAL A 25 2.28 -1.17 9.46
C VAL A 25 3.73 -1.49 9.10
N VAL A 26 4.61 -0.46 9.12
CA VAL A 26 6.03 -0.61 8.70
C VAL A 26 6.78 -1.58 9.61
N GLN A 27 6.33 -1.68 10.87
CA GLN A 27 6.89 -2.62 11.85
C GLN A 27 6.57 -4.06 11.45
N MET A 28 5.30 -4.34 11.13
CA MET A 28 4.84 -5.72 10.79
C MET A 28 5.45 -6.23 9.48
N VAL A 29 5.57 -5.33 8.47
CA VAL A 29 6.13 -5.71 7.16
C VAL A 29 7.67 -5.89 7.25
N THR A 30 8.37 -5.12 8.11
CA THR A 30 9.84 -5.22 8.24
C THR A 30 10.23 -6.37 9.20
N ASP A 31 9.31 -6.71 10.14
CA ASP A 31 9.53 -7.76 11.16
C ASP A 31 9.43 -9.14 10.52
N ASN A 32 8.37 -9.33 9.72
CA ASN A 32 8.05 -10.62 9.07
C ASN A 32 8.42 -10.56 7.58
N LYS A 33 9.45 -9.76 7.24
CA LYS A 33 9.86 -9.51 5.85
C LYS A 33 10.27 -10.85 5.18
N THR A 34 9.48 -11.25 4.16
CA THR A 34 9.69 -12.50 3.40
C THR A 34 10.49 -12.21 2.10
N PRO A 35 11.15 -13.24 1.47
CA PRO A 35 11.89 -13.06 0.18
C PRO A 35 10.98 -12.66 -1.00
N GLU A 36 9.65 -12.86 -0.84
CA GLU A 36 8.65 -12.60 -1.88
C GLU A 36 8.33 -11.09 -1.96
N MET A 37 7.88 -10.52 -0.83
CA MET A 37 7.52 -9.08 -0.71
C MET A 37 8.71 -8.17 -1.05
N ASN A 38 8.42 -6.97 -1.63
CA ASN A 38 9.51 -6.09 -2.14
C ASN A 38 9.47 -4.76 -1.38
N VAL A 39 10.38 -4.55 -0.41
CA VAL A 39 10.46 -3.29 0.35
C VAL A 39 11.73 -2.50 -0.04
N THR A 40 11.60 -1.17 -0.01
CA THR A 40 12.69 -0.23 -0.26
C THR A 40 12.49 0.98 0.67
N ASN A 41 13.25 1.02 1.79
CA ASN A 41 13.23 2.16 2.71
C ASN A 41 13.98 3.32 2.07
N ASN A 42 13.22 4.25 1.47
CA ASN A 42 13.77 5.47 0.89
C ASN A 42 13.94 6.50 2.02
N VAL A 43 15.15 6.55 2.60
CA VAL A 43 15.49 7.44 3.71
C VAL A 43 15.48 8.93 3.27
N GLU A 44 15.51 9.17 1.94
CA GLU A 44 15.47 10.52 1.36
C GLU A 44 14.13 11.21 1.69
N GLU A 45 13.04 10.46 1.51
CA GLU A 45 11.70 10.90 1.88
C GLU A 45 11.35 10.48 3.31
N GLY A 46 12.09 9.49 3.85
CA GLY A 46 11.74 8.83 5.12
C GLY A 46 10.48 8.00 4.96
N GLU A 47 10.47 7.12 3.94
CA GLU A 47 9.28 6.35 3.56
C GLU A 47 9.63 4.87 3.31
N PHE A 48 8.57 4.05 3.18
CA PHE A 48 8.65 2.60 2.92
C PHE A 48 7.91 2.32 1.61
N ILE A 49 8.69 2.24 0.52
CA ILE A 49 8.19 1.85 -0.80
C ILE A 49 8.10 0.32 -0.82
N ILE A 50 6.92 -0.23 -0.52
CA ILE A 50 6.74 -1.69 -0.37
C ILE A 50 5.60 -2.21 -1.27
N ASP A 51 5.97 -3.14 -2.18
CA ASP A 51 5.03 -3.96 -2.95
C ASP A 51 4.37 -4.97 -1.99
N LEU A 52 3.15 -4.60 -1.54
CA LEU A 52 2.24 -5.48 -0.78
C LEU A 52 1.79 -6.66 -1.65
N TYR A 53 1.87 -6.44 -2.97
CA TYR A 53 1.38 -7.34 -4.00
C TYR A 53 2.08 -8.72 -3.93
N SER A 54 3.30 -8.73 -3.39
CA SER A 54 4.13 -9.94 -3.25
C SER A 54 4.19 -10.42 -1.77
N LEU A 55 3.37 -9.82 -0.88
CA LEU A 55 3.16 -10.33 0.51
C LEU A 55 2.48 -11.72 0.45
N PRO A 56 2.91 -12.71 1.29
CA PRO A 56 2.17 -13.99 1.48
C PRO A 56 0.76 -13.74 2.04
N GLU A 57 -0.12 -14.77 1.95
CA GLU A 57 -1.52 -14.69 2.40
C GLU A 57 -1.59 -14.21 3.85
N GLY A 58 -0.69 -14.78 4.68
CA GLY A 58 -0.62 -14.48 6.10
C GLY A 58 -0.45 -12.99 6.38
N LEU A 59 0.51 -12.37 5.66
CA LEU A 59 0.86 -10.95 5.86
C LEU A 59 -0.17 -10.01 5.24
N LEU A 60 -0.65 -10.27 4.01
CA LEU A 60 -1.66 -9.39 3.36
C LEU A 60 -3.00 -9.45 4.13
N LYS A 61 -3.26 -10.55 4.86
CA LYS A 61 -4.43 -10.69 5.76
C LYS A 61 -4.21 -9.91 7.08
N SER A 62 -3.01 -10.04 7.67
CA SER A 62 -2.66 -9.37 8.95
C SER A 62 -2.64 -7.85 8.82
N LEU A 63 -2.04 -7.39 7.72
CA LEU A 63 -1.96 -5.97 7.35
C LEU A 63 -3.36 -5.43 6.97
N TRP A 64 -4.16 -6.24 6.25
CA TRP A 64 -5.54 -5.85 5.85
C TRP A 64 -6.41 -5.65 7.10
N ASP A 65 -6.49 -6.70 7.93
CA ASP A 65 -7.23 -6.70 9.22
C ASP A 65 -6.89 -5.46 10.06
N TYR A 66 -5.59 -5.15 10.15
CA TYR A 66 -5.06 -4.01 10.87
C TYR A 66 -5.56 -2.68 10.27
N VAL A 67 -5.20 -2.40 9.00
CA VAL A 67 -5.47 -1.11 8.35
C VAL A 67 -6.98 -0.86 8.19
N LYS A 68 -7.77 -1.94 8.08
CA LYS A 68 -9.22 -1.84 7.83
C LYS A 68 -9.95 -1.40 9.11
N LYS A 69 -9.52 -1.94 10.29
CA LYS A 69 -10.05 -1.52 11.60
C LYS A 69 -9.36 -0.24 12.10
N ASN A 70 -8.31 0.21 11.38
CA ASN A 70 -7.60 1.48 11.65
C ASN A 70 -8.18 2.65 10.81
N THR A 71 -8.82 2.35 9.66
CA THR A 71 -9.34 3.38 8.73
C THR A 71 -10.84 3.68 8.91
N GLU A 72 -11.57 2.84 9.66
CA GLU A 72 -13.03 3.02 9.87
C GLU A 72 -13.35 4.10 10.93
N GLU B 2 -43.33 -30.33 -19.41
CA GLU B 2 -42.11 -29.52 -19.48
C GLU B 2 -42.07 -28.50 -18.33
N VAL B 3 -40.88 -27.88 -18.11
CA VAL B 3 -40.72 -26.74 -17.19
C VAL B 3 -41.39 -25.48 -17.78
N LYS B 4 -41.85 -24.56 -16.91
CA LYS B 4 -42.60 -23.35 -17.32
C LYS B 4 -41.72 -22.39 -18.13
N SER B 5 -40.41 -22.36 -17.84
CA SER B 5 -39.45 -21.44 -18.47
C SER B 5 -38.08 -22.14 -18.61
N SER B 6 -37.80 -22.65 -19.83
CA SER B 6 -36.51 -23.28 -20.16
C SER B 6 -35.40 -22.21 -20.16
N SER B 7 -34.27 -22.52 -19.50
CA SER B 7 -33.09 -21.64 -19.46
C SER B 7 -32.30 -21.72 -20.77
N VAL B 8 -31.67 -20.60 -21.15
CA VAL B 8 -30.79 -20.53 -22.34
C VAL B 8 -29.42 -21.17 -22.03
N GLU B 9 -28.81 -21.80 -23.06
CA GLU B 9 -27.48 -22.41 -22.96
C GLU B 9 -26.41 -21.30 -22.82
N ILE B 10 -25.50 -21.45 -21.85
CA ILE B 10 -24.55 -20.41 -21.48
C ILE B 10 -23.31 -20.46 -22.41
N ILE B 11 -22.96 -19.30 -22.98
CA ILE B 11 -21.76 -19.11 -23.83
C ILE B 11 -21.07 -17.79 -23.44
N ASN B 12 -19.72 -17.76 -23.54
CA ASN B 12 -18.88 -16.57 -23.28
C ASN B 12 -18.84 -16.22 -21.76
N GLY B 13 -17.77 -15.53 -21.34
CA GLY B 13 -17.58 -15.13 -19.94
C GLY B 13 -16.11 -15.09 -19.54
N SER B 14 -15.23 -15.67 -20.39
CA SER B 14 -13.77 -15.66 -20.16
C SER B 14 -13.20 -14.25 -20.41
N GLU B 15 -13.09 -13.47 -19.32
CA GLU B 15 -12.50 -12.12 -19.34
C GLU B 15 -10.97 -12.23 -19.41
N SER B 16 -10.41 -13.07 -18.50
CA SER B 16 -9.02 -13.57 -18.57
C SER B 16 -7.96 -12.43 -18.49
N LYS B 17 -8.26 -11.37 -17.71
CA LYS B 17 -7.32 -10.25 -17.49
C LYS B 17 -6.20 -10.66 -16.52
N LYS B 18 -5.14 -11.26 -17.09
CA LYS B 18 -3.97 -11.75 -16.35
C LYS B 18 -2.72 -10.96 -16.73
N LYS B 19 -1.59 -11.26 -16.03
CA LYS B 19 -0.35 -10.46 -16.07
C LYS B 19 -0.69 -9.05 -15.51
N LYS B 20 -1.25 -9.05 -14.30
CA LYS B 20 -1.60 -7.83 -13.57
C LYS B 20 -0.34 -7.20 -12.96
N PRO B 21 -0.17 -5.83 -13.05
CA PRO B 21 1.02 -5.11 -12.55
C PRO B 21 1.11 -5.11 -11.01
N LYS B 22 2.26 -4.65 -10.50
CA LYS B 22 2.52 -4.52 -9.06
C LYS B 22 1.78 -3.31 -8.49
N LEU B 23 1.01 -3.54 -7.40
CA LEU B 23 0.36 -2.47 -6.63
C LEU B 23 1.30 -2.12 -5.47
N THR B 24 2.16 -1.12 -5.72
CA THR B 24 3.15 -0.63 -4.77
C THR B 24 2.55 0.52 -3.95
N VAL B 25 3.12 0.80 -2.77
CA VAL B 25 2.67 1.91 -1.91
C VAL B 25 3.87 2.57 -1.21
N LYS B 26 3.73 3.87 -0.90
CA LYS B 26 4.74 4.68 -0.19
C LYS B 26 4.17 5.13 1.16
N ILE B 27 4.68 4.52 2.23
CA ILE B 27 4.29 4.84 3.61
C ILE B 27 5.23 5.92 4.15
N LYS B 28 4.74 7.14 4.38
CA LYS B 28 5.60 8.27 4.82
C LYS B 28 5.74 8.25 6.36
N LEU B 29 6.92 7.83 6.83
CA LEU B 29 7.23 7.76 8.28
C LEU B 29 7.52 9.16 8.84
N ASN B 30 6.98 9.42 10.03
CA ASN B 30 7.21 10.68 10.80
C ASN B 30 8.68 10.78 11.24
N LYS B 31 9.44 11.69 10.62
CA LYS B 31 10.87 11.91 10.92
C LYS B 31 11.10 13.36 11.36
N THR B 32 12.40 13.77 11.47
CA THR B 32 12.81 15.16 11.75
C THR B 32 12.21 16.15 10.71
N THR B 33 12.28 17.47 11.02
CA THR B 33 11.67 18.55 10.20
C THR B 33 12.12 18.46 8.71
N VAL B 34 11.30 17.73 7.93
CA VAL B 34 11.54 17.47 6.51
C VAL B 34 10.80 18.54 5.68
N LEU B 35 11.20 18.70 4.42
CA LEU B 35 10.54 19.61 3.47
C LEU B 35 9.22 18.98 2.99
N GLU B 36 8.31 19.84 2.47
CA GLU B 36 6.97 19.41 2.03
C GLU B 36 7.06 18.33 0.93
N ASN B 37 6.38 17.20 1.16
CA ASN B 37 6.29 16.09 0.20
C ASN B 37 5.23 16.44 -0.86
N ASN B 38 5.56 16.20 -2.15
CA ASN B 38 4.68 16.53 -3.29
C ASN B 38 3.30 15.87 -3.12
N ASP B 39 2.26 16.71 -2.98
CA ASP B 39 0.88 16.26 -2.77
C ASP B 39 0.16 16.02 -4.11
N GLY B 40 -1.13 15.66 -4.02
CA GLY B 40 -1.96 15.38 -5.19
C GLY B 40 -3.30 14.79 -4.79
N LYS B 41 -3.23 13.64 -4.07
CA LYS B 41 -4.43 12.93 -3.58
C LYS B 41 -4.05 12.00 -2.40
N ARG B 42 -5.04 11.65 -1.59
CA ARG B 42 -4.85 10.89 -0.33
C ARG B 42 -6.02 9.90 -0.06
N ALA B 43 -7.05 9.95 -0.94
CA ALA B 43 -8.33 9.24 -0.79
C ALA B 43 -9.17 9.87 0.34
N GLU B 44 -10.31 10.43 -0.04
CA GLU B 44 -11.21 11.15 0.87
C GLU B 44 -12.03 10.15 1.72
N GLU B 45 -12.62 9.16 1.02
CA GLU B 45 -13.54 8.16 1.62
C GLU B 45 -12.77 7.02 2.29
N LYS B 46 -13.36 6.48 3.37
CA LYS B 46 -12.81 5.32 4.10
C LYS B 46 -12.96 4.02 3.27
N PRO B 47 -11.96 3.09 3.34
CA PRO B 47 -12.10 1.71 2.82
C PRO B 47 -13.32 0.98 3.42
N GLU B 48 -13.50 1.18 4.74
CA GLU B 48 -14.51 0.50 5.55
C GLU B 48 -15.65 1.45 5.96
N SER B 49 -16.89 1.04 5.66
CA SER B 49 -18.13 1.68 6.13
C SER B 49 -19.17 0.59 6.46
N LYS B 50 -18.67 -0.66 6.59
CA LYS B 50 -19.52 -1.86 6.84
C LYS B 50 -20.27 -1.74 8.17
N SER B 51 -19.57 -1.14 9.17
CA SER B 51 -20.03 -1.03 10.56
C SER B 51 -20.41 -2.42 11.12
N PRO B 52 -19.38 -3.32 11.36
CA PRO B 52 -19.62 -4.75 11.74
C PRO B 52 -20.49 -4.87 13.01
N ALA B 53 -21.53 -5.72 12.95
CA ALA B 53 -22.47 -5.96 14.06
C ALA B 53 -21.78 -6.80 15.16
N LYS B 54 -20.95 -6.11 15.97
CA LYS B 54 -20.15 -6.72 17.03
C LYS B 54 -21.06 -7.26 18.15
N LYS B 55 -20.73 -8.44 18.67
CA LYS B 55 -21.59 -9.16 19.63
C LYS B 55 -21.17 -8.88 21.09
N THR B 56 -22.18 -8.76 21.95
CA THR B 56 -22.03 -8.58 23.39
C THR B 56 -23.15 -9.38 24.08
N ALA B 57 -22.99 -9.62 25.41
CA ALA B 57 -23.92 -10.44 26.23
C ALA B 57 -23.97 -11.88 25.70
N ALA B 58 -25.01 -12.66 26.09
CA ALA B 58 -25.23 -14.07 25.67
C ALA B 58 -24.20 -15.02 26.32
N LYS B 59 -22.94 -14.93 25.88
CA LYS B 59 -21.83 -15.73 26.42
C LYS B 59 -20.77 -14.78 27.05
N LYS A 2 -15.73 -7.17 0.88
CA LYS A 2 -16.24 -7.86 2.08
C LYS A 2 -15.55 -9.22 2.20
N GLY A 3 -14.74 -9.39 3.27
CA GLY A 3 -14.14 -10.70 3.63
C GLY A 3 -12.83 -11.02 2.91
N SER A 4 -12.58 -10.36 1.77
CA SER A 4 -11.37 -10.57 0.94
C SER A 4 -10.37 -9.44 1.20
N VAL A 5 -9.07 -9.73 0.96
CA VAL A 5 -7.99 -8.74 1.03
C VAL A 5 -8.01 -7.89 -0.24
N ASP A 6 -8.66 -6.73 -0.13
CA ASP A 6 -8.66 -5.71 -1.18
C ASP A 6 -7.33 -4.94 -1.10
N LEU A 7 -6.39 -5.30 -2.00
CA LEU A 7 -4.99 -4.80 -2.00
C LEU A 7 -4.96 -3.26 -2.19
N GLU A 8 -5.93 -2.75 -2.97
CA GLU A 8 -6.08 -1.31 -3.26
C GLU A 8 -6.40 -0.57 -1.96
N LYS A 9 -7.48 -1.02 -1.29
CA LYS A 9 -7.96 -0.43 -0.03
C LYS A 9 -6.97 -0.71 1.13
N LEU A 10 -6.08 -1.72 0.95
CA LEU A 10 -5.02 -2.05 1.92
C LEU A 10 -3.93 -0.96 1.86
N ALA A 11 -3.38 -0.76 0.65
CA ALA A 11 -2.26 0.17 0.37
C ALA A 11 -2.66 1.64 0.65
N PHE A 12 -3.80 2.04 0.06
CA PHE A 12 -4.41 3.37 0.27
C PHE A 12 -4.95 3.49 1.71
N GLY A 13 -5.32 2.34 2.33
CA GLY A 13 -5.81 2.30 3.71
C GLY A 13 -4.74 2.54 4.74
N LEU A 14 -3.52 2.00 4.52
CA LEU A 14 -2.40 2.15 5.47
C LEU A 14 -1.72 3.52 5.37
N THR A 15 -1.70 4.11 4.16
CA THR A 15 -1.02 5.42 3.92
C THR A 15 -1.90 6.59 4.39
N LYS A 16 -3.23 6.36 4.51
CA LYS A 16 -4.18 7.38 5.02
C LYS A 16 -4.27 7.34 6.56
N LEU A 17 -3.71 6.28 7.17
CA LEU A 17 -3.62 6.13 8.63
C LEU A 17 -2.65 7.18 9.22
N ASN A 18 -2.87 7.55 10.49
CA ASN A 18 -2.05 8.56 11.20
C ASN A 18 -0.68 7.99 11.57
N GLU A 19 0.17 8.80 12.24
CA GLU A 19 1.53 8.40 12.68
C GLU A 19 1.57 6.99 13.29
N ASP A 20 0.81 6.79 14.37
CA ASP A 20 0.79 5.54 15.16
C ASP A 20 0.55 4.30 14.29
N ASP A 21 -0.48 4.38 13.45
CA ASP A 21 -0.97 3.23 12.66
C ASP A 21 -0.07 2.93 11.45
N LEU A 22 0.41 3.97 10.74
CA LEU A 22 1.29 3.77 9.56
C LEU A 22 2.68 3.25 10.01
N VAL A 23 3.08 3.65 11.25
CA VAL A 23 4.29 3.11 11.89
C VAL A 23 4.07 1.65 12.27
N GLY A 24 2.87 1.34 12.82
CA GLY A 24 2.47 -0.04 13.16
C GLY A 24 2.55 -0.97 11.95
N VAL A 25 2.16 -0.43 10.78
CA VAL A 25 2.23 -1.12 9.49
C VAL A 25 3.69 -1.44 9.10
N VAL A 26 4.56 -0.39 9.07
CA VAL A 26 5.97 -0.55 8.65
C VAL A 26 6.76 -1.46 9.61
N GLN A 27 6.32 -1.51 10.89
CA GLN A 27 6.92 -2.39 11.90
C GLN A 27 6.57 -3.86 11.61
N MET A 28 5.30 -4.13 11.25
CA MET A 28 4.82 -5.52 10.99
C MET A 28 5.42 -6.08 9.69
N VAL A 29 5.52 -5.23 8.65
CA VAL A 29 6.07 -5.66 7.34
C VAL A 29 7.60 -5.85 7.40
N THR A 30 8.31 -5.08 8.28
CA THR A 30 9.78 -5.20 8.41
C THR A 30 10.15 -6.34 9.40
N ASP A 31 9.25 -6.63 10.37
CA ASP A 31 9.44 -7.71 11.38
C ASP A 31 9.34 -9.09 10.73
N ASN A 32 8.40 -9.21 9.78
CA ASN A 32 8.15 -10.46 9.04
C ASN A 32 8.57 -10.30 7.58
N LYS A 33 9.56 -9.42 7.34
CA LYS A 33 10.07 -9.13 5.97
C LYS A 33 10.51 -10.44 5.29
N THR A 34 9.79 -10.80 4.20
CA THR A 34 10.05 -12.01 3.42
C THR A 34 10.86 -11.66 2.14
N PRO A 35 11.56 -12.65 1.49
CA PRO A 35 12.24 -12.41 0.19
C PRO A 35 11.24 -12.31 -0.99
N GLU A 36 9.94 -12.52 -0.70
CA GLU A 36 8.85 -12.40 -1.68
C GLU A 36 8.45 -10.94 -1.83
N MET A 37 7.99 -10.33 -0.70
CA MET A 37 7.53 -8.91 -0.65
C MET A 37 8.60 -7.95 -1.14
N ASN A 38 8.18 -6.91 -1.88
CA ASN A 38 9.11 -5.88 -2.37
C ASN A 38 9.04 -4.72 -1.39
N VAL A 39 10.19 -4.23 -0.92
CA VAL A 39 10.26 -3.08 -0.01
C VAL A 39 11.57 -2.33 -0.25
N THR A 40 11.49 -0.99 -0.32
CA THR A 40 12.63 -0.11 -0.48
C THR A 40 12.54 1.01 0.56
N ASN A 41 13.17 0.78 1.72
CA ASN A 41 13.30 1.78 2.77
C ASN A 41 14.37 2.80 2.34
N ASN A 42 13.91 3.87 1.66
CA ASN A 42 14.78 4.97 1.29
C ASN A 42 14.82 5.93 2.47
N VAL A 43 15.88 5.78 3.28
CA VAL A 43 16.10 6.57 4.51
C VAL A 43 16.38 8.05 4.22
N GLU A 44 16.76 8.35 2.96
CA GLU A 44 17.06 9.73 2.51
C GLU A 44 15.78 10.59 2.54
N GLU A 45 14.72 10.09 1.91
CA GLU A 45 13.40 10.74 1.89
C GLU A 45 12.57 10.34 3.12
N GLY A 46 12.96 9.22 3.77
CA GLY A 46 12.25 8.68 4.92
C GLY A 46 10.94 8.00 4.52
N GLU A 47 11.05 6.89 3.76
CA GLU A 47 9.88 6.22 3.15
C GLU A 47 10.12 4.70 2.99
N PHE A 48 9.00 3.95 2.94
CA PHE A 48 8.95 2.51 2.64
C PHE A 48 8.17 2.31 1.33
N ILE A 49 8.89 2.15 0.21
CA ILE A 49 8.30 1.85 -1.09
C ILE A 49 8.06 0.33 -1.17
N ILE A 50 6.91 -0.12 -0.65
CA ILE A 50 6.60 -1.55 -0.47
C ILE A 50 5.42 -1.99 -1.35
N ASP A 51 5.69 -3.02 -2.19
CA ASP A 51 4.69 -3.73 -3.01
C ASP A 51 4.11 -4.89 -2.18
N LEU A 52 2.81 -4.77 -1.84
CA LEU A 52 2.07 -5.77 -1.04
C LEU A 52 1.57 -6.91 -1.93
N TYR A 53 1.68 -6.71 -3.26
CA TYR A 53 1.28 -7.68 -4.30
C TYR A 53 2.10 -8.98 -4.17
N SER A 54 3.26 -8.88 -3.49
CA SER A 54 4.20 -9.99 -3.28
C SER A 54 4.26 -10.42 -1.79
N LEU A 55 3.37 -9.89 -0.93
CA LEU A 55 3.21 -10.36 0.46
C LEU A 55 2.62 -11.79 0.45
N PRO A 56 3.07 -12.72 1.37
CA PRO A 56 2.39 -14.01 1.60
C PRO A 56 0.96 -13.81 2.15
N GLU A 57 0.11 -14.86 2.02
CA GLU A 57 -1.29 -14.84 2.50
C GLU A 57 -1.36 -14.40 3.96
N GLY A 58 -0.42 -14.91 4.78
CA GLY A 58 -0.32 -14.58 6.20
C GLY A 58 -0.22 -13.07 6.45
N LEU A 59 0.67 -12.41 5.71
CA LEU A 59 0.96 -10.97 5.91
C LEU A 59 -0.10 -10.06 5.30
N LEU A 60 -0.54 -10.31 4.05
CA LEU A 60 -1.56 -9.46 3.40
C LEU A 60 -2.90 -9.52 4.15
N LYS A 61 -3.16 -10.66 4.84
CA LYS A 61 -4.33 -10.82 5.74
C LYS A 61 -4.15 -10.04 7.07
N SER A 62 -2.93 -10.10 7.65
CA SER A 62 -2.62 -9.44 8.94
C SER A 62 -2.68 -7.91 8.82
N LEU A 63 -2.03 -7.39 7.77
CA LEU A 63 -1.99 -5.96 7.47
C LEU A 63 -3.38 -5.45 7.07
N TRP A 64 -4.14 -6.26 6.28
CA TRP A 64 -5.51 -5.91 5.86
C TRP A 64 -6.43 -5.77 7.07
N ASP A 65 -6.52 -6.85 7.86
CA ASP A 65 -7.30 -6.91 9.11
C ASP A 65 -7.02 -5.69 10.01
N TYR A 66 -5.73 -5.34 10.16
CA TYR A 66 -5.29 -4.19 10.95
C TYR A 66 -5.85 -2.87 10.38
N VAL A 67 -5.45 -2.55 9.14
CA VAL A 67 -5.74 -1.24 8.51
C VAL A 67 -7.25 -1.04 8.34
N LYS A 68 -7.99 -2.14 8.09
CA LYS A 68 -9.43 -2.10 7.83
C LYS A 68 -10.19 -1.79 9.13
N LYS A 69 -9.80 -2.41 10.26
CA LYS A 69 -10.48 -2.19 11.56
C LYS A 69 -10.02 -0.86 12.22
N ASN A 70 -8.97 -0.23 11.66
CA ASN A 70 -8.49 1.11 12.11
C ASN A 70 -8.88 2.23 11.11
N THR A 71 -9.57 1.87 9.99
CA THR A 71 -10.17 2.87 9.06
C THR A 71 -11.72 2.87 9.22
N GLU A 72 -12.29 1.68 9.40
CA GLU A 72 -13.75 1.46 9.57
C GLU A 72 -14.18 1.75 11.02
N GLU B 2 -38.10 -8.66 -7.62
CA GLU B 2 -38.78 -8.43 -8.89
C GLU B 2 -38.20 -9.33 -10.00
N VAL B 3 -38.50 -9.02 -11.28
CA VAL B 3 -38.02 -9.78 -12.45
C VAL B 3 -36.49 -9.60 -12.68
N LYS B 4 -35.70 -10.39 -11.94
CA LYS B 4 -34.24 -10.54 -12.14
C LYS B 4 -33.90 -12.03 -12.15
N SER B 5 -32.74 -12.36 -12.77
CA SER B 5 -32.33 -13.74 -13.10
C SER B 5 -33.33 -14.39 -14.11
N SER B 6 -34.05 -13.52 -14.85
CA SER B 6 -35.04 -13.91 -15.86
C SER B 6 -34.36 -14.57 -17.07
N SER B 7 -33.15 -14.07 -17.40
CA SER B 7 -32.26 -14.71 -18.38
C SER B 7 -31.45 -15.80 -17.64
N VAL B 8 -32.10 -16.97 -17.47
CA VAL B 8 -31.58 -18.10 -16.67
C VAL B 8 -30.38 -18.79 -17.33
N GLU B 9 -30.25 -18.65 -18.66
CA GLU B 9 -29.23 -19.34 -19.48
C GLU B 9 -28.56 -18.36 -20.45
N ILE B 10 -28.40 -17.08 -20.02
CA ILE B 10 -27.68 -16.06 -20.82
C ILE B 10 -26.20 -16.49 -21.05
N ILE B 11 -25.84 -16.72 -22.34
CA ILE B 11 -24.47 -17.09 -22.72
C ILE B 11 -23.57 -15.84 -22.65
N ASN B 12 -22.93 -15.67 -21.48
CA ASN B 12 -21.93 -14.63 -21.23
C ASN B 12 -21.04 -15.06 -20.07
N GLY B 13 -19.73 -15.05 -20.31
CA GLY B 13 -18.71 -15.37 -19.30
C GLY B 13 -17.33 -14.95 -19.76
N SER B 14 -17.30 -13.88 -20.57
CA SER B 14 -16.05 -13.30 -21.11
C SER B 14 -15.72 -11.99 -20.39
N GLU B 15 -14.42 -11.71 -20.20
CA GLU B 15 -13.96 -10.48 -19.55
C GLU B 15 -12.58 -10.13 -20.14
N SER B 16 -12.54 -9.09 -21.00
CA SER B 16 -11.32 -8.66 -21.68
C SER B 16 -10.49 -7.76 -20.75
N LYS B 17 -9.54 -8.37 -20.03
CA LYS B 17 -8.59 -7.69 -19.14
C LYS B 17 -7.16 -8.16 -19.46
N LYS B 18 -6.16 -7.33 -19.12
CA LYS B 18 -4.74 -7.61 -19.37
C LYS B 18 -3.90 -7.13 -18.18
N LYS B 19 -4.13 -5.85 -17.83
CA LYS B 19 -3.30 -5.08 -16.89
C LYS B 19 -3.63 -5.44 -15.45
N LYS B 20 -2.80 -6.31 -14.84
CA LYS B 20 -2.79 -6.53 -13.38
C LYS B 20 -1.38 -6.19 -12.85
N PRO B 21 -1.03 -4.87 -12.72
CA PRO B 21 0.29 -4.45 -12.23
C PRO B 21 0.37 -4.50 -10.70
N LYS B 22 1.57 -4.31 -10.15
CA LYS B 22 1.78 -4.30 -8.71
C LYS B 22 1.21 -3.02 -8.10
N LEU B 23 0.43 -3.19 -7.04
CA LEU B 23 -0.18 -2.09 -6.30
C LEU B 23 0.84 -1.68 -5.22
N THR B 24 1.66 -0.69 -5.57
CA THR B 24 2.77 -0.20 -4.74
C THR B 24 2.26 0.91 -3.82
N VAL B 25 2.86 1.05 -2.63
CA VAL B 25 2.60 2.17 -1.73
C VAL B 25 3.93 2.72 -1.20
N LYS B 26 4.11 4.04 -1.32
CA LYS B 26 5.27 4.73 -0.78
C LYS B 26 4.85 5.36 0.57
N ILE B 27 5.08 4.61 1.65
CA ILE B 27 4.70 5.02 3.00
C ILE B 27 5.67 6.08 3.51
N LYS B 28 5.21 7.34 3.54
CA LYS B 28 6.03 8.45 4.03
C LYS B 28 6.00 8.47 5.57
N LEU B 29 7.12 8.02 6.16
CA LEU B 29 7.33 8.02 7.61
C LEU B 29 7.45 9.47 8.12
N ASN B 30 6.84 9.73 9.27
CA ASN B 30 6.95 11.01 10.00
C ASN B 30 8.39 11.22 10.50
N LYS B 31 9.19 11.87 9.63
CA LYS B 31 10.61 12.18 9.91
C LYS B 31 10.71 13.57 10.57
N THR B 32 11.96 14.02 10.82
CA THR B 32 12.22 15.38 11.34
C THR B 32 12.22 16.41 10.17
N THR B 33 11.04 16.50 9.52
CA THR B 33 10.80 17.29 8.30
C THR B 33 9.28 17.57 8.21
N VAL B 34 8.90 18.85 8.34
CA VAL B 34 7.50 19.28 8.17
C VAL B 34 7.20 19.49 6.68
N LEU B 35 6.46 18.54 6.09
CA LEU B 35 6.04 18.59 4.67
C LEU B 35 4.58 19.08 4.57
N GLU B 36 4.07 19.20 3.33
CA GLU B 36 2.70 19.70 3.07
C GLU B 36 1.63 18.72 3.60
N ASN B 37 0.74 19.27 4.45
CA ASN B 37 -0.33 18.52 5.13
C ASN B 37 -1.42 19.51 5.58
N ASN B 38 -2.68 19.03 5.64
CA ASN B 38 -3.84 19.84 6.06
C ASN B 38 -4.79 18.95 6.88
N ASP B 39 -4.19 18.10 7.72
CA ASP B 39 -4.90 17.10 8.54
C ASP B 39 -3.99 16.67 9.72
N GLY B 40 -4.37 15.62 10.47
CA GLY B 40 -3.56 15.11 11.58
C GLY B 40 -4.13 13.83 12.16
N LYS B 41 -4.63 13.93 13.41
CA LYS B 41 -5.17 12.77 14.16
C LYS B 41 -6.69 12.71 14.01
N ARG B 42 -7.23 11.48 14.06
CA ARG B 42 -8.67 11.22 13.94
C ARG B 42 -9.00 9.95 14.72
N ALA B 43 -10.23 9.91 15.28
CA ALA B 43 -10.73 8.82 16.14
C ALA B 43 -10.03 8.80 17.51
N GLU B 44 -10.67 8.13 18.46
CA GLU B 44 -10.20 7.98 19.85
C GLU B 44 -9.90 6.50 20.08
N GLU B 45 -10.97 5.68 19.94
CA GLU B 45 -10.93 4.21 20.16
C GLU B 45 -10.50 3.86 21.60
N LYS B 46 -10.36 2.55 21.87
CA LYS B 46 -9.79 2.06 23.13
C LYS B 46 -8.25 2.09 23.02
N PRO B 47 -7.50 2.74 23.99
CA PRO B 47 -6.01 2.76 24.00
C PRO B 47 -5.38 1.35 24.02
N GLU B 48 -6.10 0.40 24.64
CA GLU B 48 -5.63 -0.99 24.82
C GLU B 48 -5.78 -1.82 23.52
N SER B 49 -6.64 -1.35 22.57
CA SER B 49 -6.76 -1.97 21.22
C SER B 49 -5.43 -1.90 20.47
N LYS B 50 -4.73 -0.79 20.71
CA LYS B 50 -3.38 -0.55 20.20
C LYS B 50 -2.37 -1.18 21.16
N SER B 51 -1.72 -2.26 20.73
CA SER B 51 -0.67 -2.94 21.49
C SER B 51 0.54 -3.14 20.58
N PRO B 52 1.57 -2.20 20.62
CA PRO B 52 2.79 -2.32 19.79
C PRO B 52 3.87 -3.24 20.44
N ALA B 53 3.39 -4.30 21.11
CA ALA B 53 4.23 -5.23 21.88
C ALA B 53 4.94 -6.21 20.92
N LYS B 54 6.25 -6.36 21.12
CA LYS B 54 7.08 -7.26 20.32
C LYS B 54 8.31 -7.69 21.15
N LYS B 55 8.29 -8.93 21.64
CA LYS B 55 9.46 -9.54 22.29
C LYS B 55 10.41 -9.98 21.16
N THR B 56 11.35 -9.10 20.82
CA THR B 56 12.37 -9.39 19.82
C THR B 56 13.76 -9.18 20.47
N ALA B 57 14.49 -10.29 20.64
CA ALA B 57 15.87 -10.28 21.16
C ALA B 57 16.84 -10.17 19.98
N ALA B 58 17.69 -9.12 19.99
CA ALA B 58 18.70 -8.89 18.95
C ALA B 58 19.99 -9.68 19.29
N LYS B 59 19.81 -10.98 19.60
CA LYS B 59 20.86 -11.89 20.10
C LYS B 59 21.40 -11.39 21.47
N LYS A 2 -14.65 -11.11 3.85
CA LYS A 2 -13.60 -10.32 4.55
C LYS A 2 -12.19 -10.83 4.17
N GLY A 3 -12.10 -12.07 3.68
CA GLY A 3 -10.84 -12.68 3.27
C GLY A 3 -10.32 -12.15 1.95
N SER A 4 -11.21 -11.57 1.13
CA SER A 4 -10.85 -10.90 -0.12
C SER A 4 -10.08 -9.60 0.20
N VAL A 5 -8.77 -9.72 0.29
CA VAL A 5 -7.85 -8.61 0.58
C VAL A 5 -7.73 -7.71 -0.66
N ASP A 6 -8.49 -6.60 -0.64
CA ASP A 6 -8.37 -5.54 -1.65
C ASP A 6 -7.04 -4.81 -1.42
N LEU A 7 -6.07 -5.11 -2.30
CA LEU A 7 -4.70 -4.58 -2.21
C LEU A 7 -4.71 -3.03 -2.40
N GLU A 8 -5.68 -2.56 -3.19
CA GLU A 8 -5.95 -1.12 -3.39
C GLU A 8 -6.27 -0.41 -2.07
N LYS A 9 -7.27 -0.94 -1.34
CA LYS A 9 -7.77 -0.35 -0.10
C LYS A 9 -6.81 -0.64 1.06
N LEU A 10 -5.96 -1.66 0.90
CA LEU A 10 -4.88 -1.97 1.86
C LEU A 10 -3.78 -0.90 1.77
N ALA A 11 -3.19 -0.77 0.55
CA ALA A 11 -2.07 0.15 0.25
C ALA A 11 -2.43 1.62 0.60
N PHE A 12 -3.57 2.07 0.07
CA PHE A 12 -4.12 3.40 0.34
C PHE A 12 -4.59 3.52 1.82
N GLY A 13 -5.09 2.41 2.38
CA GLY A 13 -5.61 2.37 3.75
C GLY A 13 -4.53 2.52 4.83
N LEU A 14 -3.32 2.00 4.55
CA LEU A 14 -2.18 2.09 5.50
C LEU A 14 -1.44 3.44 5.40
N THR A 15 -1.35 4.01 4.18
CA THR A 15 -0.57 5.25 3.95
C THR A 15 -1.34 6.49 4.44
N LYS A 16 -2.66 6.34 4.67
CA LYS A 16 -3.52 7.40 5.20
C LYS A 16 -3.56 7.39 6.74
N LEU A 17 -3.02 6.32 7.35
CA LEU A 17 -2.94 6.16 8.82
C LEU A 17 -1.94 7.18 9.43
N ASN A 18 -2.19 7.58 10.70
CA ASN A 18 -1.40 8.60 11.43
C ASN A 18 -0.06 8.02 11.91
N GLU A 19 0.71 8.85 12.65
CA GLU A 19 2.03 8.51 13.25
C GLU A 19 2.13 7.05 13.75
N ASP A 20 1.28 6.72 14.75
CA ASP A 20 1.35 5.41 15.43
C ASP A 20 1.02 4.25 14.48
N ASP A 21 -0.08 4.41 13.74
CA ASP A 21 -0.65 3.32 12.91
C ASP A 21 0.20 3.03 11.66
N LEU A 22 0.79 4.07 11.03
CA LEU A 22 1.63 3.91 9.83
C LEU A 22 2.96 3.24 10.24
N VAL A 23 3.47 3.61 11.44
CA VAL A 23 4.68 2.99 12.02
C VAL A 23 4.40 1.49 12.28
N GLY A 24 3.24 1.20 12.88
CA GLY A 24 2.82 -0.18 13.17
C GLY A 24 2.76 -1.05 11.91
N VAL A 25 2.29 -0.44 10.81
CA VAL A 25 2.26 -1.08 9.47
C VAL A 25 3.68 -1.43 9.00
N VAL A 26 4.56 -0.39 8.94
CA VAL A 26 5.91 -0.53 8.37
C VAL A 26 6.77 -1.47 9.23
N GLN A 27 6.44 -1.58 10.53
CA GLN A 27 7.11 -2.50 11.45
C GLN A 27 6.73 -3.95 11.14
N MET A 28 5.42 -4.22 10.94
CA MET A 28 4.94 -5.59 10.67
C MET A 28 5.47 -6.13 9.33
N VAL A 29 5.58 -5.24 8.31
CA VAL A 29 6.08 -5.64 6.99
C VAL A 29 7.62 -5.80 6.97
N THR A 30 8.36 -4.97 7.74
CA THR A 30 9.85 -5.02 7.76
C THR A 30 10.37 -6.11 8.73
N ASP A 31 9.56 -6.44 9.76
CA ASP A 31 9.93 -7.45 10.78
C ASP A 31 9.72 -8.85 10.22
N ASN A 32 8.52 -9.09 9.67
CA ASN A 32 8.13 -10.38 9.07
C ASN A 32 8.46 -10.40 7.56
N LYS A 33 9.46 -9.59 7.14
CA LYS A 33 9.83 -9.41 5.72
C LYS A 33 10.21 -10.77 5.10
N THR A 34 9.47 -11.15 4.04
CA THR A 34 9.66 -12.44 3.32
C THR A 34 10.48 -12.21 2.03
N PRO A 35 11.15 -13.26 1.44
CA PRO A 35 11.93 -13.12 0.18
C PRO A 35 11.02 -12.86 -1.05
N GLU A 36 9.70 -12.96 -0.85
CA GLU A 36 8.69 -12.76 -1.89
C GLU A 36 8.33 -11.27 -2.00
N MET A 37 7.95 -10.65 -0.86
CA MET A 37 7.51 -9.24 -0.80
C MET A 37 8.62 -8.27 -1.23
N ASN A 38 8.22 -7.10 -1.77
CA ASN A 38 9.17 -6.08 -2.25
C ASN A 38 9.11 -4.90 -1.30
N VAL A 39 10.24 -4.49 -0.71
CA VAL A 39 10.32 -3.27 0.12
C VAL A 39 11.60 -2.50 -0.20
N THR A 40 11.49 -1.16 -0.15
CA THR A 40 12.61 -0.23 -0.34
C THR A 40 12.42 0.94 0.62
N ASN A 41 13.05 0.83 1.79
CA ASN A 41 13.07 1.90 2.80
C ASN A 41 14.05 3.00 2.35
N ASN A 42 13.50 4.16 1.95
CA ASN A 42 14.31 5.32 1.59
C ASN A 42 14.30 6.32 2.75
N VAL A 43 15.35 6.24 3.59
CA VAL A 43 15.54 7.13 4.78
C VAL A 43 15.77 8.61 4.38
N GLU A 44 16.17 8.82 3.11
CA GLU A 44 16.41 10.16 2.53
C GLU A 44 15.14 11.03 2.57
N GLU A 45 14.02 10.39 2.25
CA GLU A 45 12.69 10.99 2.27
C GLU A 45 11.86 10.51 3.47
N GLY A 46 12.39 9.52 4.22
CA GLY A 46 11.67 8.90 5.35
C GLY A 46 10.40 8.19 4.90
N GLU A 47 10.55 7.16 4.05
CA GLU A 47 9.42 6.47 3.42
C GLU A 47 9.69 4.95 3.29
N PHE A 48 8.61 4.20 3.00
CA PHE A 48 8.63 2.73 2.81
C PHE A 48 7.92 2.40 1.50
N ILE A 49 8.70 2.19 0.44
CA ILE A 49 8.17 1.82 -0.88
C ILE A 49 8.02 0.29 -0.92
N ILE A 50 6.83 -0.23 -0.61
CA ILE A 50 6.59 -1.68 -0.44
C ILE A 50 5.42 -2.18 -1.33
N ASP A 51 5.71 -3.21 -2.16
CA ASP A 51 4.70 -3.98 -2.90
C ASP A 51 4.15 -5.08 -1.99
N LEU A 52 2.86 -4.91 -1.62
CA LEU A 52 2.12 -5.87 -0.81
C LEU A 52 1.58 -7.01 -1.68
N TYR A 53 1.68 -6.81 -3.00
CA TYR A 53 1.19 -7.77 -4.01
C TYR A 53 1.91 -9.12 -3.88
N SER A 54 3.14 -9.08 -3.34
CA SER A 54 4.00 -10.25 -3.15
C SER A 54 4.11 -10.65 -1.66
N LEU A 55 3.28 -10.04 -0.78
CA LEU A 55 3.14 -10.51 0.63
C LEU A 55 2.49 -11.91 0.64
N PRO A 56 2.83 -12.81 1.62
CA PRO A 56 2.09 -14.09 1.82
C PRO A 56 0.69 -13.80 2.37
N GLU A 57 -0.22 -14.80 2.27
CA GLU A 57 -1.61 -14.65 2.74
C GLU A 57 -1.64 -14.22 4.21
N GLY A 58 -0.66 -14.72 4.99
CA GLY A 58 -0.50 -14.38 6.40
C GLY A 58 -0.35 -12.88 6.62
N LEU A 59 0.56 -12.25 5.86
CA LEU A 59 0.89 -10.83 6.03
C LEU A 59 -0.14 -9.91 5.38
N LEU A 60 -0.56 -10.19 4.14
CA LEU A 60 -1.57 -9.35 3.44
C LEU A 60 -2.93 -9.40 4.16
N LYS A 61 -3.20 -10.49 4.91
CA LYS A 61 -4.39 -10.58 5.80
C LYS A 61 -4.18 -9.81 7.11
N SER A 62 -3.01 -9.98 7.75
CA SER A 62 -2.67 -9.30 9.02
C SER A 62 -2.70 -7.76 8.87
N LEU A 63 -2.10 -7.28 7.76
CA LEU A 63 -2.06 -5.86 7.40
C LEU A 63 -3.45 -5.37 6.96
N TRP A 64 -4.19 -6.20 6.18
CA TRP A 64 -5.56 -5.84 5.73
C TRP A 64 -6.49 -5.67 6.92
N ASP A 65 -6.65 -6.76 7.69
CA ASP A 65 -7.40 -6.78 8.96
C ASP A 65 -7.05 -5.59 9.86
N TYR A 66 -5.74 -5.29 10.00
CA TYR A 66 -5.26 -4.15 10.79
C TYR A 66 -5.82 -2.81 10.25
N VAL A 67 -5.43 -2.46 9.02
CA VAL A 67 -5.72 -1.13 8.44
C VAL A 67 -7.23 -0.90 8.27
N LYS A 68 -7.98 -1.99 7.99
CA LYS A 68 -9.44 -1.90 7.74
C LYS A 68 -10.18 -1.56 9.05
N LYS A 69 -9.83 -2.25 10.16
CA LYS A 69 -10.51 -2.06 11.47
C LYS A 69 -10.03 -0.76 12.15
N ASN A 70 -8.89 -0.21 11.69
CA ASN A 70 -8.33 1.05 12.21
C ASN A 70 -8.71 2.27 11.34
N THR A 71 -9.29 2.03 10.14
CA THR A 71 -9.86 3.13 9.31
C THR A 71 -11.38 3.24 9.56
N GLU A 72 -12.06 2.07 9.64
CA GLU A 72 -13.51 1.98 9.96
C GLU A 72 -13.77 2.39 11.42
N GLU B 2 -44.69 -9.17 -12.20
CA GLU B 2 -43.59 -9.23 -11.24
C GLU B 2 -43.16 -10.69 -10.98
N VAL B 3 -44.14 -11.62 -11.03
CA VAL B 3 -43.89 -13.08 -10.97
C VAL B 3 -43.10 -13.55 -12.22
N LYS B 4 -43.28 -12.80 -13.33
CA LYS B 4 -42.63 -13.08 -14.62
C LYS B 4 -41.15 -12.61 -14.65
N SER B 5 -40.72 -11.93 -13.56
CA SER B 5 -39.31 -11.51 -13.39
C SER B 5 -38.38 -12.70 -13.08
N SER B 6 -38.97 -13.91 -12.93
CA SER B 6 -38.23 -15.17 -12.77
C SER B 6 -37.42 -15.46 -14.06
N SER B 7 -36.19 -14.92 -14.09
CA SER B 7 -35.29 -14.99 -15.23
C SER B 7 -34.62 -16.37 -15.35
N VAL B 8 -34.86 -17.06 -16.49
CA VAL B 8 -34.18 -18.32 -16.85
C VAL B 8 -32.92 -18.05 -17.70
N GLU B 9 -32.52 -16.75 -17.79
CA GLU B 9 -31.36 -16.31 -18.56
C GLU B 9 -30.05 -16.72 -17.84
N ILE B 10 -29.62 -17.97 -18.10
CA ILE B 10 -28.42 -18.56 -17.48
C ILE B 10 -27.27 -18.53 -18.51
N ILE B 11 -26.48 -17.46 -18.45
CA ILE B 11 -25.35 -17.23 -19.37
C ILE B 11 -24.28 -16.34 -18.68
N ASN B 12 -23.02 -16.78 -18.78
CA ASN B 12 -21.84 -16.02 -18.33
C ASN B 12 -20.68 -16.36 -19.28
N GLY B 13 -20.29 -15.38 -20.12
CA GLY B 13 -19.18 -15.53 -21.05
C GLY B 13 -17.86 -15.18 -20.42
N SER B 14 -17.50 -15.94 -19.36
CA SER B 14 -16.24 -15.77 -18.62
C SER B 14 -15.11 -16.49 -19.38
N GLU B 15 -14.25 -15.73 -20.06
CA GLU B 15 -13.18 -16.28 -20.91
C GLU B 15 -11.93 -15.41 -20.81
N SER B 16 -10.74 -16.06 -20.82
CA SER B 16 -9.42 -15.37 -20.86
C SER B 16 -9.19 -14.54 -19.57
N LYS B 17 -8.14 -13.71 -19.55
CA LYS B 17 -7.77 -12.85 -18.42
C LYS B 17 -6.88 -11.70 -18.89
N LYS B 18 -6.63 -10.76 -17.98
CA LYS B 18 -5.64 -9.69 -18.16
C LYS B 18 -4.71 -9.72 -16.94
N LYS B 19 -3.38 -9.84 -17.19
CA LYS B 19 -2.38 -9.90 -16.12
C LYS B 19 -2.05 -8.48 -15.61
N LYS B 20 -2.46 -8.21 -14.35
CA LYS B 20 -2.20 -6.94 -13.66
C LYS B 20 -0.82 -7.01 -12.98
N PRO B 21 0.05 -5.94 -13.13
CA PRO B 21 1.33 -5.84 -12.39
C PRO B 21 1.11 -5.60 -10.88
N LYS B 22 2.21 -5.37 -10.15
CA LYS B 22 2.19 -5.20 -8.70
C LYS B 22 1.71 -3.79 -8.31
N LEU B 23 0.99 -3.75 -7.17
CA LEU B 23 0.46 -2.50 -6.58
C LEU B 23 1.42 -2.09 -5.46
N THR B 24 2.19 -1.03 -5.72
CA THR B 24 3.16 -0.48 -4.78
C THR B 24 2.50 0.61 -3.94
N VAL B 25 2.97 0.78 -2.69
CA VAL B 25 2.62 1.94 -1.87
C VAL B 25 3.91 2.62 -1.42
N LYS B 26 3.89 3.95 -1.43
CA LYS B 26 5.01 4.77 -1.03
C LYS B 26 4.62 5.46 0.28
N ILE B 27 4.86 4.76 1.39
CA ILE B 27 4.38 5.15 2.73
C ILE B 27 5.24 6.29 3.25
N LYS B 28 4.68 7.50 3.33
CA LYS B 28 5.40 8.66 3.85
C LYS B 28 5.31 8.67 5.38
N LEU B 29 6.42 8.24 6.02
CA LEU B 29 6.52 8.12 7.48
C LEU B 29 6.63 9.50 8.15
N ASN B 30 6.24 9.51 9.42
CA ASN B 30 6.37 10.63 10.35
C ASN B 30 7.86 10.95 10.67
N LYS B 31 8.53 11.61 9.71
CA LYS B 31 9.88 12.18 9.88
C LYS B 31 9.80 13.71 9.75
N THR B 32 10.83 14.39 10.26
CA THR B 32 10.98 15.85 10.14
C THR B 32 11.21 16.24 8.67
N THR B 33 10.43 17.24 8.19
CA THR B 33 10.50 17.69 6.79
C THR B 33 11.85 18.34 6.47
N VAL B 34 12.39 17.99 5.30
CA VAL B 34 13.58 18.63 4.74
C VAL B 34 13.24 20.06 4.28
N LEU B 35 14.20 21.00 4.51
CA LEU B 35 14.04 22.46 4.28
C LEU B 35 13.14 23.10 5.36
N GLU B 36 13.32 24.42 5.56
CA GLU B 36 12.56 25.19 6.57
C GLU B 36 11.12 25.41 6.09
N ASN B 37 10.17 24.61 6.63
CA ASN B 37 8.75 24.63 6.22
C ASN B 37 8.12 26.00 6.56
N ASN B 38 8.32 26.43 7.81
CA ASN B 38 7.86 27.74 8.32
C ASN B 38 8.46 28.00 9.71
N ASP B 39 8.44 29.28 10.13
CA ASP B 39 8.81 29.68 11.51
C ASP B 39 7.65 29.33 12.48
N GLY B 40 7.99 29.12 13.76
CA GLY B 40 7.03 28.64 14.75
C GLY B 40 7.13 27.13 14.91
N LYS B 41 8.28 26.70 15.45
CA LYS B 41 8.63 25.27 15.59
C LYS B 41 7.83 24.65 16.75
N ARG B 42 7.15 23.52 16.46
CA ARG B 42 6.18 22.90 17.38
C ARG B 42 6.85 21.93 18.39
N ALA B 43 6.00 21.19 19.13
CA ALA B 43 6.40 20.20 20.18
C ALA B 43 6.96 20.91 21.43
N GLU B 44 6.10 21.04 22.46
CA GLU B 44 6.48 21.64 23.76
C GLU B 44 7.34 20.62 24.53
N GLU B 45 6.74 19.47 24.82
CA GLU B 45 7.42 18.29 25.37
C GLU B 45 7.75 17.35 24.21
N LYS B 46 8.92 16.70 24.29
CA LYS B 46 9.35 15.70 23.28
C LYS B 46 8.43 14.45 23.34
N PRO B 47 8.14 13.78 22.19
CA PRO B 47 7.34 12.51 22.18
C PRO B 47 8.01 11.36 22.97
N GLU B 48 9.34 11.49 23.22
CA GLU B 48 10.11 10.54 24.03
C GLU B 48 9.66 10.53 25.51
N SER B 49 9.04 11.65 25.97
CA SER B 49 8.58 11.82 27.37
C SER B 49 7.53 10.75 27.76
N LYS B 50 6.89 10.14 26.74
CA LYS B 50 5.93 9.03 26.93
C LYS B 50 6.68 7.78 27.44
N SER B 51 6.45 7.43 28.72
CA SER B 51 7.14 6.35 29.45
C SER B 51 8.66 6.62 29.54
N PRO B 52 9.11 7.44 30.55
CA PRO B 52 10.55 7.80 30.74
C PRO B 52 11.38 6.61 31.29
N ALA B 53 12.70 6.84 31.45
CA ALA B 53 13.67 5.78 31.83
C ALA B 53 13.37 5.20 33.23
N LYS B 54 13.11 3.89 33.26
CA LYS B 54 12.77 3.15 34.50
C LYS B 54 14.01 2.43 35.03
N LYS B 55 14.58 2.97 36.10
CA LYS B 55 15.83 2.46 36.72
C LYS B 55 15.48 1.49 37.87
N THR B 56 15.20 0.23 37.51
CA THR B 56 14.86 -0.82 38.49
C THR B 56 16.16 -1.43 39.06
N ALA B 57 16.51 -1.03 40.30
CA ALA B 57 17.71 -1.48 41.01
C ALA B 57 17.53 -2.94 41.49
N ALA B 58 17.80 -3.88 40.57
CA ALA B 58 17.64 -5.33 40.79
C ALA B 58 18.59 -6.11 39.87
N LYS B 59 19.08 -7.25 40.34
CA LYS B 59 19.99 -8.13 39.59
C LYS B 59 19.18 -9.36 39.11
N LYS A 2 -13.50 -9.07 3.95
CA LYS A 2 -14.87 -9.21 3.42
C LYS A 2 -14.93 -10.44 2.48
N GLY A 3 -14.40 -10.31 1.25
CA GLY A 3 -14.31 -11.43 0.29
C GLY A 3 -12.87 -11.89 0.08
N SER A 4 -11.95 -10.93 0.19
CA SER A 4 -10.51 -11.13 0.01
C SER A 4 -9.76 -9.94 0.64
N VAL A 5 -8.46 -9.81 0.35
CA VAL A 5 -7.68 -8.61 0.69
C VAL A 5 -7.75 -7.63 -0.48
N ASP A 6 -8.48 -6.51 -0.28
CA ASP A 6 -8.51 -5.40 -1.23
C ASP A 6 -7.17 -4.69 -1.20
N LEU A 7 -6.30 -5.04 -2.15
CA LEU A 7 -4.91 -4.55 -2.21
C LEU A 7 -4.87 -3.01 -2.36
N GLU A 8 -5.87 -2.45 -3.06
CA GLU A 8 -6.06 -1.00 -3.22
C GLU A 8 -6.27 -0.31 -1.86
N LYS A 9 -7.28 -0.79 -1.10
CA LYS A 9 -7.68 -0.20 0.18
C LYS A 9 -6.68 -0.55 1.29
N LEU A 10 -5.89 -1.61 1.05
CA LEU A 10 -4.76 -1.98 1.90
C LEU A 10 -3.69 -0.89 1.79
N ALA A 11 -3.22 -0.64 0.56
CA ALA A 11 -2.14 0.33 0.26
C ALA A 11 -2.51 1.76 0.68
N PHE A 12 -3.62 2.24 0.13
CA PHE A 12 -4.14 3.60 0.39
C PHE A 12 -4.64 3.73 1.84
N GLY A 13 -5.03 2.59 2.46
CA GLY A 13 -5.47 2.55 3.86
C GLY A 13 -4.31 2.70 4.84
N LEU A 14 -3.18 2.02 4.59
CA LEU A 14 -2.04 1.99 5.52
C LEU A 14 -1.20 3.27 5.44
N THR A 15 -1.18 3.90 4.26
CA THR A 15 -0.40 5.13 4.03
C THR A 15 -1.17 6.37 4.48
N LYS A 16 -2.52 6.24 4.63
CA LYS A 16 -3.38 7.34 5.11
C LYS A 16 -3.51 7.32 6.65
N LEU A 17 -2.95 6.27 7.29
CA LEU A 17 -2.97 6.10 8.76
C LEU A 17 -2.12 7.18 9.46
N ASN A 18 -2.45 7.42 10.73
CA ASN A 18 -1.76 8.39 11.60
C ASN A 18 -0.38 7.84 12.04
N GLU A 19 0.38 8.70 12.75
CA GLU A 19 1.77 8.45 13.20
C GLU A 19 1.95 7.04 13.80
N ASP A 20 1.17 6.74 14.85
CA ASP A 20 1.25 5.46 15.57
C ASP A 20 0.96 4.25 14.65
N ASP A 21 -0.15 4.35 13.91
CA ASP A 21 -0.69 3.23 13.10
C ASP A 21 0.19 2.90 11.88
N LEU A 22 0.72 3.93 11.19
CA LEU A 22 1.58 3.73 10.00
C LEU A 22 2.92 3.11 10.42
N VAL A 23 3.38 3.45 11.65
CA VAL A 23 4.56 2.82 12.26
C VAL A 23 4.29 1.32 12.48
N GLY A 24 3.13 0.99 13.07
CA GLY A 24 2.73 -0.41 13.30
C GLY A 24 2.71 -1.22 12.01
N VAL A 25 2.29 -0.58 10.91
CA VAL A 25 2.30 -1.18 9.57
C VAL A 25 3.72 -1.52 9.11
N VAL A 26 4.61 -0.49 9.11
CA VAL A 26 5.99 -0.64 8.61
C VAL A 26 6.79 -1.64 9.46
N GLN A 27 6.41 -1.75 10.75
CA GLN A 27 7.03 -2.68 11.70
C GLN A 27 6.62 -4.13 11.39
N MET A 28 5.32 -4.37 11.16
CA MET A 28 4.81 -5.75 10.91
C MET A 28 5.35 -6.30 9.58
N VAL A 29 5.40 -5.44 8.54
CA VAL A 29 5.90 -5.86 7.21
C VAL A 29 7.43 -6.11 7.25
N THR A 30 8.21 -5.27 7.99
CA THR A 30 9.68 -5.38 8.01
C THR A 30 10.17 -6.49 8.98
N ASP A 31 9.39 -6.74 10.06
CA ASP A 31 9.77 -7.72 11.10
C ASP A 31 9.56 -9.15 10.60
N ASN A 32 8.46 -9.36 9.86
CA ASN A 32 8.10 -10.67 9.29
C ASN A 32 8.36 -10.69 7.77
N LYS A 33 9.29 -9.82 7.33
CA LYS A 33 9.62 -9.61 5.91
C LYS A 33 10.12 -10.92 5.26
N THR A 34 9.50 -11.27 4.13
CA THR A 34 9.87 -12.45 3.31
C THR A 34 10.62 -11.99 2.04
N PRO A 35 11.41 -12.88 1.35
CA PRO A 35 12.05 -12.54 0.05
C PRO A 35 11.03 -12.44 -1.12
N GLU A 36 9.73 -12.63 -0.82
CA GLU A 36 8.62 -12.46 -1.77
C GLU A 36 8.31 -10.96 -1.94
N MET A 37 7.86 -10.35 -0.81
CA MET A 37 7.48 -8.91 -0.73
C MET A 37 8.65 -7.99 -1.10
N ASN A 38 8.35 -6.88 -1.82
CA ASN A 38 9.43 -6.00 -2.36
C ASN A 38 9.54 -4.73 -1.51
N VAL A 39 10.19 -4.84 -0.34
CA VAL A 39 10.35 -3.71 0.59
C VAL A 39 11.58 -2.87 0.17
N THR A 40 11.41 -1.55 0.16
CA THR A 40 12.49 -0.60 -0.11
C THR A 40 12.31 0.61 0.82
N ASN A 41 12.99 0.60 1.98
CA ASN A 41 12.97 1.69 2.94
C ASN A 41 13.79 2.86 2.38
N ASN A 42 13.10 3.80 1.71
CA ASN A 42 13.74 4.95 1.08
C ASN A 42 13.75 6.12 2.08
N VAL A 43 14.81 6.17 2.90
CA VAL A 43 14.98 7.17 3.98
C VAL A 43 15.22 8.59 3.42
N GLU A 44 15.58 8.69 2.14
CA GLU A 44 15.80 9.99 1.45
C GLU A 44 14.49 10.78 1.36
N GLU A 45 13.40 10.09 1.03
CA GLU A 45 12.04 10.66 1.03
C GLU A 45 11.34 10.43 2.38
N GLY A 46 11.90 9.52 3.21
CA GLY A 46 11.29 9.15 4.50
C GLY A 46 10.04 8.30 4.30
N GLU A 47 10.21 7.12 3.65
CA GLU A 47 9.10 6.25 3.25
C GLU A 47 9.50 4.77 3.20
N PHE A 48 8.49 3.92 2.98
CA PHE A 48 8.63 2.47 2.84
C PHE A 48 7.96 2.07 1.52
N ILE A 49 8.76 1.99 0.46
CA ILE A 49 8.29 1.57 -0.87
C ILE A 49 8.20 0.03 -0.87
N ILE A 50 7.07 -0.48 -0.36
CA ILE A 50 6.87 -1.93 -0.18
C ILE A 50 5.75 -2.40 -1.11
N ASP A 51 6.07 -3.37 -1.97
CA ASP A 51 5.10 -4.02 -2.84
C ASP A 51 4.34 -5.07 -2.05
N LEU A 52 3.06 -4.76 -1.83
CA LEU A 52 2.11 -5.58 -1.08
C LEU A 52 1.57 -6.73 -1.94
N TYR A 53 1.72 -6.59 -3.26
CA TYR A 53 1.25 -7.58 -4.24
C TYR A 53 1.96 -8.92 -4.01
N SER A 54 3.28 -8.83 -3.74
CA SER A 54 4.14 -9.98 -3.49
C SER A 54 4.23 -10.34 -1.99
N LEU A 55 3.43 -9.67 -1.11
CA LEU A 55 3.33 -10.05 0.34
C LEU A 55 2.85 -11.53 0.46
N PRO A 56 3.32 -12.29 1.49
CA PRO A 56 2.73 -13.60 1.84
C PRO A 56 1.28 -13.42 2.32
N GLU A 57 0.47 -14.49 2.16
CA GLU A 57 -0.95 -14.50 2.57
C GLU A 57 -1.10 -14.06 4.04
N GLY A 58 -0.16 -14.52 4.89
CA GLY A 58 -0.14 -14.20 6.32
C GLY A 58 -0.08 -12.70 6.58
N LEU A 59 0.88 -12.01 5.93
CA LEU A 59 1.09 -10.56 6.13
C LEU A 59 -0.02 -9.71 5.51
N LEU A 60 -0.33 -9.89 4.20
CA LEU A 60 -1.34 -9.04 3.51
C LEU A 60 -2.74 -9.18 4.16
N LYS A 61 -3.01 -10.31 4.83
CA LYS A 61 -4.25 -10.54 5.61
C LYS A 61 -4.24 -9.82 6.97
N SER A 62 -3.12 -9.95 7.71
CA SER A 62 -2.96 -9.33 9.04
C SER A 62 -2.95 -7.79 8.92
N LEU A 63 -2.12 -7.29 7.99
CA LEU A 63 -2.03 -5.87 7.65
C LEU A 63 -3.39 -5.33 7.17
N TRP A 64 -4.09 -6.10 6.32
CA TRP A 64 -5.42 -5.70 5.80
C TRP A 64 -6.42 -5.50 6.93
N ASP A 65 -6.63 -6.57 7.72
CA ASP A 65 -7.54 -6.58 8.89
C ASP A 65 -7.23 -5.41 9.85
N TYR A 66 -5.94 -5.16 10.06
CA TYR A 66 -5.46 -4.05 10.88
C TYR A 66 -5.90 -2.70 10.30
N VAL A 67 -5.40 -2.38 9.10
CA VAL A 67 -5.57 -1.04 8.50
C VAL A 67 -7.05 -0.75 8.18
N LYS A 68 -7.83 -1.80 7.90
CA LYS A 68 -9.24 -1.66 7.53
C LYS A 68 -10.06 -1.25 8.77
N LYS A 69 -9.82 -1.92 9.92
CA LYS A 69 -10.55 -1.62 11.18
C LYS A 69 -10.09 -0.27 11.77
N ASN A 70 -8.89 0.18 11.37
CA ASN A 70 -8.32 1.48 11.81
C ASN A 70 -8.57 2.61 10.79
N THR A 71 -9.19 2.29 9.63
CA THR A 71 -9.70 3.32 8.68
C THR A 71 -11.23 3.46 8.80
N GLU A 72 -11.89 2.37 9.25
CA GLU A 72 -13.35 2.35 9.53
C GLU A 72 -13.65 2.96 10.90
N GLU B 2 -25.21 17.45 -55.51
CA GLU B 2 -25.54 17.99 -54.18
C GLU B 2 -24.59 17.39 -53.12
N VAL B 3 -24.42 16.06 -53.18
CA VAL B 3 -23.60 15.30 -52.22
C VAL B 3 -22.09 15.50 -52.53
N LYS B 4 -21.38 16.14 -51.59
CA LYS B 4 -19.93 16.37 -51.70
C LYS B 4 -19.17 15.35 -50.80
N SER B 5 -19.02 14.12 -51.32
CA SER B 5 -18.19 13.08 -50.69
C SER B 5 -16.69 13.33 -51.01
N SER B 6 -16.44 14.27 -51.94
CA SER B 6 -15.09 14.71 -52.36
C SER B 6 -14.32 15.44 -51.22
N SER B 7 -15.07 15.88 -50.18
CA SER B 7 -14.50 16.54 -49.00
C SER B 7 -13.50 15.61 -48.28
N VAL B 8 -12.31 16.16 -47.95
CA VAL B 8 -11.21 15.40 -47.31
C VAL B 8 -11.22 15.61 -45.78
N GLU B 9 -10.62 14.64 -45.06
CA GLU B 9 -10.42 14.71 -43.60
C GLU B 9 -9.02 14.14 -43.26
N ILE B 10 -8.10 15.04 -42.87
CA ILE B 10 -6.72 14.67 -42.50
C ILE B 10 -6.57 14.85 -40.98
N ILE B 11 -6.73 13.73 -40.25
CA ILE B 11 -6.59 13.66 -38.80
C ILE B 11 -6.48 12.18 -38.38
N ASN B 12 -5.42 11.85 -37.64
CA ASN B 12 -5.18 10.49 -37.10
C ASN B 12 -5.05 10.57 -35.58
N GLY B 13 -5.38 9.47 -34.89
CA GLY B 13 -5.36 9.39 -33.44
C GLY B 13 -5.02 7.99 -32.97
N SER B 14 -3.87 7.86 -32.29
CA SER B 14 -3.38 6.58 -31.77
C SER B 14 -2.63 6.83 -30.45
N GLU B 15 -3.12 6.22 -29.35
CA GLU B 15 -2.47 6.24 -28.04
C GLU B 15 -3.09 5.13 -27.18
N SER B 16 -2.25 4.47 -26.36
CA SER B 16 -2.69 3.35 -25.52
C SER B 16 -1.71 3.15 -24.37
N LYS B 17 -2.15 3.48 -23.14
CA LYS B 17 -1.36 3.26 -21.91
C LYS B 17 -1.59 1.82 -21.43
N LYS B 18 -0.99 0.87 -22.16
CA LYS B 18 -1.15 -0.57 -21.91
C LYS B 18 -0.07 -1.06 -20.91
N LYS B 19 -0.12 -0.48 -19.70
CA LYS B 19 0.86 -0.77 -18.63
C LYS B 19 0.12 -0.95 -17.29
N LYS B 20 0.31 -2.13 -16.68
CA LYS B 20 -0.28 -2.49 -15.39
C LYS B 20 0.83 -2.99 -14.46
N PRO B 21 1.48 -2.08 -13.67
CA PRO B 21 2.46 -2.49 -12.66
C PRO B 21 1.78 -3.12 -11.43
N LYS B 22 2.59 -3.70 -10.54
CA LYS B 22 2.12 -4.20 -9.26
C LYS B 22 1.85 -3.00 -8.32
N LEU B 23 0.85 -3.17 -7.44
CA LEU B 23 0.36 -2.12 -6.54
C LEU B 23 1.34 -1.99 -5.36
N THR B 24 2.39 -1.18 -5.59
CA THR B 24 3.46 -0.90 -4.63
C THR B 24 3.15 0.43 -3.93
N VAL B 25 3.17 0.44 -2.60
CA VAL B 25 2.82 1.63 -1.79
C VAL B 25 4.07 2.30 -1.20
N LYS B 26 4.08 3.64 -1.20
CA LYS B 26 5.07 4.45 -0.47
C LYS B 26 4.44 4.90 0.85
N ILE B 27 4.75 4.17 1.92
CA ILE B 27 4.27 4.47 3.28
C ILE B 27 5.10 5.62 3.83
N LYS B 28 4.55 6.83 3.84
CA LYS B 28 5.27 8.02 4.30
C LYS B 28 5.41 8.00 5.84
N LEU B 29 6.65 7.76 6.32
CA LEU B 29 6.98 7.76 7.76
C LEU B 29 6.94 9.19 8.31
N ASN B 30 6.52 9.31 9.58
CA ASN B 30 6.44 10.58 10.29
C ASN B 30 7.85 11.07 10.68
N LYS B 31 8.44 11.83 9.76
CA LYS B 31 9.76 12.45 9.96
C LYS B 31 9.59 13.90 10.46
N THR B 32 10.72 14.55 10.77
CA THR B 32 10.74 15.96 11.18
C THR B 32 10.21 16.88 10.06
N THR B 33 9.65 18.04 10.45
CA THR B 33 9.02 19.00 9.51
C THR B 33 10.08 19.56 8.52
N VAL B 34 9.68 19.66 7.24
CA VAL B 34 10.51 20.07 6.07
C VAL B 34 11.73 19.13 5.86
N LEU B 35 11.71 17.96 6.54
CA LEU B 35 12.83 17.01 6.59
C LEU B 35 14.11 17.70 7.13
N GLU B 36 15.28 17.10 6.84
CA GLU B 36 16.58 17.71 7.14
C GLU B 36 16.98 18.69 6.01
N ASN B 37 18.16 19.32 6.19
CA ASN B 37 18.64 20.38 5.28
C ASN B 37 19.05 19.79 3.92
N ASN B 38 18.24 20.08 2.90
CA ASN B 38 18.41 19.55 1.54
C ASN B 38 17.68 20.49 0.55
N ASP B 39 18.46 21.26 -0.24
CA ASP B 39 17.93 22.21 -1.24
C ASP B 39 17.16 21.46 -2.34
N GLY B 40 16.01 22.01 -2.75
CA GLY B 40 15.16 21.40 -3.77
C GLY B 40 14.42 22.44 -4.59
N LYS B 41 15.20 23.33 -5.25
CA LYS B 41 14.62 24.35 -6.15
C LYS B 41 14.37 23.72 -7.53
N ARG B 42 13.30 22.94 -7.61
CA ARG B 42 12.95 22.13 -8.77
C ARG B 42 11.54 22.49 -9.26
N ALA B 43 11.38 22.67 -10.58
CA ALA B 43 10.10 22.97 -11.26
C ALA B 43 9.53 24.37 -10.84
N GLU B 44 9.63 25.34 -11.76
CA GLU B 44 9.22 26.73 -11.53
C GLU B 44 7.71 26.90 -11.74
N GLU B 45 7.32 26.95 -13.02
CA GLU B 45 5.96 27.36 -13.48
C GLU B 45 5.97 27.38 -15.02
N LYS B 46 4.77 27.49 -15.64
CA LYS B 46 4.63 27.75 -17.09
C LYS B 46 5.36 29.07 -17.45
N PRO B 47 6.54 29.01 -18.16
CA PRO B 47 7.40 30.19 -18.40
C PRO B 47 6.87 31.09 -19.55
N GLU B 48 6.30 30.45 -20.58
CA GLU B 48 5.95 31.13 -21.85
C GLU B 48 4.43 31.10 -22.07
N SER B 49 3.73 32.08 -21.47
CA SER B 49 2.29 32.33 -21.72
C SER B 49 2.12 33.63 -22.54
N LYS B 50 3.23 34.35 -22.76
CA LYS B 50 3.24 35.63 -23.50
C LYS B 50 2.98 35.42 -25.01
N SER B 51 2.53 36.49 -25.65
CA SER B 51 2.23 36.53 -27.09
C SER B 51 3.01 37.69 -27.75
N PRO B 52 3.10 37.78 -29.13
CA PRO B 52 3.63 38.99 -29.81
C PRO B 52 2.65 40.19 -29.70
N ALA B 53 3.05 41.34 -30.25
CA ALA B 53 2.17 42.50 -30.39
C ALA B 53 1.12 42.22 -31.49
N LYS B 54 -0.14 42.61 -31.23
CA LYS B 54 -1.25 42.43 -32.17
C LYS B 54 -1.10 43.38 -33.39
N LYS B 55 -1.89 43.13 -34.43
CA LYS B 55 -1.91 43.96 -35.64
C LYS B 55 -3.36 44.28 -36.05
N THR B 56 -3.50 45.30 -36.90
CA THR B 56 -4.77 45.73 -37.47
C THR B 56 -4.61 45.85 -39.00
N ALA B 57 -4.87 44.73 -39.69
CA ALA B 57 -4.80 44.66 -41.16
C ALA B 57 -6.17 44.92 -41.77
N ALA B 58 -6.16 45.57 -42.95
CA ALA B 58 -7.39 45.96 -43.67
C ALA B 58 -7.12 45.96 -45.19
N LYS B 59 -8.19 45.74 -45.96
CA LYS B 59 -8.14 45.63 -47.44
C LYS B 59 -9.26 46.55 -48.02
N LYS A 2 -10.40 -11.35 9.32
CA LYS A 2 -11.70 -11.41 8.62
C LYS A 2 -11.52 -11.94 7.20
N GLY A 3 -10.69 -11.23 6.41
CA GLY A 3 -10.52 -11.50 4.99
C GLY A 3 -11.13 -10.37 4.16
N SER A 4 -11.52 -10.72 2.92
CA SER A 4 -12.04 -9.75 1.92
C SER A 4 -10.97 -8.69 1.61
N VAL A 5 -9.72 -9.17 1.39
CA VAL A 5 -8.53 -8.30 1.25
C VAL A 5 -8.57 -7.50 -0.07
N ASP A 6 -9.08 -6.27 0.04
CA ASP A 6 -8.93 -5.26 -0.99
C ASP A 6 -7.50 -4.74 -0.93
N LEU A 7 -6.65 -5.21 -1.85
CA LEU A 7 -5.22 -4.86 -1.92
C LEU A 7 -5.08 -3.34 -2.19
N GLU A 8 -6.05 -2.79 -2.94
CA GLU A 8 -6.15 -1.34 -3.23
C GLU A 8 -6.43 -0.52 -1.95
N LYS A 9 -7.47 -0.91 -1.19
CA LYS A 9 -7.80 -0.25 0.10
C LYS A 9 -6.73 -0.59 1.18
N LEU A 10 -5.96 -1.67 0.96
CA LEU A 10 -4.84 -2.03 1.84
C LEU A 10 -3.72 -0.99 1.68
N ALA A 11 -3.26 -0.82 0.43
CA ALA A 11 -2.17 0.13 0.08
C ALA A 11 -2.53 1.57 0.47
N PHE A 12 -3.62 2.05 -0.12
CA PHE A 12 -4.13 3.41 0.07
C PHE A 12 -4.68 3.62 1.50
N GLY A 13 -5.01 2.50 2.19
CA GLY A 13 -5.51 2.55 3.57
C GLY A 13 -4.41 2.62 4.61
N LEU A 14 -3.27 1.96 4.38
CA LEU A 14 -2.16 1.93 5.35
C LEU A 14 -1.35 3.23 5.31
N THR A 15 -1.28 3.85 4.11
CA THR A 15 -0.51 5.08 3.89
C THR A 15 -1.28 6.34 4.38
N LYS A 16 -2.62 6.23 4.50
CA LYS A 16 -3.48 7.35 4.94
C LYS A 16 -3.60 7.40 6.49
N LEU A 17 -3.16 6.32 7.15
CA LEU A 17 -3.21 6.19 8.63
C LEU A 17 -2.28 7.21 9.34
N ASN A 18 -2.53 7.43 10.65
CA ASN A 18 -1.74 8.37 11.48
C ASN A 18 -0.34 7.79 11.82
N GLU A 19 0.46 8.56 12.59
CA GLU A 19 1.80 8.15 13.04
C GLU A 19 1.85 6.68 13.54
N ASP A 20 1.11 6.40 14.62
CA ASP A 20 1.11 5.09 15.32
C ASP A 20 0.82 3.92 14.36
N ASP A 21 -0.16 4.12 13.50
CA ASP A 21 -0.70 3.08 12.64
C ASP A 21 0.17 2.80 11.41
N LEU A 22 0.67 3.86 10.75
CA LEU A 22 1.55 3.70 9.55
C LEU A 22 2.92 3.14 9.98
N VAL A 23 3.36 3.51 11.19
CA VAL A 23 4.56 2.95 11.83
C VAL A 23 4.30 1.48 12.20
N GLY A 24 3.10 1.21 12.75
CA GLY A 24 2.68 -0.16 13.10
C GLY A 24 2.69 -1.09 11.88
N VAL A 25 2.29 -0.53 10.72
CA VAL A 25 2.32 -1.22 9.43
C VAL A 25 3.77 -1.57 9.02
N VAL A 26 4.65 -0.54 8.99
CA VAL A 26 6.04 -0.72 8.55
C VAL A 26 6.83 -1.62 9.54
N GLN A 27 6.37 -1.69 10.80
CA GLN A 27 6.94 -2.57 11.84
C GLN A 27 6.56 -4.03 11.58
N MET A 28 5.29 -4.29 11.25
CA MET A 28 4.79 -5.67 11.02
C MET A 28 5.37 -6.28 9.73
N VAL A 29 5.54 -5.43 8.69
CA VAL A 29 6.10 -5.87 7.40
C VAL A 29 7.63 -6.08 7.50
N THR A 30 8.34 -5.31 8.37
CA THR A 30 9.80 -5.48 8.57
C THR A 30 10.08 -6.61 9.59
N ASP A 31 9.10 -6.88 10.47
CA ASP A 31 9.21 -7.94 11.51
C ASP A 31 9.16 -9.33 10.86
N ASN A 32 8.29 -9.47 9.85
CA ASN A 32 8.12 -10.73 9.08
C ASN A 32 8.58 -10.50 7.63
N LYS A 33 9.62 -9.66 7.45
CA LYS A 33 10.15 -9.28 6.12
C LYS A 33 10.57 -10.53 5.33
N THR A 34 9.91 -10.76 4.18
CA THR A 34 10.19 -11.91 3.29
C THR A 34 11.11 -11.46 2.12
N PRO A 35 11.82 -12.39 1.42
CA PRO A 35 12.54 -12.09 0.16
C PRO A 35 11.58 -11.99 -1.05
N GLU A 36 10.26 -12.04 -0.78
CA GLU A 36 9.21 -11.94 -1.80
C GLU A 36 8.75 -10.47 -1.94
N MET A 37 8.29 -9.89 -0.80
CA MET A 37 7.81 -8.48 -0.71
C MET A 37 8.85 -7.48 -1.25
N ASN A 38 8.39 -6.50 -2.07
CA ASN A 38 9.32 -5.57 -2.76
C ASN A 38 9.47 -4.29 -1.93
N VAL A 39 10.06 -4.43 -0.73
CA VAL A 39 10.24 -3.31 0.22
C VAL A 39 11.52 -2.54 -0.09
N THR A 40 11.39 -1.20 -0.13
CA THR A 40 12.50 -0.28 -0.33
C THR A 40 12.44 0.80 0.76
N ASN A 41 13.23 0.63 1.83
CA ASN A 41 13.29 1.58 2.95
C ASN A 41 14.12 2.79 2.48
N ASN A 42 13.41 3.75 1.86
CA ASN A 42 14.04 4.94 1.28
C ASN A 42 14.19 6.01 2.37
N VAL A 43 15.30 5.91 3.12
CA VAL A 43 15.57 6.76 4.32
C VAL A 43 15.80 8.24 3.94
N GLU A 44 16.05 8.49 2.64
CA GLU A 44 16.25 9.83 2.07
C GLU A 44 14.96 10.65 2.25
N GLU A 45 13.84 10.07 1.81
CA GLU A 45 12.50 10.68 1.93
C GLU A 45 11.84 10.26 3.26
N GLY A 46 12.44 9.25 3.92
CA GLY A 46 11.89 8.69 5.16
C GLY A 46 10.59 7.93 4.90
N GLU A 47 10.66 6.99 3.95
CA GLU A 47 9.47 6.27 3.44
C GLU A 47 9.76 4.76 3.24
N PHE A 48 8.69 4.01 2.88
CA PHE A 48 8.74 2.55 2.64
C PHE A 48 8.01 2.24 1.32
N ILE A 49 8.77 2.11 0.24
CA ILE A 49 8.23 1.75 -1.07
C ILE A 49 8.14 0.20 -1.16
N ILE A 50 7.02 -0.36 -0.63
CA ILE A 50 6.85 -1.82 -0.47
C ILE A 50 5.65 -2.33 -1.32
N ASP A 51 5.91 -3.33 -2.18
CA ASP A 51 4.85 -4.02 -2.94
C ASP A 51 4.22 -5.10 -2.07
N LEU A 52 2.89 -4.95 -1.90
CA LEU A 52 2.06 -5.79 -1.03
C LEU A 52 1.55 -7.03 -1.77
N TYR A 53 1.53 -6.98 -3.12
CA TYR A 53 1.12 -8.12 -3.96
C TYR A 53 2.11 -9.29 -3.79
N SER A 54 3.37 -8.95 -3.47
CA SER A 54 4.43 -9.93 -3.22
C SER A 54 4.48 -10.39 -1.74
N LEU A 55 3.64 -9.79 -0.87
CA LEU A 55 3.45 -10.30 0.50
C LEU A 55 2.79 -11.70 0.45
N PRO A 56 3.18 -12.65 1.36
CA PRO A 56 2.41 -13.89 1.58
C PRO A 56 0.99 -13.59 2.07
N GLU A 57 0.08 -14.56 1.91
CA GLU A 57 -1.33 -14.42 2.34
C GLU A 57 -1.42 -14.02 3.83
N GLY A 58 -0.55 -14.65 4.65
CA GLY A 58 -0.48 -14.40 6.09
C GLY A 58 -0.27 -12.93 6.44
N LEU A 59 0.60 -12.26 5.66
CA LEU A 59 0.94 -10.84 5.89
C LEU A 59 -0.11 -9.89 5.31
N LEU A 60 -0.53 -10.09 4.05
CA LEU A 60 -1.55 -9.20 3.42
C LEU A 60 -2.92 -9.31 4.15
N LYS A 61 -3.13 -10.44 4.86
CA LYS A 61 -4.29 -10.64 5.77
C LYS A 61 -4.13 -9.82 7.08
N SER A 62 -2.98 -10.03 7.78
CA SER A 62 -2.68 -9.36 9.06
C SER A 62 -2.72 -7.82 8.91
N LEU A 63 -2.07 -7.34 7.85
CA LEU A 63 -2.00 -5.91 7.52
C LEU A 63 -3.39 -5.39 7.10
N TRP A 64 -4.15 -6.17 6.30
CA TRP A 64 -5.49 -5.75 5.84
C TRP A 64 -6.45 -5.54 7.02
N ASP A 65 -6.66 -6.60 7.78
CA ASP A 65 -7.58 -6.63 8.93
C ASP A 65 -7.24 -5.53 9.96
N TYR A 66 -5.93 -5.30 10.13
CA TYR A 66 -5.40 -4.17 10.92
C TYR A 66 -5.89 -2.83 10.35
N VAL A 67 -5.48 -2.51 9.12
CA VAL A 67 -5.72 -1.18 8.52
C VAL A 67 -7.23 -0.92 8.29
N LYS A 68 -8.01 -1.99 8.08
CA LYS A 68 -9.44 -1.88 7.74
C LYS A 68 -10.25 -1.48 8.98
N LYS A 69 -9.89 -2.02 10.15
CA LYS A 69 -10.55 -1.68 11.42
C LYS A 69 -10.04 -0.32 11.95
N ASN A 70 -8.82 0.08 11.53
CA ASN A 70 -8.18 1.36 11.96
C ASN A 70 -8.47 2.53 10.99
N THR A 71 -8.99 2.23 9.77
CA THR A 71 -9.50 3.27 8.84
C THR A 71 -10.98 3.57 9.12
N GLU A 72 -11.57 2.82 10.08
CA GLU A 72 -12.93 3.08 10.59
C GLU A 72 -12.92 4.28 11.57
N GLU B 2 -15.37 25.22 -21.63
CA GLU B 2 -13.95 24.91 -21.47
C GLU B 2 -13.41 24.23 -22.74
N VAL B 3 -12.44 24.90 -23.41
CA VAL B 3 -11.81 24.47 -24.70
C VAL B 3 -12.88 23.99 -25.75
N LYS B 4 -12.48 23.14 -26.71
CA LYS B 4 -13.43 22.49 -27.65
C LYS B 4 -14.22 21.39 -26.93
N SER B 5 -15.56 21.37 -27.15
CA SER B 5 -16.45 20.36 -26.56
C SER B 5 -16.46 19.08 -27.41
N SER B 6 -15.49 18.20 -27.16
CA SER B 6 -15.39 16.89 -27.82
C SER B 6 -16.26 15.86 -27.05
N SER B 7 -15.80 15.49 -25.85
CA SER B 7 -16.58 14.71 -24.85
C SER B 7 -17.09 13.33 -25.36
N VAL B 8 -16.56 12.85 -26.51
CA VAL B 8 -17.03 11.61 -27.14
C VAL B 8 -16.41 10.36 -26.46
N GLU B 9 -17.02 9.94 -25.35
CA GLU B 9 -16.63 8.72 -24.61
C GLU B 9 -17.27 7.49 -25.29
N ILE B 10 -16.67 7.10 -26.44
CA ILE B 10 -17.10 5.95 -27.26
C ILE B 10 -15.89 5.06 -27.66
N ILE B 11 -14.66 5.59 -27.45
CA ILE B 11 -13.43 4.88 -27.80
C ILE B 11 -13.21 3.76 -26.76
N ASN B 12 -13.53 2.52 -27.14
CA ASN B 12 -13.36 1.34 -26.31
C ASN B 12 -12.67 0.24 -27.14
N GLY B 13 -11.34 0.35 -27.22
CA GLY B 13 -10.50 -0.60 -27.95
C GLY B 13 -9.32 -1.02 -27.11
N SER B 14 -9.60 -1.43 -25.86
CA SER B 14 -8.58 -1.94 -24.93
C SER B 14 -8.07 -3.32 -25.41
N GLU B 15 -6.91 -3.30 -26.08
CA GLU B 15 -6.24 -4.51 -26.57
C GLU B 15 -5.65 -5.26 -25.36
N SER B 16 -5.91 -6.58 -25.29
CA SER B 16 -5.51 -7.40 -24.14
C SER B 16 -3.97 -7.47 -23.98
N LYS B 17 -3.46 -6.74 -22.97
CA LYS B 17 -2.03 -6.68 -22.65
C LYS B 17 -1.71 -7.62 -21.48
N LYS B 18 -0.58 -8.34 -21.59
CA LYS B 18 -0.13 -9.30 -20.57
C LYS B 18 0.44 -8.59 -19.33
N LYS B 19 0.26 -9.25 -18.17
CA LYS B 19 0.68 -8.79 -16.82
C LYS B 19 -0.19 -7.64 -16.29
N LYS B 20 -0.22 -7.54 -14.96
CA LYS B 20 -1.10 -6.61 -14.22
C LYS B 20 -0.27 -5.55 -13.48
N PRO B 21 -0.74 -4.26 -13.41
CA PRO B 21 -0.08 -3.23 -12.58
C PRO B 21 -0.21 -3.55 -11.08
N LYS B 22 0.92 -3.99 -10.47
CA LYS B 22 0.99 -4.36 -9.04
C LYS B 22 1.01 -3.10 -8.16
N LEU B 23 0.52 -3.26 -6.93
CA LEU B 23 0.32 -2.16 -5.98
C LEU B 23 1.52 -2.07 -5.02
N THR B 24 2.51 -1.30 -5.47
CA THR B 24 3.68 -0.94 -4.67
C THR B 24 3.35 0.38 -3.97
N VAL B 25 3.11 0.31 -2.65
CA VAL B 25 2.68 1.47 -1.85
C VAL B 25 3.91 2.21 -1.32
N LYS B 26 3.83 3.54 -1.35
CA LYS B 26 4.95 4.43 -1.04
C LYS B 26 4.61 5.18 0.26
N ILE B 27 4.97 4.54 1.39
CA ILE B 27 4.49 4.92 2.74
C ILE B 27 5.34 6.05 3.32
N LYS B 28 4.80 7.27 3.42
CA LYS B 28 5.50 8.40 4.07
C LYS B 28 5.41 8.30 5.60
N LEU B 29 6.59 8.17 6.24
CA LEU B 29 6.69 8.15 7.71
C LEU B 29 6.83 9.60 8.23
N ASN B 30 6.35 9.84 9.45
CA ASN B 30 6.30 11.20 10.04
C ASN B 30 7.68 11.53 10.65
N LYS B 31 8.58 12.01 9.78
CA LYS B 31 9.99 12.27 10.15
C LYS B 31 10.19 13.74 10.56
N THR B 32 11.42 14.06 11.01
CA THR B 32 11.78 15.42 11.45
C THR B 32 12.02 16.33 10.22
N THR B 33 10.91 16.78 9.63
CA THR B 33 10.89 17.64 8.44
C THR B 33 10.09 18.91 8.75
N VAL B 34 10.46 20.03 8.11
CA VAL B 34 9.74 21.31 8.25
C VAL B 34 8.41 21.23 7.45
N LEU B 35 7.33 20.83 8.15
CA LEU B 35 5.96 20.80 7.61
C LEU B 35 5.05 21.66 8.49
N GLU B 36 3.95 22.18 7.94
CA GLU B 36 2.98 22.99 8.70
C GLU B 36 1.89 22.06 9.26
N ASN B 37 2.24 21.36 10.35
CA ASN B 37 1.37 20.33 10.98
C ASN B 37 2.03 19.89 12.30
N ASN B 38 1.21 19.53 13.31
CA ASN B 38 1.70 19.10 14.65
C ASN B 38 0.73 18.07 15.28
N ASP B 39 0.03 17.34 14.41
CA ASP B 39 -1.07 16.43 14.81
C ASP B 39 -0.53 15.12 15.43
N GLY B 40 -0.47 15.12 16.78
CA GLY B 40 -0.27 13.90 17.59
C GLY B 40 0.80 12.93 17.09
N LYS B 41 2.03 13.43 16.99
CA LYS B 41 3.19 12.62 16.56
C LYS B 41 3.83 11.96 17.79
N ARG B 42 4.13 10.65 17.68
CA ARG B 42 4.60 9.83 18.80
C ARG B 42 6.08 9.48 18.63
N ALA B 43 6.94 10.33 19.22
CA ALA B 43 8.38 10.06 19.38
C ALA B 43 8.68 9.87 20.88
N GLU B 44 7.67 9.29 21.57
CA GLU B 44 7.67 9.04 23.03
C GLU B 44 8.92 8.23 23.43
N GLU B 45 9.09 7.12 22.70
CA GLU B 45 10.25 6.24 22.82
C GLU B 45 11.16 6.42 21.60
N LYS B 46 12.41 5.93 21.72
CA LYS B 46 13.40 6.02 20.65
C LYS B 46 12.97 5.16 19.43
N PRO B 47 12.84 5.77 18.19
CA PRO B 47 12.46 5.02 16.96
C PRO B 47 13.53 3.98 16.57
N GLU B 48 14.77 4.22 17.01
CA GLU B 48 15.91 3.32 16.89
C GLU B 48 16.36 2.87 18.29
N SER B 49 16.58 1.56 18.46
CA SER B 49 16.96 0.96 19.75
C SER B 49 18.40 1.36 20.13
N LYS B 50 19.36 0.97 19.26
CA LYS B 50 20.81 1.17 19.47
C LYS B 50 21.27 0.57 20.80
N SER B 51 21.34 -0.76 20.84
CA SER B 51 21.73 -1.52 22.02
C SER B 51 22.61 -2.72 21.59
N PRO B 52 23.96 -2.48 21.37
CA PRO B 52 24.91 -3.56 20.97
C PRO B 52 25.05 -4.64 22.07
N ALA B 53 24.51 -5.83 21.79
CA ALA B 53 24.57 -6.99 22.69
C ALA B 53 26.00 -7.60 22.67
N LYS B 54 26.88 -7.03 23.51
CA LYS B 54 28.29 -7.45 23.60
C LYS B 54 28.77 -7.32 25.06
N LYS B 55 29.20 -8.46 25.64
CA LYS B 55 29.75 -8.54 26.99
C LYS B 55 30.97 -9.49 26.99
N THR B 56 32.17 -8.92 27.13
CA THR B 56 33.41 -9.69 27.33
C THR B 56 33.68 -9.85 28.84
N ALA B 57 32.91 -10.77 29.45
CA ALA B 57 32.99 -11.08 30.89
C ALA B 57 32.88 -12.60 31.09
N ALA B 58 34.01 -13.23 31.41
CA ALA B 58 34.11 -14.69 31.60
C ALA B 58 35.18 -15.00 32.66
N LYS B 59 34.86 -15.96 33.56
CA LYS B 59 35.76 -16.46 34.63
C LYS B 59 35.94 -15.36 35.73
N LYS A 2 -15.92 -9.69 -0.34
CA LYS A 2 -15.03 -9.38 0.81
C LYS A 2 -14.56 -10.68 1.48
N GLY A 3 -13.59 -10.56 2.40
CA GLY A 3 -12.87 -11.72 2.95
C GLY A 3 -11.53 -11.90 2.24
N SER A 4 -11.57 -11.73 0.91
CA SER A 4 -10.36 -11.57 0.07
C SER A 4 -9.75 -10.19 0.37
N VAL A 5 -8.43 -10.13 0.38
CA VAL A 5 -7.68 -8.91 0.71
C VAL A 5 -7.74 -7.91 -0.45
N ASP A 6 -8.47 -6.82 -0.22
CA ASP A 6 -8.47 -5.66 -1.11
C ASP A 6 -7.08 -4.99 -1.04
N LEU A 7 -6.19 -5.40 -1.95
CA LEU A 7 -4.76 -5.01 -1.98
C LEU A 7 -4.60 -3.48 -2.14
N GLU A 8 -5.43 -2.88 -3.01
CA GLU A 8 -5.43 -1.43 -3.24
C GLU A 8 -5.98 -0.66 -2.00
N LYS A 9 -7.05 -1.17 -1.36
CA LYS A 9 -7.61 -0.54 -0.13
C LYS A 9 -6.64 -0.73 1.06
N LEU A 10 -5.82 -1.80 0.99
CA LEU A 10 -4.78 -2.08 2.00
C LEU A 10 -3.71 -0.97 1.88
N ALA A 11 -3.22 -0.77 0.65
CA ALA A 11 -2.17 0.22 0.31
C ALA A 11 -2.60 1.65 0.68
N PHE A 12 -3.71 2.07 0.08
CA PHE A 12 -4.30 3.40 0.30
C PHE A 12 -4.85 3.56 1.74
N GLY A 13 -5.07 2.43 2.45
CA GLY A 13 -5.54 2.42 3.83
C GLY A 13 -4.41 2.63 4.84
N LEU A 14 -3.26 2.00 4.61
CA LEU A 14 -2.11 2.07 5.54
C LEU A 14 -1.38 3.42 5.43
N THR A 15 -1.38 4.00 4.22
CA THR A 15 -0.63 5.25 3.94
C THR A 15 -1.40 6.50 4.43
N LYS A 16 -2.74 6.36 4.59
CA LYS A 16 -3.60 7.45 5.07
C LYS A 16 -3.65 7.46 6.61
N LEU A 17 -3.20 6.36 7.25
CA LEU A 17 -3.15 6.23 8.72
C LEU A 17 -2.25 7.30 9.34
N ASN A 18 -2.60 7.71 10.57
CA ASN A 18 -1.85 8.72 11.34
C ASN A 18 -0.50 8.17 11.84
N GLU A 19 0.35 9.08 12.38
CA GLU A 19 1.77 8.80 12.76
C GLU A 19 2.00 7.41 13.38
N ASP A 20 1.32 7.13 14.51
CA ASP A 20 1.56 5.90 15.29
C ASP A 20 1.08 4.64 14.54
N ASP A 21 -0.06 4.76 13.83
CA ASP A 21 -0.71 3.61 13.16
C ASP A 21 0.02 3.22 11.85
N LEU A 22 0.60 4.20 11.13
CA LEU A 22 1.42 3.92 9.92
C LEU A 22 2.76 3.27 10.34
N VAL A 23 3.25 3.62 11.56
CA VAL A 23 4.41 2.95 12.16
C VAL A 23 4.09 1.47 12.43
N GLY A 24 2.89 1.22 13.00
CA GLY A 24 2.44 -0.15 13.29
C GLY A 24 2.44 -1.05 12.04
N VAL A 25 2.02 -0.48 10.91
CA VAL A 25 2.04 -1.15 9.59
C VAL A 25 3.48 -1.52 9.18
N VAL A 26 4.36 -0.51 9.10
CA VAL A 26 5.74 -0.69 8.61
C VAL A 26 6.55 -1.61 9.54
N GLN A 27 6.13 -1.69 10.82
CA GLN A 27 6.71 -2.62 11.80
C GLN A 27 6.34 -4.06 11.42
N MET A 28 5.05 -4.32 11.19
CA MET A 28 4.56 -5.70 10.90
C MET A 28 5.21 -6.26 9.60
N VAL A 29 5.36 -5.40 8.59
CA VAL A 29 5.97 -5.81 7.30
C VAL A 29 7.52 -5.94 7.41
N THR A 30 8.19 -5.14 8.28
CA THR A 30 9.68 -5.20 8.41
C THR A 30 10.11 -6.36 9.35
N ASP A 31 9.31 -6.61 10.40
CA ASP A 31 9.54 -7.70 11.37
C ASP A 31 9.39 -9.07 10.69
N ASN A 32 8.42 -9.15 9.77
CA ASN A 32 8.14 -10.41 9.02
C ASN A 32 8.51 -10.24 7.53
N LYS A 33 9.58 -9.47 7.26
CA LYS A 33 10.02 -9.17 5.87
C LYS A 33 10.48 -10.47 5.17
N THR A 34 9.77 -10.81 4.07
CA THR A 34 10.05 -11.99 3.23
C THR A 34 10.96 -11.60 2.02
N PRO A 35 11.66 -12.57 1.34
CA PRO A 35 12.49 -12.28 0.13
C PRO A 35 11.63 -11.88 -1.10
N GLU A 36 10.31 -12.11 -1.01
CA GLU A 36 9.38 -11.87 -2.12
C GLU A 36 8.88 -10.41 -2.12
N MET A 37 8.34 -9.93 -0.96
CA MET A 37 7.76 -8.56 -0.82
C MET A 37 8.75 -7.46 -1.28
N ASN A 38 8.29 -6.57 -2.19
CA ASN A 38 9.21 -5.63 -2.90
C ASN A 38 9.30 -4.32 -2.13
N VAL A 39 9.90 -4.37 -0.93
CA VAL A 39 10.05 -3.20 -0.05
C VAL A 39 11.32 -2.41 -0.38
N THR A 40 11.17 -1.08 -0.50
CA THR A 40 12.27 -0.16 -0.76
C THR A 40 12.23 0.95 0.30
N ASN A 41 12.99 0.75 1.39
CA ASN A 41 13.13 1.76 2.44
C ASN A 41 14.03 2.88 1.93
N ASN A 42 13.41 3.93 1.38
CA ASN A 42 14.10 5.14 0.95
C ASN A 42 14.30 6.03 2.19
N VAL A 43 15.49 5.91 2.83
CA VAL A 43 15.84 6.65 4.05
C VAL A 43 16.01 8.17 3.81
N GLU A 44 16.04 8.58 2.52
CA GLU A 44 16.14 9.99 2.13
C GLU A 44 14.87 10.74 2.53
N GLU A 45 13.73 10.19 2.12
CA GLU A 45 12.41 10.68 2.48
C GLU A 45 11.96 10.08 3.83
N GLY A 46 12.55 8.94 4.19
CA GLY A 46 12.13 8.16 5.35
C GLY A 46 10.80 7.47 5.09
N GLU A 47 10.77 6.67 4.01
CA GLU A 47 9.53 6.04 3.52
C GLU A 47 9.78 4.56 3.15
N PHE A 48 8.67 3.84 2.89
CA PHE A 48 8.67 2.40 2.53
C PHE A 48 7.90 2.23 1.21
N ILE A 49 8.62 2.24 0.09
CA ILE A 49 8.03 2.02 -1.23
C ILE A 49 7.93 0.49 -1.45
N ILE A 50 6.81 -0.09 -1.00
CA ILE A 50 6.64 -1.57 -0.94
C ILE A 50 5.48 -2.05 -1.83
N ASP A 51 5.74 -3.10 -2.63
CA ASP A 51 4.70 -3.89 -3.30
C ASP A 51 4.18 -4.95 -2.32
N LEU A 52 2.94 -4.73 -1.84
CA LEU A 52 2.21 -5.66 -0.96
C LEU A 52 1.74 -6.91 -1.76
N TYR A 53 1.80 -6.77 -3.10
CA TYR A 53 1.43 -7.83 -4.07
C TYR A 53 2.23 -9.13 -3.83
N SER A 54 3.46 -8.98 -3.32
CA SER A 54 4.39 -10.09 -3.09
C SER A 54 4.50 -10.45 -1.59
N LEU A 55 3.61 -9.88 -0.73
CA LEU A 55 3.46 -10.33 0.68
C LEU A 55 2.87 -11.76 0.71
N PRO A 56 3.17 -12.58 1.77
CA PRO A 56 2.50 -13.87 1.97
C PRO A 56 1.05 -13.66 2.44
N GLU A 57 0.18 -14.65 2.21
CA GLU A 57 -1.25 -14.55 2.58
C GLU A 57 -1.41 -14.24 4.08
N GLY A 58 -0.50 -14.83 4.89
CA GLY A 58 -0.46 -14.60 6.32
C GLY A 58 -0.34 -13.12 6.69
N LEU A 59 0.60 -12.42 6.04
CA LEU A 59 0.84 -10.99 6.28
C LEU A 59 -0.27 -10.12 5.70
N LEU A 60 -0.57 -10.25 4.40
CA LEU A 60 -1.55 -9.36 3.73
C LEU A 60 -2.98 -9.50 4.33
N LYS A 61 -3.27 -10.64 5.02
CA LYS A 61 -4.51 -10.80 5.82
C LYS A 61 -4.42 -10.01 7.16
N SER A 62 -3.28 -10.14 7.87
CA SER A 62 -3.04 -9.44 9.16
C SER A 62 -3.04 -7.91 8.98
N LEU A 63 -2.32 -7.44 7.95
CA LEU A 63 -2.19 -6.03 7.58
C LEU A 63 -3.54 -5.46 7.11
N TRP A 64 -4.29 -6.24 6.29
CA TRP A 64 -5.61 -5.84 5.80
C TRP A 64 -6.58 -5.64 6.96
N ASP A 65 -6.74 -6.70 7.76
CA ASP A 65 -7.57 -6.69 8.99
C ASP A 65 -7.28 -5.47 9.87
N TYR A 66 -5.98 -5.19 10.06
CA TYR A 66 -5.51 -4.04 10.83
C TYR A 66 -6.02 -2.71 10.23
N VAL A 67 -5.60 -2.41 9.00
CA VAL A 67 -5.87 -1.12 8.35
C VAL A 67 -7.37 -0.91 8.07
N LYS A 68 -8.13 -2.02 7.90
CA LYS A 68 -9.56 -1.96 7.55
C LYS A 68 -10.41 -1.62 8.79
N LYS A 69 -9.97 -2.06 9.98
CA LYS A 69 -10.66 -1.72 11.25
C LYS A 69 -10.15 -0.36 11.81
N ASN A 70 -8.92 0.04 11.40
CA ASN A 70 -8.29 1.30 11.87
C ASN A 70 -8.86 2.52 11.13
N THR A 71 -9.04 2.40 9.79
CA THR A 71 -9.59 3.48 8.97
C THR A 71 -11.12 3.56 9.13
N GLU A 72 -11.79 2.40 9.03
CA GLU A 72 -13.25 2.29 9.09
C GLU A 72 -13.69 2.16 10.56
N GLU B 2 9.56 42.39 -25.26
CA GLU B 2 10.51 41.94 -24.24
C GLU B 2 11.72 41.30 -24.92
N VAL B 3 11.45 40.32 -25.81
CA VAL B 3 12.48 39.63 -26.60
C VAL B 3 11.94 39.35 -28.02
N LYS B 4 12.68 39.83 -29.04
CA LYS B 4 12.26 39.73 -30.45
C LYS B 4 13.18 38.77 -31.22
N SER B 5 13.71 37.76 -30.50
CA SER B 5 14.58 36.72 -31.09
C SER B 5 13.78 35.85 -32.10
N SER B 6 14.49 35.22 -33.05
CA SER B 6 13.89 34.33 -34.06
C SER B 6 13.13 33.18 -33.37
N SER B 7 11.78 33.30 -33.33
CA SER B 7 10.90 32.36 -32.64
C SER B 7 10.99 30.97 -33.30
N VAL B 8 11.66 30.04 -32.59
CA VAL B 8 11.80 28.64 -33.02
C VAL B 8 10.45 27.90 -32.94
N GLU B 9 10.37 26.71 -33.56
CA GLU B 9 9.14 25.90 -33.56
C GLU B 9 8.88 25.32 -32.16
N ILE B 10 7.61 25.00 -31.86
CA ILE B 10 7.18 24.49 -30.55
C ILE B 10 7.67 23.04 -30.31
N ILE B 11 7.87 22.68 -29.03
CA ILE B 11 8.27 21.32 -28.63
C ILE B 11 7.00 20.43 -28.65
N ASN B 12 6.89 19.58 -29.68
CA ASN B 12 5.81 18.61 -29.80
C ASN B 12 6.23 17.32 -29.06
N GLY B 13 5.46 16.94 -28.03
CA GLY B 13 5.75 15.74 -27.22
C GLY B 13 4.95 15.75 -25.93
N SER B 14 4.03 14.79 -25.80
CA SER B 14 3.16 14.67 -24.62
C SER B 14 2.77 13.19 -24.43
N GLU B 15 3.57 12.47 -23.63
CA GLU B 15 3.36 11.04 -23.34
C GLU B 15 2.90 10.86 -21.89
N SER B 16 2.61 9.59 -21.51
CA SER B 16 2.16 9.24 -20.15
C SER B 16 2.33 7.73 -19.92
N LYS B 17 2.79 7.37 -18.71
CA LYS B 17 2.95 5.97 -18.25
C LYS B 17 2.28 5.82 -16.88
N LYS B 18 1.51 4.75 -16.69
CA LYS B 18 0.74 4.50 -15.45
C LYS B 18 1.42 3.45 -14.56
N LYS B 19 0.85 3.23 -13.37
CA LYS B 19 1.38 2.28 -12.37
C LYS B 19 1.10 0.84 -12.83
N LYS B 20 2.18 0.05 -12.93
CA LYS B 20 2.15 -1.38 -13.31
C LYS B 20 1.18 -2.21 -12.40
N PRO B 21 0.63 -3.39 -12.90
CA PRO B 21 -0.31 -4.29 -12.15
C PRO B 21 0.07 -4.56 -10.68
N LYS B 22 1.38 -4.55 -10.35
CA LYS B 22 1.85 -4.66 -8.97
C LYS B 22 1.56 -3.36 -8.21
N LEU B 23 0.63 -3.46 -7.26
CA LEU B 23 0.17 -2.34 -6.42
C LEU B 23 1.28 -1.99 -5.42
N THR B 24 2.00 -0.90 -5.72
CA THR B 24 3.04 -0.34 -4.84
C THR B 24 2.43 0.78 -4.01
N VAL B 25 2.77 0.81 -2.73
CA VAL B 25 2.41 1.91 -1.82
C VAL B 25 3.67 2.60 -1.31
N LYS B 26 3.64 3.93 -1.29
CA LYS B 26 4.77 4.76 -0.90
C LYS B 26 4.47 5.32 0.50
N ILE B 27 4.87 4.56 1.53
CA ILE B 27 4.47 4.81 2.93
C ILE B 27 5.37 5.87 3.55
N LYS B 28 4.91 7.11 3.67
CA LYS B 28 5.62 8.13 4.44
C LYS B 28 5.58 7.83 5.94
N LEU B 29 6.77 7.58 6.52
CA LEU B 29 6.95 7.50 7.97
C LEU B 29 7.22 8.92 8.49
N ASN B 30 6.87 9.16 9.76
CA ASN B 30 7.02 10.48 10.41
C ASN B 30 8.49 10.77 10.78
N LYS B 31 9.27 11.20 9.78
CA LYS B 31 10.66 11.63 9.99
C LYS B 31 10.71 13.16 10.10
N THR B 32 11.65 13.66 10.94
CA THR B 32 11.87 15.09 11.10
C THR B 32 12.49 15.69 9.80
N THR B 33 11.59 16.07 8.89
CA THR B 33 11.91 16.73 7.62
C THR B 33 11.40 18.18 7.66
N VAL B 34 11.87 19.05 6.73
CA VAL B 34 11.48 20.48 6.70
C VAL B 34 10.02 20.64 6.20
N LEU B 35 9.11 20.38 7.16
CA LEU B 35 7.64 20.43 6.98
C LEU B 35 6.97 20.11 8.34
N GLU B 36 5.66 20.38 8.43
CA GLU B 36 4.88 20.07 9.64
C GLU B 36 4.36 18.63 9.56
N ASN B 37 4.90 17.75 10.42
CA ASN B 37 4.38 16.37 10.61
C ASN B 37 2.97 16.46 11.25
N ASN B 38 2.10 15.49 10.94
CA ASN B 38 0.70 15.49 11.40
C ASN B 38 0.28 14.10 11.92
N ASP B 39 -0.68 14.12 12.85
CA ASP B 39 -1.19 12.93 13.55
C ASP B 39 -2.56 13.23 14.17
N GLY B 40 -3.33 12.18 14.48
CA GLY B 40 -4.61 12.31 15.16
C GLY B 40 -5.36 10.99 15.19
N LYS B 41 -5.47 10.37 16.39
CA LYS B 41 -6.25 9.13 16.59
C LYS B 41 -7.70 9.48 16.89
N ARG B 42 -8.60 8.99 16.03
CA ARG B 42 -10.05 9.30 16.11
C ARG B 42 -10.80 8.10 16.72
N ALA B 43 -10.34 6.88 16.37
CA ALA B 43 -10.88 5.62 16.91
C ALA B 43 -9.80 4.93 17.77
N GLU B 44 -9.83 5.24 19.06
CA GLU B 44 -8.88 4.67 20.05
C GLU B 44 -9.38 3.28 20.49
N GLU B 45 -10.59 3.27 21.09
CA GLU B 45 -11.34 2.06 21.47
C GLU B 45 -10.59 1.17 22.49
N LYS B 46 -11.08 -0.08 22.67
CA LYS B 46 -10.44 -1.08 23.57
C LYS B 46 -9.06 -1.52 23.02
N PRO B 47 -8.03 -1.73 23.91
CA PRO B 47 -6.69 -2.21 23.49
C PRO B 47 -6.71 -3.71 23.14
N GLU B 48 -7.58 -4.44 23.84
CA GLU B 48 -7.82 -5.88 23.62
C GLU B 48 -9.30 -6.20 23.92
N SER B 49 -9.86 -7.16 23.17
CA SER B 49 -11.26 -7.59 23.32
C SER B 49 -11.43 -8.65 24.43
N LYS B 50 -10.33 -9.38 24.72
CA LYS B 50 -10.31 -10.48 25.71
C LYS B 50 -8.90 -10.66 26.28
N SER B 51 -8.82 -11.25 27.49
CA SER B 51 -7.54 -11.67 28.11
C SER B 51 -7.07 -13.01 27.47
N PRO B 52 -5.73 -13.33 27.48
CA PRO B 52 -5.21 -14.63 26.97
C PRO B 52 -5.77 -15.83 27.78
N ALA B 53 -6.08 -16.93 27.08
CA ALA B 53 -6.58 -18.17 27.70
C ALA B 53 -5.39 -19.12 27.97
N LYS B 54 -4.74 -18.97 29.14
CA LYS B 54 -3.51 -19.70 29.52
C LYS B 54 -3.57 -20.12 31.00
N LYS B 55 -3.61 -21.46 31.24
CA LYS B 55 -3.54 -22.06 32.59
C LYS B 55 -2.08 -22.47 32.89
N THR B 56 -1.55 -23.41 32.05
CA THR B 56 -0.20 -24.01 32.17
C THR B 56 0.11 -24.52 33.60
N ALA B 57 -0.53 -25.65 33.95
CA ALA B 57 -0.37 -26.29 35.27
C ALA B 57 -0.23 -27.81 35.13
N ALA B 58 -0.03 -28.50 36.27
CA ALA B 58 0.17 -29.96 36.31
C ALA B 58 -0.75 -30.60 37.37
N LYS B 59 -1.18 -31.84 37.08
CA LYS B 59 -2.08 -32.62 37.96
C LYS B 59 -1.71 -34.11 37.77
N LYS A 2 -9.03 -17.56 -2.29
CA LYS A 2 -10.36 -17.00 -1.95
C LYS A 2 -10.26 -15.49 -1.69
N GLY A 3 -11.32 -14.75 -2.07
CA GLY A 3 -11.39 -13.31 -1.82
C GLY A 3 -11.62 -13.00 -0.35
N SER A 4 -10.77 -12.13 0.21
CA SER A 4 -10.77 -11.79 1.65
C SER A 4 -10.11 -10.42 1.84
N VAL A 5 -8.93 -10.28 1.22
CA VAL A 5 -8.12 -9.07 1.26
C VAL A 5 -8.21 -8.32 -0.06
N ASP A 6 -8.60 -7.05 0.03
CA ASP A 6 -8.52 -6.10 -1.08
C ASP A 6 -7.21 -5.35 -0.97
N LEU A 7 -6.28 -5.66 -1.88
CA LEU A 7 -4.93 -5.05 -1.94
C LEU A 7 -5.04 -3.53 -2.21
N GLU A 8 -6.08 -3.16 -2.98
CA GLU A 8 -6.44 -1.78 -3.31
C GLU A 8 -6.80 -0.96 -2.03
N LYS A 9 -7.73 -1.48 -1.20
CA LYS A 9 -8.11 -0.81 0.07
C LYS A 9 -6.99 -0.92 1.12
N LEU A 10 -6.16 -1.99 1.01
CA LEU A 10 -5.04 -2.24 1.94
C LEU A 10 -3.99 -1.13 1.79
N ALA A 11 -3.42 -1.01 0.58
CA ALA A 11 -2.33 -0.09 0.24
C ALA A 11 -2.75 1.39 0.44
N PHE A 12 -3.91 1.73 -0.11
CA PHE A 12 -4.49 3.09 0.02
C PHE A 12 -4.99 3.37 1.45
N GLY A 13 -5.19 2.29 2.24
CA GLY A 13 -5.56 2.41 3.65
C GLY A 13 -4.37 2.77 4.53
N LEU A 14 -3.24 2.04 4.39
CA LEU A 14 -2.05 2.25 5.25
C LEU A 14 -1.27 3.55 4.94
N THR A 15 -1.36 4.06 3.70
CA THR A 15 -0.67 5.30 3.30
C THR A 15 -1.41 6.55 3.84
N LYS A 16 -2.70 6.40 4.18
CA LYS A 16 -3.55 7.51 4.68
C LYS A 16 -3.64 7.51 6.22
N LEU A 17 -3.05 6.48 6.85
CA LEU A 17 -3.07 6.31 8.33
C LEU A 17 -2.27 7.43 9.04
N ASN A 18 -2.60 7.67 10.32
CA ASN A 18 -1.88 8.64 11.17
C ASN A 18 -0.54 8.05 11.65
N GLU A 19 0.25 8.89 12.36
CA GLU A 19 1.61 8.57 12.84
C GLU A 19 1.73 7.15 13.44
N ASP A 20 0.99 6.91 14.53
CA ASP A 20 1.09 5.68 15.33
C ASP A 20 0.71 4.43 14.51
N ASP A 21 -0.26 4.61 13.59
CA ASP A 21 -0.81 3.53 12.75
C ASP A 21 0.19 3.11 11.66
N LEU A 22 0.69 4.10 10.89
CA LEU A 22 1.61 3.85 9.76
C LEU A 22 2.96 3.30 10.26
N VAL A 23 3.35 3.70 11.50
CA VAL A 23 4.53 3.13 12.18
C VAL A 23 4.29 1.63 12.41
N GLY A 24 3.13 1.29 13.00
CA GLY A 24 2.76 -0.11 13.25
C GLY A 24 2.75 -0.98 11.98
N VAL A 25 2.32 -0.37 10.86
CA VAL A 25 2.32 -1.00 9.53
C VAL A 25 3.75 -1.36 9.10
N VAL A 26 4.63 -0.33 9.06
CA VAL A 26 5.99 -0.46 8.53
C VAL A 26 6.85 -1.39 9.42
N GLN A 27 6.48 -1.48 10.71
CA GLN A 27 7.13 -2.39 11.67
C GLN A 27 6.77 -3.84 11.37
N MET A 28 5.50 -4.12 11.07
CA MET A 28 5.03 -5.50 10.78
C MET A 28 5.62 -6.03 9.46
N VAL A 29 5.65 -5.17 8.42
CA VAL A 29 6.16 -5.57 7.09
C VAL A 29 7.69 -5.79 7.13
N THR A 30 8.44 -4.99 7.92
CA THR A 30 9.91 -5.10 8.00
C THR A 30 10.32 -6.25 8.96
N ASP A 31 9.48 -6.53 9.98
CA ASP A 31 9.72 -7.59 10.98
C ASP A 31 9.59 -8.97 10.34
N ASN A 32 8.50 -9.15 9.59
CA ASN A 32 8.16 -10.43 8.93
C ASN A 32 8.53 -10.37 7.44
N LYS A 33 9.58 -9.59 7.09
CA LYS A 33 9.97 -9.33 5.70
C LYS A 33 10.31 -10.66 4.97
N THR A 34 9.47 -11.00 3.98
CA THR A 34 9.60 -12.22 3.17
C THR A 34 10.38 -11.92 1.86
N PRO A 35 11.00 -12.94 1.19
CA PRO A 35 11.85 -12.71 -0.02
C PRO A 35 11.06 -12.20 -1.25
N GLU A 36 9.72 -12.30 -1.20
CA GLU A 36 8.85 -11.90 -2.32
C GLU A 36 8.49 -10.41 -2.25
N MET A 37 7.96 -9.97 -1.09
CA MET A 37 7.50 -8.58 -0.87
C MET A 37 8.59 -7.54 -1.19
N ASN A 38 8.19 -6.46 -1.89
CA ASN A 38 9.17 -5.51 -2.47
C ASN A 38 9.21 -4.23 -1.62
N VAL A 39 9.78 -4.34 -0.41
CA VAL A 39 9.93 -3.19 0.50
C VAL A 39 11.24 -2.45 0.17
N THR A 40 11.14 -1.12 0.10
CA THR A 40 12.28 -0.24 -0.10
C THR A 40 12.17 0.94 0.86
N ASN A 41 12.77 0.77 2.04
CA ASN A 41 12.88 1.83 3.04
C ASN A 41 13.94 2.84 2.57
N ASN A 42 13.47 3.92 1.94
CA ASN A 42 14.32 5.04 1.57
C ASN A 42 14.51 5.88 2.84
N VAL A 43 15.63 5.65 3.53
CA VAL A 43 15.97 6.31 4.81
C VAL A 43 16.28 7.81 4.63
N GLU A 44 16.45 8.25 3.36
CA GLU A 44 16.68 9.66 3.02
C GLU A 44 15.43 10.49 3.36
N GLU A 45 14.28 10.02 2.86
CA GLU A 45 12.98 10.67 3.08
C GLU A 45 12.25 10.06 4.29
N GLY A 46 12.73 8.88 4.74
CA GLY A 46 12.07 8.09 5.78
C GLY A 46 10.70 7.61 5.32
N GLU A 47 10.72 6.74 4.31
CA GLU A 47 9.51 6.20 3.67
C GLU A 47 9.70 4.71 3.35
N PHE A 48 8.61 3.94 3.34
CA PHE A 48 8.60 2.52 2.95
C PHE A 48 7.84 2.34 1.62
N ILE A 49 8.60 2.28 0.53
CA ILE A 49 8.05 1.97 -0.81
C ILE A 49 7.90 0.43 -0.91
N ILE A 50 6.76 -0.10 -0.41
CA ILE A 50 6.55 -1.57 -0.25
C ILE A 50 5.42 -2.06 -1.16
N ASP A 51 5.70 -3.10 -1.96
CA ASP A 51 4.69 -3.80 -2.76
C ASP A 51 4.09 -4.95 -1.95
N LEU A 52 2.76 -4.90 -1.83
CA LEU A 52 1.98 -5.86 -1.05
C LEU A 52 1.42 -6.96 -1.96
N TYR A 53 1.53 -6.74 -3.29
CA TYR A 53 1.11 -7.72 -4.31
C TYR A 53 2.00 -8.99 -4.20
N SER A 54 3.19 -8.81 -3.62
CA SER A 54 4.15 -9.89 -3.37
C SER A 54 4.22 -10.29 -1.87
N LEU A 55 3.26 -9.81 -1.05
CA LEU A 55 3.08 -10.32 0.34
C LEU A 55 2.47 -11.74 0.33
N PRO A 56 2.90 -12.67 1.25
CA PRO A 56 2.21 -13.97 1.45
C PRO A 56 0.83 -13.76 2.07
N GLU A 57 -0.05 -14.79 1.99
CA GLU A 57 -1.42 -14.70 2.52
C GLU A 57 -1.41 -14.25 4.00
N GLY A 58 -0.45 -14.81 4.77
CA GLY A 58 -0.29 -14.51 6.19
C GLY A 58 -0.16 -13.01 6.48
N LEU A 59 0.68 -12.34 5.67
CA LEU A 59 0.99 -10.91 5.86
C LEU A 59 -0.08 -9.98 5.27
N LEU A 60 -0.57 -10.28 4.06
CA LEU A 60 -1.63 -9.45 3.44
C LEU A 60 -2.94 -9.54 4.26
N LYS A 61 -3.13 -10.65 5.00
CA LYS A 61 -4.24 -10.83 5.98
C LYS A 61 -3.99 -9.97 7.25
N SER A 62 -2.76 -10.05 7.80
CA SER A 62 -2.37 -9.33 9.04
C SER A 62 -2.49 -7.81 8.85
N LEU A 63 -1.89 -7.33 7.75
CA LEU A 63 -1.90 -5.91 7.38
C LEU A 63 -3.32 -5.45 7.01
N TRP A 64 -4.11 -6.30 6.33
CA TRP A 64 -5.51 -5.98 5.95
C TRP A 64 -6.37 -5.74 7.18
N ASP A 65 -6.46 -6.76 8.06
CA ASP A 65 -7.16 -6.71 9.35
C ASP A 65 -6.83 -5.41 10.12
N TYR A 66 -5.52 -5.12 10.18
CA TYR A 66 -4.98 -3.96 10.87
C TYR A 66 -5.50 -2.66 10.25
N VAL A 67 -5.15 -2.42 8.98
CA VAL A 67 -5.42 -1.13 8.31
C VAL A 67 -6.91 -0.90 8.08
N LYS A 68 -7.71 -1.99 7.96
CA LYS A 68 -9.15 -1.91 7.68
C LYS A 68 -9.85 -1.33 8.93
N LYS A 69 -9.49 -1.86 10.13
CA LYS A 69 -10.07 -1.38 11.41
C LYS A 69 -9.42 -0.05 11.84
N ASN A 70 -8.21 0.23 11.32
CA ASN A 70 -7.47 1.50 11.58
C ASN A 70 -8.00 2.64 10.69
N THR A 71 -8.73 2.32 9.61
CA THR A 71 -9.37 3.34 8.75
C THR A 71 -10.84 3.56 9.14
N GLU A 72 -11.54 2.49 9.58
CA GLU A 72 -12.96 2.58 10.00
C GLU A 72 -13.08 2.69 11.53
N GLU B 2 4.26 -46.66 -28.09
CA GLU B 2 3.07 -45.97 -28.55
C GLU B 2 2.23 -45.54 -27.32
N VAL B 3 1.65 -44.32 -27.38
CA VAL B 3 0.86 -43.76 -26.27
C VAL B 3 -0.52 -44.46 -26.18
N LYS B 4 -0.94 -44.77 -24.94
CA LYS B 4 -2.26 -45.37 -24.67
C LYS B 4 -3.38 -44.36 -24.94
N SER B 5 -4.50 -44.85 -25.49
CA SER B 5 -5.64 -44.01 -25.90
C SER B 5 -6.38 -43.45 -24.68
N SER B 6 -5.92 -42.28 -24.19
CA SER B 6 -6.50 -41.60 -23.02
C SER B 6 -6.44 -40.07 -23.23
N SER B 7 -6.94 -39.63 -24.41
CA SER B 7 -7.02 -38.20 -24.75
C SER B 7 -8.05 -37.49 -23.84
N VAL B 8 -7.60 -36.50 -23.07
CA VAL B 8 -8.46 -35.73 -22.15
C VAL B 8 -9.41 -34.79 -22.93
N GLU B 9 -10.55 -35.35 -23.36
CA GLU B 9 -11.57 -34.62 -24.12
C GLU B 9 -12.31 -33.65 -23.18
N ILE B 10 -11.85 -32.39 -23.16
CA ILE B 10 -12.41 -31.33 -22.32
C ILE B 10 -12.75 -30.10 -23.21
N ILE B 11 -13.98 -29.60 -23.07
CA ILE B 11 -14.46 -28.43 -23.82
C ILE B 11 -13.93 -27.12 -23.18
N ASN B 12 -12.87 -26.57 -23.78
CA ASN B 12 -12.24 -25.29 -23.37
C ASN B 12 -12.38 -24.27 -24.51
N GLY B 13 -13.08 -23.17 -24.21
CA GLY B 13 -13.31 -22.09 -25.16
C GLY B 13 -13.60 -20.79 -24.44
N SER B 14 -12.82 -20.52 -23.39
CA SER B 14 -12.93 -19.31 -22.57
C SER B 14 -11.69 -18.42 -22.79
N GLU B 15 -11.90 -17.09 -22.87
CA GLU B 15 -10.80 -16.11 -22.94
C GLU B 15 -10.91 -15.15 -21.75
N SER B 16 -9.81 -15.08 -20.97
CA SER B 16 -9.73 -14.24 -19.77
C SER B 16 -8.26 -13.83 -19.52
N LYS B 17 -7.95 -12.55 -19.79
CA LYS B 17 -6.67 -11.95 -19.40
C LYS B 17 -6.87 -11.16 -18.09
N LYS B 18 -6.10 -11.55 -17.07
CA LYS B 18 -6.11 -10.92 -15.73
C LYS B 18 -4.68 -10.58 -15.32
N LYS B 19 -3.89 -10.13 -16.32
CA LYS B 19 -2.53 -9.62 -16.09
C LYS B 19 -2.64 -8.21 -15.47
N LYS B 20 -2.55 -8.16 -14.14
CA LYS B 20 -2.71 -6.93 -13.37
C LYS B 20 -1.33 -6.42 -12.91
N PRO B 21 -1.09 -5.07 -12.93
CA PRO B 21 0.18 -4.48 -12.41
C PRO B 21 0.27 -4.62 -10.88
N LYS B 22 1.52 -4.64 -10.37
CA LYS B 22 1.79 -4.72 -8.92
C LYS B 22 1.44 -3.39 -8.25
N LEU B 23 0.59 -3.49 -7.24
CA LEU B 23 0.05 -2.33 -6.52
C LEU B 23 1.02 -2.01 -5.37
N THR B 24 2.05 -1.24 -5.72
CA THR B 24 3.12 -0.83 -4.82
C THR B 24 2.74 0.51 -4.18
N VAL B 25 2.80 0.58 -2.86
CA VAL B 25 2.50 1.80 -2.09
C VAL B 25 3.81 2.47 -1.64
N LYS B 26 3.75 3.78 -1.40
CA LYS B 26 4.84 4.54 -0.79
C LYS B 26 4.32 5.17 0.51
N ILE B 27 4.59 4.47 1.64
CA ILE B 27 4.20 4.90 2.98
C ILE B 27 5.17 5.99 3.44
N LYS B 28 4.70 7.24 3.52
CA LYS B 28 5.51 8.31 4.10
C LYS B 28 5.41 8.23 5.63
N LEU B 29 6.58 8.14 6.30
CA LEU B 29 6.66 8.19 7.76
C LEU B 29 6.81 9.64 8.22
N ASN B 30 6.31 9.92 9.43
CA ASN B 30 6.45 11.22 10.08
C ASN B 30 7.92 11.40 10.51
N LYS B 31 8.66 12.21 9.74
CA LYS B 31 10.12 12.38 9.91
C LYS B 31 10.48 13.86 10.06
N THR B 32 11.81 14.10 10.20
CA THR B 32 12.41 15.44 10.38
C THR B 32 11.93 16.47 9.33
N THR B 33 11.86 17.74 9.75
CA THR B 33 11.39 18.85 8.91
C THR B 33 12.32 19.06 7.70
N VAL B 34 11.72 19.16 6.50
CA VAL B 34 12.46 19.45 5.26
C VAL B 34 12.74 20.95 5.18
N LEU B 35 13.85 21.32 4.52
CA LEU B 35 14.24 22.72 4.30
C LEU B 35 13.31 23.41 3.27
N GLU B 36 13.72 24.59 2.77
CA GLU B 36 12.96 25.35 1.74
C GLU B 36 12.66 24.48 0.51
N ASN B 37 11.43 24.60 -0.02
CA ASN B 37 10.97 23.86 -1.21
C ASN B 37 11.70 24.35 -2.47
N ASN B 38 11.62 23.57 -3.55
CA ASN B 38 12.32 23.87 -4.80
C ASN B 38 11.46 23.44 -6.00
N ASP B 39 11.66 24.13 -7.14
CA ASP B 39 11.01 23.81 -8.42
C ASP B 39 11.59 22.51 -9.02
N GLY B 40 10.95 21.99 -10.08
CA GLY B 40 11.40 20.75 -10.71
C GLY B 40 10.61 20.35 -11.93
N LYS B 41 10.03 21.33 -12.65
CA LYS B 41 9.34 21.05 -13.93
C LYS B 41 10.35 21.04 -15.08
N ARG B 42 10.08 20.17 -16.05
CA ARG B 42 10.92 19.94 -17.22
C ARG B 42 10.15 20.34 -18.50
N ALA B 43 8.82 20.46 -18.36
CA ALA B 43 7.92 20.89 -19.45
C ALA B 43 7.73 22.42 -19.41
N GLU B 44 7.96 23.09 -20.55
CA GLU B 44 7.67 24.51 -20.75
C GLU B 44 6.48 24.62 -21.71
N GLU B 45 6.50 23.75 -22.76
CA GLU B 45 5.38 23.59 -23.69
C GLU B 45 4.35 22.59 -23.13
N LYS B 46 3.15 22.61 -23.73
CA LYS B 46 2.02 21.74 -23.31
C LYS B 46 2.26 20.30 -23.82
N PRO B 47 2.00 19.25 -22.98
CA PRO B 47 2.02 17.84 -23.45
C PRO B 47 0.88 17.60 -24.48
N GLU B 48 -0.25 18.26 -24.25
CA GLU B 48 -1.42 18.24 -25.14
C GLU B 48 -1.42 19.54 -25.97
N SER B 49 -0.83 19.48 -27.18
CA SER B 49 -0.73 20.65 -28.07
C SER B 49 -2.11 21.06 -28.62
N LYS B 50 -2.99 20.05 -28.81
CA LYS B 50 -4.39 20.26 -29.24
C LYS B 50 -5.35 19.41 -28.40
N SER B 51 -6.65 19.48 -28.71
CA SER B 51 -7.68 18.61 -28.12
C SER B 51 -7.94 17.40 -29.06
N PRO B 52 -7.97 16.14 -28.53
CA PRO B 52 -8.23 14.91 -29.34
C PRO B 52 -9.62 14.93 -30.06
N ALA B 53 -9.90 13.85 -30.83
CA ALA B 53 -11.08 13.77 -31.73
C ALA B 53 -10.92 14.83 -32.86
N LYS B 54 -12.06 15.27 -33.46
CA LYS B 54 -12.07 16.35 -34.49
C LYS B 54 -11.24 15.94 -35.75
N LYS B 55 -11.14 14.63 -35.99
CA LYS B 55 -10.33 14.02 -37.06
C LYS B 55 -10.83 14.48 -38.45
N THR B 56 -12.18 14.44 -38.58
CA THR B 56 -12.89 14.83 -39.82
C THR B 56 -14.37 15.11 -39.48
N ALA B 57 -15.11 15.67 -40.45
CA ALA B 57 -16.55 15.92 -40.34
C ALA B 57 -17.32 14.80 -41.05
N ALA B 58 -17.76 13.80 -40.26
CA ALA B 58 -18.52 12.63 -40.76
C ALA B 58 -19.93 13.08 -41.24
N LYS B 59 -20.03 13.39 -42.54
CA LYS B 59 -21.26 13.94 -43.14
C LYS B 59 -21.18 13.75 -44.67
N LYS A 2 -13.45 -12.59 8.34
CA LYS A 2 -13.80 -13.67 7.39
C LYS A 2 -13.43 -13.28 5.95
N GLY A 3 -13.70 -12.01 5.59
CA GLY A 3 -13.59 -11.53 4.21
C GLY A 3 -12.17 -11.57 3.62
N SER A 4 -12.11 -11.40 2.28
CA SER A 4 -10.86 -11.42 1.50
C SER A 4 -10.08 -10.09 1.65
N VAL A 5 -8.89 -10.02 1.02
CA VAL A 5 -8.01 -8.85 1.09
C VAL A 5 -8.02 -8.09 -0.23
N ASP A 6 -8.54 -6.87 -0.19
CA ASP A 6 -8.39 -5.89 -1.26
C ASP A 6 -7.02 -5.23 -1.12
N LEU A 7 -6.08 -5.63 -2.00
CA LEU A 7 -4.70 -5.07 -2.03
C LEU A 7 -4.75 -3.54 -2.27
N GLU A 8 -5.78 -3.11 -3.03
CA GLU A 8 -6.09 -1.69 -3.29
C GLU A 8 -6.37 -0.93 -1.97
N LYS A 9 -7.38 -1.38 -1.22
CA LYS A 9 -7.81 -0.70 0.02
C LYS A 9 -6.82 -0.93 1.16
N LEU A 10 -5.98 -1.97 1.02
CA LEU A 10 -4.85 -2.24 1.92
C LEU A 10 -3.80 -1.12 1.78
N ALA A 11 -3.31 -0.92 0.54
CA ALA A 11 -2.27 0.08 0.20
C ALA A 11 -2.73 1.50 0.56
N PHE A 12 -3.88 1.90 -0.01
CA PHE A 12 -4.50 3.22 0.20
C PHE A 12 -4.97 3.39 1.67
N GLY A 13 -5.33 2.27 2.32
CA GLY A 13 -5.83 2.28 3.69
C GLY A 13 -4.74 2.51 4.73
N LEU A 14 -3.48 2.13 4.43
CA LEU A 14 -2.36 2.27 5.38
C LEU A 14 -1.58 3.58 5.18
N THR A 15 -1.57 4.10 3.95
CA THR A 15 -0.85 5.35 3.63
C THR A 15 -1.66 6.59 4.08
N LYS A 16 -2.98 6.41 4.30
CA LYS A 16 -3.85 7.48 4.80
C LYS A 16 -3.84 7.55 6.34
N LEU A 17 -3.23 6.54 6.99
CA LEU A 17 -3.15 6.44 8.46
C LEU A 17 -2.27 7.55 9.07
N ASN A 18 -2.47 7.84 10.37
CA ASN A 18 -1.60 8.77 11.13
C ASN A 18 -0.31 8.04 11.58
N GLU A 19 0.56 8.76 12.30
CA GLU A 19 1.93 8.33 12.67
C GLU A 19 1.99 6.90 13.23
N ASP A 20 1.40 6.67 14.41
CA ASP A 20 1.51 5.37 15.13
C ASP A 20 0.96 4.19 14.31
N ASP A 21 -0.07 4.47 13.50
CA ASP A 21 -0.78 3.47 12.71
C ASP A 21 0.05 3.03 11.50
N LEU A 22 0.59 4.00 10.73
CA LEU A 22 1.43 3.71 9.54
C LEU A 22 2.80 3.15 9.94
N VAL A 23 3.28 3.57 11.13
CA VAL A 23 4.51 3.01 11.73
C VAL A 23 4.25 1.55 12.16
N GLY A 24 3.06 1.29 12.73
CA GLY A 24 2.65 -0.06 13.10
C GLY A 24 2.62 -1.02 11.89
N VAL A 25 2.20 -0.47 10.74
CA VAL A 25 2.23 -1.18 9.44
C VAL A 25 3.67 -1.57 9.06
N VAL A 26 4.58 -0.56 9.01
CA VAL A 26 5.96 -0.80 8.56
C VAL A 26 6.72 -1.71 9.54
N GLN A 27 6.30 -1.72 10.83
CA GLN A 27 6.88 -2.58 11.86
C GLN A 27 6.52 -4.05 11.62
N MET A 28 5.25 -4.31 11.26
CA MET A 28 4.77 -5.69 11.03
C MET A 28 5.34 -6.27 9.73
N VAL A 29 5.52 -5.44 8.70
CA VAL A 29 6.08 -5.90 7.41
C VAL A 29 7.63 -6.00 7.46
N THR A 30 8.31 -5.24 8.36
CA THR A 30 9.79 -5.32 8.51
C THR A 30 10.19 -6.42 9.53
N ASP A 31 9.27 -6.74 10.46
CA ASP A 31 9.45 -7.85 11.43
C ASP A 31 9.36 -9.18 10.70
N ASN A 32 8.32 -9.28 9.86
CA ASN A 32 8.03 -10.48 9.06
C ASN A 32 8.48 -10.27 7.61
N LYS A 33 9.59 -9.52 7.41
CA LYS A 33 10.11 -9.18 6.08
C LYS A 33 10.45 -10.47 5.30
N THR A 34 9.70 -10.73 4.22
CA THR A 34 9.92 -11.91 3.36
C THR A 34 10.84 -11.52 2.17
N PRO A 35 11.52 -12.50 1.50
CA PRO A 35 12.29 -12.19 0.27
C PRO A 35 11.37 -12.01 -0.97
N GLU A 36 10.05 -12.18 -0.76
CA GLU A 36 9.00 -12.08 -1.79
C GLU A 36 8.57 -10.61 -1.98
N MET A 37 8.14 -9.99 -0.87
CA MET A 37 7.71 -8.56 -0.81
C MET A 37 8.82 -7.64 -1.32
N ASN A 38 8.44 -6.59 -2.08
CA ASN A 38 9.43 -5.69 -2.70
C ASN A 38 9.47 -4.36 -1.93
N VAL A 39 10.07 -4.41 -0.73
CA VAL A 39 10.17 -3.23 0.15
C VAL A 39 11.41 -2.38 -0.21
N THR A 40 11.20 -1.06 -0.32
CA THR A 40 12.28 -0.10 -0.57
C THR A 40 12.18 1.07 0.44
N ASN A 41 12.89 0.92 1.56
CA ASN A 41 13.01 1.97 2.58
C ASN A 41 14.05 3.00 2.15
N ASN A 42 13.60 4.22 1.83
CA ASN A 42 14.49 5.36 1.61
C ASN A 42 14.43 6.25 2.87
N VAL A 43 15.47 6.14 3.73
CA VAL A 43 15.55 6.91 5.01
C VAL A 43 15.73 8.43 4.76
N GLU A 44 16.19 8.80 3.54
CA GLU A 44 16.37 10.20 3.14
C GLU A 44 15.03 10.96 3.12
N GLU A 45 14.06 10.35 2.41
CA GLU A 45 12.70 10.88 2.29
C GLU A 45 11.80 10.34 3.43
N GLY A 46 12.31 9.32 4.17
CA GLY A 46 11.58 8.67 5.25
C GLY A 46 10.32 7.97 4.74
N GLU A 47 10.49 7.06 3.78
CA GLU A 47 9.35 6.38 3.13
C GLU A 47 9.65 4.88 2.89
N PHE A 48 8.56 4.11 2.72
CA PHE A 48 8.59 2.66 2.42
C PHE A 48 7.84 2.41 1.11
N ILE A 49 8.56 2.35 -0.01
CA ILE A 49 7.97 1.99 -1.30
C ILE A 49 7.92 0.46 -1.41
N ILE A 50 6.84 -0.15 -0.86
CA ILE A 50 6.73 -1.61 -0.70
C ILE A 50 5.55 -2.16 -1.54
N ASP A 51 5.88 -3.09 -2.45
CA ASP A 51 4.90 -3.87 -3.22
C ASP A 51 4.33 -4.96 -2.32
N LEU A 52 3.07 -4.75 -1.91
CA LEU A 52 2.32 -5.68 -1.03
C LEU A 52 1.67 -6.78 -1.86
N TYR A 53 1.68 -6.59 -3.19
CA TYR A 53 1.19 -7.57 -4.17
C TYR A 53 2.02 -8.88 -4.09
N SER A 54 3.23 -8.75 -3.50
CA SER A 54 4.18 -9.86 -3.32
C SER A 54 4.26 -10.33 -1.85
N LEU A 55 3.41 -9.77 -0.95
CA LEU A 55 3.25 -10.26 0.44
C LEU A 55 2.56 -11.64 0.43
N PRO A 56 2.97 -12.61 1.33
CA PRO A 56 2.21 -13.87 1.55
C PRO A 56 0.80 -13.59 2.10
N GLU A 57 -0.12 -14.56 1.93
CA GLU A 57 -1.52 -14.42 2.38
C GLU A 57 -1.59 -14.09 3.88
N GLY A 58 -0.72 -14.74 4.66
CA GLY A 58 -0.65 -14.55 6.11
C GLY A 58 -0.42 -13.09 6.50
N LEU A 59 0.48 -12.42 5.77
CA LEU A 59 0.82 -11.01 6.04
C LEU A 59 -0.24 -10.06 5.51
N LEU A 60 -0.69 -10.22 4.25
CA LEU A 60 -1.69 -9.31 3.67
C LEU A 60 -3.06 -9.46 4.36
N LYS A 61 -3.31 -10.60 5.05
CA LYS A 61 -4.50 -10.79 5.92
C LYS A 61 -4.34 -9.98 7.22
N SER A 62 -3.18 -10.16 7.89
CA SER A 62 -2.85 -9.48 9.18
C SER A 62 -2.85 -7.95 9.03
N LEU A 63 -2.22 -7.50 7.93
CA LEU A 63 -2.10 -6.08 7.58
C LEU A 63 -3.47 -5.52 7.14
N TRP A 64 -4.26 -6.29 6.37
CA TRP A 64 -5.60 -5.85 5.92
C TRP A 64 -6.52 -5.62 7.13
N ASP A 65 -6.66 -6.66 7.95
CA ASP A 65 -7.43 -6.61 9.22
C ASP A 65 -7.04 -5.38 10.05
N TYR A 66 -5.73 -5.12 10.15
CA TYR A 66 -5.18 -3.96 10.87
C TYR A 66 -5.68 -2.64 10.26
N VAL A 67 -5.34 -2.39 8.99
CA VAL A 67 -5.57 -1.10 8.34
C VAL A 67 -7.07 -0.83 8.10
N LYS A 68 -7.88 -1.90 8.03
CA LYS A 68 -9.33 -1.80 7.77
C LYS A 68 -10.08 -1.41 9.07
N LYS A 69 -9.56 -1.85 10.23
CA LYS A 69 -10.12 -1.47 11.56
C LYS A 69 -9.45 -0.18 12.09
N ASN A 70 -8.31 0.20 11.47
CA ASN A 70 -7.60 1.47 11.75
C ASN A 70 -8.30 2.63 11.02
N THR A 71 -8.83 2.36 9.81
CA THR A 71 -9.61 3.35 9.03
C THR A 71 -11.09 3.31 9.46
N GLU A 72 -11.63 2.07 9.52
CA GLU A 72 -13.02 1.73 9.97
C GLU A 72 -14.09 2.72 9.49
N GLU B 2 -39.45 -35.18 -23.11
CA GLU B 2 -38.43 -34.36 -23.75
C GLU B 2 -37.26 -35.21 -24.26
N VAL B 3 -36.46 -34.61 -25.17
CA VAL B 3 -35.22 -35.21 -25.69
C VAL B 3 -34.25 -34.07 -26.09
N LYS B 4 -33.07 -34.05 -25.46
CA LYS B 4 -32.02 -33.03 -25.71
C LYS B 4 -31.13 -33.48 -26.89
N SER B 5 -31.25 -32.77 -28.03
CA SER B 5 -30.41 -33.00 -29.21
C SER B 5 -29.08 -32.23 -29.06
N SER B 6 -28.05 -32.93 -28.53
CA SER B 6 -26.70 -32.35 -28.28
C SER B 6 -26.07 -31.85 -29.61
N SER B 7 -25.97 -30.52 -29.74
CA SER B 7 -25.58 -29.85 -30.98
C SER B 7 -24.05 -29.78 -31.15
N VAL B 8 -23.55 -30.28 -32.30
CA VAL B 8 -22.10 -30.34 -32.62
C VAL B 8 -21.61 -29.01 -33.25
N GLU B 9 -22.48 -28.00 -33.27
CA GLU B 9 -22.18 -26.67 -33.87
C GLU B 9 -21.39 -25.75 -32.90
N ILE B 10 -21.40 -26.12 -31.59
CA ILE B 10 -20.75 -25.32 -30.52
C ILE B 10 -19.24 -25.11 -30.79
N ILE B 11 -18.70 -23.94 -30.40
CA ILE B 11 -17.29 -23.58 -30.66
C ILE B 11 -16.62 -23.04 -29.38
N ASN B 12 -15.31 -23.32 -29.24
CA ASN B 12 -14.47 -22.86 -28.12
C ASN B 12 -13.26 -22.09 -28.66
N GLY B 13 -12.81 -21.09 -27.90
CA GLY B 13 -11.69 -20.23 -28.28
C GLY B 13 -11.69 -18.94 -27.48
N SER B 14 -10.69 -18.76 -26.60
CA SER B 14 -10.54 -17.55 -25.76
C SER B 14 -9.09 -17.41 -25.26
N GLU B 15 -8.69 -16.18 -24.94
CA GLU B 15 -7.30 -15.83 -24.56
C GLU B 15 -7.12 -15.78 -23.03
N SER B 16 -5.86 -15.70 -22.60
CA SER B 16 -5.46 -15.60 -21.19
C SER B 16 -4.20 -14.72 -21.08
N LYS B 17 -4.11 -13.75 -22.01
CA LYS B 17 -2.94 -12.85 -22.15
C LYS B 17 -3.08 -11.61 -21.24
N LYS B 18 -3.51 -11.82 -19.98
CA LYS B 18 -3.67 -10.75 -18.98
C LYS B 18 -2.43 -10.71 -18.06
N LYS B 19 -1.79 -9.53 -18.01
CA LYS B 19 -0.63 -9.27 -17.16
C LYS B 19 -0.92 -8.01 -16.32
N LYS B 20 -1.21 -8.21 -15.02
CA LYS B 20 -1.45 -7.08 -14.09
C LYS B 20 -0.11 -6.61 -13.49
N PRO B 21 0.11 -5.26 -13.39
CA PRO B 21 1.26 -4.70 -12.66
C PRO B 21 1.10 -4.85 -11.13
N LYS B 22 2.21 -4.76 -10.40
CA LYS B 22 2.22 -4.86 -8.93
C LYS B 22 1.65 -3.59 -8.30
N LEU B 23 0.78 -3.79 -7.32
CA LEU B 23 0.12 -2.70 -6.58
C LEU B 23 1.03 -2.32 -5.41
N THR B 24 1.81 -1.26 -5.64
CA THR B 24 2.80 -0.73 -4.70
C THR B 24 2.14 0.33 -3.81
N VAL B 25 2.70 0.53 -2.61
CA VAL B 25 2.36 1.68 -1.76
C VAL B 25 3.64 2.44 -1.38
N LYS B 26 3.50 3.76 -1.27
CA LYS B 26 4.60 4.66 -0.92
C LYS B 26 4.27 5.32 0.43
N ILE B 27 4.67 4.62 1.50
CA ILE B 27 4.28 4.94 2.88
C ILE B 27 5.14 6.11 3.37
N LYS B 28 4.55 7.27 3.65
CA LYS B 28 5.30 8.44 4.13
C LYS B 28 5.35 8.44 5.66
N LEU B 29 6.51 8.02 6.20
CA LEU B 29 6.76 7.95 7.65
C LEU B 29 7.09 9.33 8.22
N ASN B 30 7.21 9.36 9.54
CA ASN B 30 7.52 10.57 10.30
C ASN B 30 8.99 10.51 10.70
N LYS B 31 9.82 11.31 10.01
CA LYS B 31 11.28 11.32 10.18
C LYS B 31 11.65 12.04 11.48
N THR B 32 12.94 11.97 11.85
CA THR B 32 13.49 12.72 12.97
C THR B 32 13.54 14.23 12.63
N THR B 33 13.61 15.06 13.67
CA THR B 33 13.77 16.51 13.52
C THR B 33 15.11 16.83 12.80
N VAL B 34 15.10 17.83 11.88
CA VAL B 34 16.33 18.29 11.19
C VAL B 34 17.39 18.68 12.24
N LEU B 35 18.54 17.97 12.19
CA LEU B 35 19.60 18.10 13.19
C LEU B 35 20.18 19.53 13.22
N GLU B 36 20.71 19.88 14.39
CA GLU B 36 21.29 21.21 14.69
C GLU B 36 22.77 21.30 14.24
N ASN B 37 23.16 20.42 13.30
CA ASN B 37 24.56 20.17 12.91
C ASN B 37 25.40 19.84 14.17
N ASN B 38 25.19 18.62 14.70
CA ASN B 38 25.85 18.15 15.93
C ASN B 38 27.27 17.63 15.58
N ASP B 39 28.17 18.59 15.31
CA ASP B 39 29.56 18.32 14.89
C ASP B 39 30.51 18.41 16.11
N GLY B 40 31.74 17.93 15.95
CA GLY B 40 32.74 17.96 17.02
C GLY B 40 33.09 16.59 17.57
N LYS B 41 32.33 15.57 17.13
CA LYS B 41 32.53 14.16 17.51
C LYS B 41 33.11 13.38 16.31
N ARG B 42 33.02 12.03 16.35
CA ARG B 42 33.55 11.15 15.29
C ARG B 42 32.83 11.37 13.94
N ALA B 43 33.43 12.22 13.11
CA ALA B 43 33.01 12.44 11.72
C ALA B 43 33.70 11.38 10.82
N GLU B 44 32.89 10.60 10.10
CA GLU B 44 33.38 9.57 9.15
C GLU B 44 34.10 10.23 7.96
N GLU B 45 33.67 11.47 7.64
CA GLU B 45 34.20 12.32 6.56
C GLU B 45 33.74 11.81 5.17
N LYS B 46 33.88 12.67 4.14
CA LYS B 46 33.74 12.29 2.73
C LYS B 46 34.87 11.29 2.33
N PRO B 47 34.68 10.46 1.24
CA PRO B 47 35.74 9.53 0.73
C PRO B 47 37.12 10.21 0.56
N GLU B 48 37.08 11.47 0.10
CA GLU B 48 38.25 12.34 -0.07
C GLU B 48 38.03 13.72 0.58
N SER B 49 39.14 14.43 0.83
CA SER B 49 39.12 15.83 1.32
C SER B 49 39.35 16.80 0.14
N LYS B 50 39.96 16.30 -0.95
CA LYS B 50 40.25 17.09 -2.16
C LYS B 50 40.25 16.18 -3.41
N SER B 51 40.50 16.78 -4.59
CA SER B 51 40.68 16.03 -5.85
C SER B 51 42.09 15.39 -5.88
N PRO B 52 42.23 14.11 -6.38
CA PRO B 52 43.54 13.44 -6.54
C PRO B 52 44.48 14.20 -7.51
N ALA B 53 45.80 13.93 -7.40
CA ALA B 53 46.83 14.58 -8.24
C ALA B 53 46.66 14.17 -9.72
N LYS B 54 46.55 15.17 -10.61
CA LYS B 54 46.29 14.98 -12.05
C LYS B 54 47.47 14.21 -12.70
N LYS B 55 47.13 13.09 -13.36
CA LYS B 55 48.10 12.17 -13.98
C LYS B 55 48.66 12.81 -15.28
N THR B 56 49.91 13.29 -15.21
CA THR B 56 50.62 13.90 -16.36
C THR B 56 51.95 13.15 -16.61
N ALA B 57 52.63 13.52 -17.70
CA ALA B 57 53.97 12.99 -18.06
C ALA B 57 54.91 14.18 -18.34
N ALA B 58 56.11 14.17 -17.73
CA ALA B 58 57.10 15.26 -17.86
C ALA B 58 57.77 15.20 -19.25
N LYS B 59 58.70 14.24 -19.41
CA LYS B 59 59.38 13.97 -20.69
C LYS B 59 60.07 12.58 -20.62
#